data_7NNF
#
_entry.id   7NNF
#
_cell.length_a   91.341
_cell.length_b   142.381
_cell.length_c   98.278
_cell.angle_alpha   90.000
_cell.angle_beta   117.360
_cell.angle_gamma   90.000
#
_symmetry.space_group_name_H-M   'P 1 21 1'
#
loop_
_entity.id
_entity.type
_entity.pdbx_description
1 polymer 'Ornithine carbamoyltransferase'
2 non-polymer 'PHOSPHATE ION'
3 water water
#
_entity_poly.entity_id   1
_entity_poly.type   'polypeptide(L)'
_entity_poly.pdbx_seq_one_letter_code
;GSVIRHFLRDDDLSPAEQAEVLELAAELKKDPVSRRPLQGPRGVAVIFDKNSTRTRFSFELGIAQLGGHAVVVDSGSTQL
GRDETLQDTAKVLSRYVDAIVWRTFGQERLDAMASVATVPVINALSDEFHPCQVLADLQTIAERKGALRGLRLSYFGDGA
NNMAHSLLLGGVTAGIHVTVAAPEGFLPDPSVRAAAERRAQDTGASVTVTADAHAAAAGADVLVTDTWTSMGQENDGLDR
VKPFRPFQLNSRLLALADSDAIVLHCLPAHRGDEITDAVMDGPASAVWDEAENRLHAQKALLVWLLERS
;
_entity_poly.pdbx_strand_id   A,B,C,D,E,F
#
loop_
_chem_comp.id
_chem_comp.type
_chem_comp.name
_chem_comp.formula
PO4 non-polymer 'PHOSPHATE ION' 'O4 P -3'
#
# COMPACT_ATOMS: atom_id res chain seq x y z
N SER A 2 -1.37 24.20 -18.96
CA SER A 2 -0.59 23.30 -19.80
C SER A 2 -1.40 22.76 -20.97
N VAL A 3 -0.78 22.71 -22.14
CA VAL A 3 -1.39 22.03 -23.28
C VAL A 3 -1.36 20.53 -23.02
N ILE A 4 -2.43 19.84 -23.39
CA ILE A 4 -2.49 18.38 -23.23
C ILE A 4 -1.65 17.75 -24.33
N ARG A 5 -0.68 16.94 -23.94
CA ARG A 5 0.22 16.31 -24.91
C ARG A 5 -0.32 14.94 -25.32
N HIS A 6 -0.10 14.58 -26.58
CA HIS A 6 -0.52 13.30 -27.12
C HIS A 6 0.68 12.64 -27.82
N PHE A 7 0.54 11.35 -28.08
CA PHE A 7 1.59 10.58 -28.78
C PHE A 7 0.89 9.68 -29.80
N LEU A 8 0.63 10.25 -30.97
CA LEU A 8 -0.07 9.57 -32.04
C LEU A 8 0.87 9.09 -33.14
N ARG A 9 2.04 9.70 -33.26
CA ARG A 9 3.07 9.35 -34.23
C ARG A 9 4.41 9.76 -33.62
N ASP A 10 5.47 9.14 -34.08
CA ASP A 10 6.78 9.26 -33.41
C ASP A 10 7.29 10.69 -33.29
N ASP A 11 7.02 11.48 -34.33
CA ASP A 11 7.53 12.85 -34.31
C ASP A 11 6.66 13.80 -33.50
N ASP A 12 5.66 13.28 -32.78
CA ASP A 12 4.96 14.11 -31.80
C ASP A 12 5.88 14.52 -30.66
N LEU A 13 6.98 13.80 -30.47
CA LEU A 13 8.04 14.18 -29.56
C LEU A 13 9.15 14.84 -30.36
N SER A 14 9.66 15.96 -29.86
CA SER A 14 10.88 16.51 -30.43
C SER A 14 12.06 15.60 -30.12
N PRO A 15 13.21 15.83 -30.77
CA PRO A 15 14.41 15.07 -30.39
C PRO A 15 14.76 15.16 -28.91
N ALA A 16 14.72 16.37 -28.33
CA ALA A 16 14.99 16.49 -26.89
C ALA A 16 13.93 15.78 -26.05
N GLU A 17 12.66 15.85 -26.44
CA GLU A 17 11.61 15.18 -25.68
C GLU A 17 11.72 13.67 -25.80
N GLN A 18 12.07 13.17 -26.99
CA GLN A 18 12.27 11.73 -27.14
C GLN A 18 13.41 11.23 -26.27
N ALA A 19 14.50 12.00 -26.19
CA ALA A 19 15.60 11.61 -25.31
C ALA A 19 15.14 11.54 -23.86
N GLU A 20 14.26 12.45 -23.45
CA GLU A 20 13.76 12.43 -22.08
C GLU A 20 12.96 11.15 -21.81
N VAL A 21 12.13 10.75 -22.78
CA VAL A 21 11.32 9.55 -22.60
C VAL A 21 12.19 8.31 -22.55
N LEU A 22 13.20 8.25 -23.42
CA LEU A 22 14.06 7.09 -23.47
C LEU A 22 14.93 6.98 -22.23
N GLU A 23 15.36 8.13 -21.67
CA GLU A 23 16.07 8.11 -20.40
C GLU A 23 15.19 7.57 -19.30
N LEU A 24 13.95 8.04 -19.26
CA LEU A 24 13.00 7.57 -18.26
C LEU A 24 12.73 6.07 -18.44
N ALA A 25 12.72 5.58 -19.69
CA ALA A 25 12.52 4.15 -19.92
C ALA A 25 13.65 3.34 -19.31
N ALA A 26 14.90 3.82 -19.43
CA ALA A 26 16.01 3.13 -18.79
C ALA A 26 15.88 3.18 -17.26
N GLU A 27 15.44 4.32 -16.72
CA GLU A 27 15.30 4.44 -15.27
C GLU A 27 14.22 3.51 -14.75
N LEU A 28 13.12 3.38 -15.50
CA LEU A 28 12.01 2.54 -15.06
C LEU A 28 12.33 1.05 -15.22
N LYS A 29 13.16 0.70 -16.20
CA LYS A 29 13.62 -0.69 -16.29
C LYS A 29 14.43 -1.07 -15.05
N LYS A 30 15.24 -0.13 -14.55
CA LYS A 30 16.01 -0.40 -13.33
C LYS A 30 15.12 -0.45 -12.09
N ASP A 31 14.14 0.45 -12.01
CA ASP A 31 13.30 0.62 -10.81
C ASP A 31 11.84 0.68 -11.24
N PRO A 32 11.24 -0.48 -11.52
CA PRO A 32 9.92 -0.50 -12.20
C PRO A 32 8.75 -0.02 -11.38
N VAL A 33 8.85 0.12 -10.06
CA VAL A 33 7.70 0.62 -9.30
C VAL A 33 8.04 1.91 -8.56
N SER A 34 9.08 2.61 -9.01
CA SER A 34 9.53 3.85 -8.39
C SER A 34 8.74 5.08 -8.82
N ARG A 35 7.93 4.99 -9.87
CA ARG A 35 7.11 6.11 -10.34
C ARG A 35 5.66 5.71 -10.19
N ARG A 36 4.90 6.47 -9.40
CA ARG A 36 3.50 6.12 -9.15
C ARG A 36 2.60 7.33 -9.42
N PRO A 37 2.65 7.86 -10.64
CA PRO A 37 1.78 9.01 -10.97
C PRO A 37 0.31 8.67 -10.97
N LEU A 38 -0.05 7.38 -11.03
CA LEU A 38 -1.45 6.98 -11.12
C LEU A 38 -1.93 6.35 -9.83
N GLN A 39 -1.19 6.52 -8.74
CA GLN A 39 -1.59 5.97 -7.44
C GLN A 39 -3.01 6.43 -7.07
N GLY A 40 -3.76 5.52 -6.45
CA GLY A 40 -5.14 5.82 -6.12
C GLY A 40 -5.96 4.57 -5.95
N PRO A 41 -6.20 3.82 -7.03
CA PRO A 41 -5.66 4.07 -8.39
C PRO A 41 -6.47 5.05 -9.21
N ARG A 42 -5.77 5.74 -10.09
CA ARG A 42 -6.39 6.46 -11.16
C ARG A 42 -6.50 5.52 -12.36
N GLY A 43 -7.45 5.78 -13.26
CA GLY A 43 -7.68 4.90 -14.37
C GLY A 43 -6.96 5.32 -15.64
N VAL A 44 -6.69 4.35 -16.50
CA VAL A 44 -6.27 4.60 -17.88
C VAL A 44 -7.11 3.70 -18.77
N ALA A 45 -7.71 4.28 -19.82
CA ALA A 45 -8.47 3.47 -20.76
C ALA A 45 -7.51 2.80 -21.74
N VAL A 46 -7.73 1.53 -22.01
CA VAL A 46 -6.93 0.79 -22.99
C VAL A 46 -7.93 0.15 -23.93
N ILE A 47 -8.07 0.71 -25.12
CA ILE A 47 -9.19 0.41 -26.01
C ILE A 47 -8.67 -0.19 -27.30
N PHE A 48 -9.26 -1.30 -27.72
CA PHE A 48 -8.86 -2.02 -28.92
C PHE A 48 -10.02 -2.06 -29.90
N ASP A 49 -9.86 -1.38 -31.04
CA ASP A 49 -10.81 -1.60 -32.14
C ASP A 49 -10.56 -2.94 -32.80
N LYS A 50 -9.32 -3.40 -32.77
CA LYS A 50 -8.93 -4.74 -33.17
C LYS A 50 -8.00 -5.26 -32.09
N ASN A 51 -8.24 -6.49 -31.64
CA ASN A 51 -7.52 -6.99 -30.49
C ASN A 51 -6.03 -7.14 -30.79
N SER A 52 -5.23 -6.90 -29.76
CA SER A 52 -3.80 -7.22 -29.82
C SER A 52 -3.40 -7.64 -28.41
N THR A 53 -3.31 -8.96 -28.19
CA THR A 53 -3.07 -9.48 -26.86
C THR A 53 -1.74 -9.01 -26.29
N ARG A 54 -0.68 -9.01 -27.11
CA ARG A 54 0.63 -8.57 -26.63
C ARG A 54 0.64 -7.09 -26.25
N THR A 55 -0.02 -6.25 -27.03
CA THR A 55 -0.18 -4.86 -26.63
C THR A 55 -0.90 -4.77 -25.28
N ARG A 56 -1.80 -5.71 -25.00
CA ARG A 56 -2.53 -5.59 -23.75
C ARG A 56 -1.70 -5.98 -22.53
N PHE A 57 -0.93 -7.09 -22.59
CA PHE A 57 0.00 -7.40 -21.51
C PHE A 57 0.84 -6.20 -21.12
N SER A 58 1.50 -5.59 -22.10
CA SER A 58 2.45 -4.57 -21.75
C SER A 58 1.77 -3.35 -21.15
N PHE A 59 0.67 -2.89 -21.73
CA PHE A 59 0.01 -1.72 -21.15
C PHE A 59 -0.67 -2.04 -19.83
N GLU A 60 -1.35 -3.19 -19.75
CA GLU A 60 -2.11 -3.47 -18.54
C GLU A 60 -1.19 -3.63 -17.34
N LEU A 61 -0.06 -4.33 -17.52
CA LEU A 61 0.88 -4.47 -16.42
C LEU A 61 1.64 -3.16 -16.15
N GLY A 62 2.01 -2.44 -17.21
CA GLY A 62 2.72 -1.19 -16.99
C GLY A 62 1.90 -0.17 -16.23
N ILE A 63 0.62 -0.04 -16.58
CA ILE A 63 -0.23 0.91 -15.88
C ILE A 63 -0.35 0.52 -14.41
N ALA A 64 -0.52 -0.78 -14.13
CA ALA A 64 -0.58 -1.25 -12.75
C ALA A 64 0.69 -0.90 -11.98
N GLN A 65 1.86 -1.02 -12.63
CA GLN A 65 3.12 -0.70 -11.97
C GLN A 65 3.33 0.81 -11.78
N LEU A 66 2.54 1.64 -12.46
CA LEU A 66 2.51 3.07 -12.20
C LEU A 66 1.50 3.41 -11.11
N GLY A 67 0.90 2.41 -10.48
CA GLY A 67 -0.08 2.63 -9.44
C GLY A 67 -1.51 2.68 -9.93
N GLY A 68 -1.72 2.64 -11.24
CA GLY A 68 -3.02 2.85 -11.81
C GLY A 68 -3.77 1.57 -12.06
N HIS A 69 -4.93 1.71 -12.71
CA HIS A 69 -5.75 0.57 -13.09
C HIS A 69 -6.18 0.74 -14.54
N ALA A 70 -5.76 -0.20 -15.39
CA ALA A 70 -6.15 -0.17 -16.79
C ALA A 70 -7.56 -0.74 -16.94
N VAL A 71 -8.43 0.00 -17.59
CA VAL A 71 -9.74 -0.52 -17.96
C VAL A 71 -9.64 -0.92 -19.43
N VAL A 72 -9.66 -2.23 -19.69
CA VAL A 72 -9.39 -2.75 -21.03
C VAL A 72 -10.70 -2.99 -21.76
N VAL A 73 -10.81 -2.48 -22.98
CA VAL A 73 -12.00 -2.61 -23.80
C VAL A 73 -11.56 -3.21 -25.13
N ASP A 74 -11.98 -4.42 -25.42
CA ASP A 74 -11.51 -5.01 -26.67
C ASP A 74 -12.62 -5.03 -27.72
N SER A 75 -12.33 -5.67 -28.86
CA SER A 75 -13.20 -5.54 -30.03
C SER A 75 -14.59 -6.12 -29.79
N GLY A 76 -14.74 -6.95 -28.77
CA GLY A 76 -16.03 -7.54 -28.45
C GLY A 76 -17.01 -6.60 -27.78
N SER A 77 -16.72 -5.30 -27.79
CA SER A 77 -17.55 -4.27 -27.16
C SER A 77 -17.86 -3.17 -28.17
N THR A 78 -18.64 -3.50 -29.19
CA THR A 78 -19.06 -2.57 -30.24
C THR A 78 -17.82 -1.95 -30.89
N GLN A 79 -17.91 -0.69 -31.31
CA GLN A 79 -16.75 0.08 -31.74
C GLN A 79 -16.99 1.54 -31.37
N LEU A 80 -15.94 2.19 -30.86
CA LEU A 80 -16.00 3.63 -30.64
C LEU A 80 -16.41 4.35 -31.91
N GLY A 81 -17.38 5.25 -31.77
CA GLY A 81 -17.94 6.00 -32.87
C GLY A 81 -19.21 5.43 -33.43
N ARG A 82 -19.61 4.23 -33.03
CA ARG A 82 -20.75 3.57 -33.66
C ARG A 82 -22.08 4.05 -33.08
N ASP A 83 -22.29 3.89 -31.78
CA ASP A 83 -23.57 4.24 -31.16
C ASP A 83 -23.54 5.56 -30.41
N GLU A 84 -22.42 6.28 -30.41
CA GLU A 84 -22.41 7.68 -30.01
C GLU A 84 -21.20 8.33 -30.66
N THR A 85 -21.21 9.65 -30.73
CA THR A 85 -20.12 10.33 -31.41
C THR A 85 -18.79 10.12 -30.67
N LEU A 86 -17.72 10.13 -31.46
CA LEU A 86 -16.38 10.09 -30.88
C LEU A 86 -16.18 11.19 -29.85
N GLN A 87 -16.71 12.38 -30.15
CA GLN A 87 -16.56 13.52 -29.25
C GLN A 87 -17.26 13.27 -27.92
N ASP A 88 -18.47 12.71 -27.96
CA ASP A 88 -19.17 12.35 -26.72
C ASP A 88 -18.38 11.30 -25.94
N THR A 89 -17.81 10.31 -26.66
CA THR A 89 -17.02 9.29 -25.99
C THR A 89 -15.80 9.87 -25.30
N ALA A 90 -15.10 10.81 -25.98
CA ALA A 90 -13.94 11.44 -25.38
C ALA A 90 -14.30 12.20 -24.11
N LYS A 91 -15.46 12.86 -24.11
CA LYS A 91 -15.83 13.67 -22.96
C LYS A 91 -16.11 12.79 -21.74
N VAL A 92 -16.77 11.64 -21.95
CA VAL A 92 -17.06 10.74 -20.83
C VAL A 92 -15.78 10.08 -20.34
N LEU A 93 -14.96 9.58 -21.27
CA LEU A 93 -13.71 8.95 -20.84
C LEU A 93 -12.86 9.91 -20.04
N SER A 94 -12.86 11.19 -20.43
CA SER A 94 -12.08 12.20 -19.72
C SER A 94 -12.53 12.37 -18.27
N ARG A 95 -13.75 11.94 -17.93
CA ARG A 95 -14.24 11.98 -16.56
C ARG A 95 -13.83 10.77 -15.74
N TYR A 96 -13.46 9.67 -16.39
CA TYR A 96 -13.16 8.43 -15.69
C TYR A 96 -11.67 8.13 -15.62
N VAL A 97 -10.86 8.58 -16.59
CA VAL A 97 -9.47 8.15 -16.70
C VAL A 97 -8.54 9.34 -16.91
N ASP A 98 -7.24 9.09 -16.67
CA ASP A 98 -6.23 10.14 -16.82
C ASP A 98 -5.48 10.07 -18.13
N ALA A 99 -5.71 9.03 -18.94
CA ALA A 99 -5.10 8.91 -20.26
C ALA A 99 -5.90 7.88 -21.03
N ILE A 100 -5.84 7.98 -22.36
CA ILE A 100 -6.53 7.05 -23.26
C ILE A 100 -5.51 6.40 -24.17
N VAL A 101 -5.39 5.08 -24.08
CA VAL A 101 -4.54 4.28 -24.96
C VAL A 101 -5.46 3.59 -25.96
N TRP A 102 -5.23 3.80 -27.25
CA TRP A 102 -6.19 3.33 -28.25
C TRP A 102 -5.48 2.65 -29.41
N ARG A 103 -5.91 1.44 -29.71
CA ARG A 103 -5.47 0.75 -30.93
C ARG A 103 -6.62 0.88 -31.92
N THR A 104 -6.38 1.59 -33.02
CA THR A 104 -7.43 1.77 -34.01
C THR A 104 -6.80 1.77 -35.39
N PHE A 105 -7.60 2.07 -36.40
CA PHE A 105 -7.16 1.87 -37.77
C PHE A 105 -6.68 3.19 -38.36
N GLY A 106 -7.62 4.02 -38.80
CA GLY A 106 -7.26 5.25 -39.48
C GLY A 106 -6.71 6.28 -38.51
N GLN A 107 -5.68 7.00 -38.96
CA GLN A 107 -5.06 8.05 -38.16
C GLN A 107 -6.02 9.19 -37.87
N GLU A 108 -7.00 9.42 -38.74
CA GLU A 108 -7.92 10.53 -38.53
C GLU A 108 -8.76 10.31 -37.28
N ARG A 109 -9.03 9.06 -36.91
CA ARG A 109 -9.76 8.80 -35.67
C ARG A 109 -8.93 9.17 -34.44
N LEU A 110 -7.64 8.80 -34.45
CA LEU A 110 -6.76 9.20 -33.36
C LEU A 110 -6.66 10.71 -33.26
N ASP A 111 -6.50 11.39 -34.41
CA ASP A 111 -6.43 12.84 -34.42
C ASP A 111 -7.70 13.45 -33.83
N ALA A 112 -8.87 12.89 -34.19
CA ALA A 112 -10.12 13.45 -33.69
C ALA A 112 -10.26 13.22 -32.19
N MET A 113 -9.85 12.05 -31.71
CA MET A 113 -9.89 11.76 -30.28
C MET A 113 -9.00 12.73 -29.51
N ALA A 114 -7.79 12.97 -30.02
CA ALA A 114 -6.83 13.83 -29.32
C ALA A 114 -7.28 15.28 -29.29
N SER A 115 -7.99 15.74 -30.33
CA SER A 115 -8.38 17.14 -30.36
C SER A 115 -9.51 17.46 -29.38
N VAL A 116 -10.27 16.48 -28.93
CA VAL A 116 -11.40 16.73 -28.03
C VAL A 116 -11.09 16.30 -26.61
N ALA A 117 -10.38 15.18 -26.44
CA ALA A 117 -10.07 14.67 -25.11
C ALA A 117 -9.24 15.68 -24.31
N THR A 118 -9.52 15.75 -23.01
CA THR A 118 -8.78 16.60 -22.10
C THR A 118 -7.75 15.82 -21.30
N VAL A 119 -7.40 14.62 -21.77
CA VAL A 119 -6.34 13.80 -21.20
C VAL A 119 -5.46 13.33 -22.35
N PRO A 120 -4.24 12.87 -22.08
CA PRO A 120 -3.37 12.41 -23.17
C PRO A 120 -3.93 11.19 -23.89
N VAL A 121 -3.76 11.17 -25.21
CA VAL A 121 -4.14 10.06 -26.05
C VAL A 121 -2.87 9.43 -26.60
N ILE A 122 -2.76 8.10 -26.51
CA ILE A 122 -1.61 7.34 -26.99
C ILE A 122 -2.07 6.38 -28.08
N ASN A 123 -1.38 6.39 -29.21
CA ASN A 123 -1.58 5.42 -30.28
C ASN A 123 -0.90 4.11 -29.91
N ALA A 124 -1.69 3.11 -29.50
CA ALA A 124 -1.11 1.81 -29.14
C ALA A 124 -0.60 1.04 -30.35
N LEU A 125 -1.17 1.31 -31.53
CA LEU A 125 -0.85 0.64 -32.83
C LEU A 125 -1.93 1.14 -33.79
N SER A 126 -1.56 1.63 -34.98
CA SER A 126 -2.56 2.03 -35.96
C SER A 126 -2.12 1.54 -37.33
N ASP A 127 -2.95 1.78 -38.34
CA ASP A 127 -2.57 1.38 -39.70
C ASP A 127 -1.32 2.09 -40.15
N GLU A 128 -1.15 3.35 -39.76
CA GLU A 128 -0.09 4.18 -40.31
C GLU A 128 1.17 4.20 -39.47
N PHE A 129 1.07 4.03 -38.15
CA PHE A 129 2.22 4.19 -37.26
C PHE A 129 2.14 3.17 -36.14
N HIS A 130 3.31 2.85 -35.55
CA HIS A 130 3.41 1.96 -34.37
C HIS A 130 4.47 2.65 -33.48
N PRO A 131 4.21 3.87 -32.96
CA PRO A 131 5.27 4.63 -32.30
C PRO A 131 5.68 4.09 -30.96
N CYS A 132 4.81 3.35 -30.25
CA CYS A 132 5.25 2.78 -28.98
C CYS A 132 6.24 1.65 -29.21
N GLN A 133 6.03 0.85 -30.25
CA GLN A 133 7.01 -0.19 -30.59
C GLN A 133 8.37 0.42 -30.90
N VAL A 134 8.37 1.55 -31.63
CA VAL A 134 9.66 2.13 -31.99
C VAL A 134 10.36 2.72 -30.75
N LEU A 135 9.62 3.25 -29.77
CA LEU A 135 10.26 3.65 -28.52
C LEU A 135 10.97 2.45 -27.89
N ALA A 136 10.31 1.29 -27.88
CA ALA A 136 10.93 0.10 -27.32
C ALA A 136 12.13 -0.32 -28.13
N ASP A 137 12.05 -0.18 -29.45
CA ASP A 137 13.18 -0.49 -30.33
C ASP A 137 14.37 0.41 -30.02
N LEU A 138 14.11 1.71 -29.84
CA LEU A 138 15.20 2.65 -29.56
C LEU A 138 15.82 2.36 -28.20
N GLN A 139 15.00 2.05 -27.20
CA GLN A 139 15.56 1.68 -25.90
C GLN A 139 16.46 0.46 -26.03
N THR A 140 16.03 -0.51 -26.83
CA THR A 140 16.82 -1.74 -27.03
C THR A 140 18.13 -1.45 -27.73
N ILE A 141 18.09 -0.65 -28.81
CA ILE A 141 19.32 -0.29 -29.50
C ILE A 141 20.29 0.41 -28.55
N ALA A 142 19.78 1.33 -27.73
CA ALA A 142 20.66 2.06 -26.81
C ALA A 142 21.31 1.11 -25.82
N GLU A 143 20.55 0.11 -25.34
CA GLU A 143 21.09 -0.89 -24.42
C GLU A 143 22.25 -1.67 -25.04
N ARG A 144 22.15 -1.97 -26.32
CA ARG A 144 23.13 -2.81 -26.98
C ARG A 144 24.31 -2.03 -27.53
N LYS A 145 24.10 -0.74 -27.86
CA LYS A 145 25.11 0.00 -28.64
C LYS A 145 25.47 1.37 -28.07
N GLY A 146 24.73 1.88 -27.11
CA GLY A 146 25.05 3.17 -26.50
C GLY A 146 24.40 4.31 -27.26
N ALA A 147 25.22 5.25 -27.74
CA ALA A 147 24.68 6.43 -28.41
C ALA A 147 23.92 6.05 -29.67
N LEU A 148 22.74 6.65 -29.84
CA LEU A 148 21.94 6.38 -31.03
C LEU A 148 22.36 7.24 -32.21
N ARG A 149 22.88 8.44 -31.94
CA ARG A 149 23.21 9.37 -33.00
C ARG A 149 24.24 8.76 -33.94
N GLY A 150 23.94 8.77 -35.24
CA GLY A 150 24.87 8.30 -36.23
C GLY A 150 24.80 6.82 -36.55
N LEU A 151 24.04 6.04 -35.78
CA LEU A 151 23.84 4.65 -36.15
C LEU A 151 23.11 4.55 -37.48
N ARG A 152 23.31 3.42 -38.16
CA ARG A 152 22.65 3.15 -39.44
C ARG A 152 21.68 2.00 -39.24
N LEU A 153 20.40 2.25 -39.52
CA LEU A 153 19.34 1.28 -39.32
C LEU A 153 18.67 1.02 -40.66
N SER A 154 18.50 -0.26 -40.99
CA SER A 154 17.78 -0.65 -42.20
C SER A 154 16.60 -1.53 -41.85
N TYR A 155 15.45 -1.17 -42.40
CA TYR A 155 14.22 -1.95 -42.28
C TYR A 155 13.95 -2.64 -43.61
N PHE A 156 13.47 -3.89 -43.56
CA PHE A 156 13.28 -4.70 -44.75
C PHE A 156 11.87 -5.26 -44.81
N GLY A 157 11.30 -5.28 -46.02
CA GLY A 157 10.04 -6.00 -46.23
C GLY A 157 8.96 -5.09 -46.79
N ASP A 158 7.86 -4.99 -46.06
CA ASP A 158 6.75 -4.12 -46.46
C ASP A 158 7.04 -2.71 -45.97
N GLY A 159 7.53 -1.86 -46.88
CA GLY A 159 7.94 -0.54 -46.50
C GLY A 159 6.84 0.47 -46.43
N ALA A 160 5.59 0.02 -46.61
CA ALA A 160 4.42 0.88 -46.58
C ALA A 160 3.66 0.77 -45.27
N ASN A 161 4.14 -0.07 -44.35
CA ASN A 161 3.37 -0.37 -43.17
C ASN A 161 3.73 0.54 -41.98
N ASN A 162 3.03 0.32 -40.87
CA ASN A 162 3.18 1.16 -39.70
C ASN A 162 4.60 1.13 -39.10
N MET A 163 5.27 -0.01 -39.15
CA MET A 163 6.62 -0.08 -38.62
C MET A 163 7.60 0.69 -39.49
N ALA A 164 7.49 0.56 -40.81
CA ALA A 164 8.36 1.33 -41.70
C ALA A 164 8.21 2.83 -41.43
N HIS A 165 6.97 3.29 -41.30
CA HIS A 165 6.74 4.72 -41.07
C HIS A 165 7.31 5.17 -39.74
N SER A 166 7.10 4.37 -38.69
CA SER A 166 7.57 4.76 -37.36
C SER A 166 9.07 4.62 -37.23
N LEU A 167 9.69 3.61 -37.87
CA LEU A 167 11.14 3.57 -37.86
C LEU A 167 11.74 4.78 -38.55
N LEU A 168 11.11 5.25 -39.64
CA LEU A 168 11.59 6.49 -40.27
C LEU A 168 11.48 7.66 -39.31
N LEU A 169 10.28 7.91 -38.78
CA LEU A 169 10.06 9.11 -37.97
C LEU A 169 10.80 9.02 -36.64
N GLY A 170 10.64 7.91 -35.91
CA GLY A 170 11.29 7.78 -34.62
C GLY A 170 12.79 7.65 -34.74
N GLY A 171 13.25 6.95 -35.78
CA GLY A 171 14.69 6.81 -36.00
C GLY A 171 15.37 8.13 -36.28
N VAL A 172 14.85 8.91 -37.23
CA VAL A 172 15.54 10.17 -37.52
C VAL A 172 15.42 11.13 -36.35
N THR A 173 14.35 11.03 -35.56
CA THR A 173 14.26 11.86 -34.36
C THR A 173 15.40 11.57 -33.40
N ALA A 174 15.86 10.31 -33.35
CA ALA A 174 16.96 9.88 -32.51
C ALA A 174 18.33 10.12 -33.15
N GLY A 175 18.36 10.68 -34.36
CA GLY A 175 19.61 10.92 -35.07
C GLY A 175 20.12 9.73 -35.85
N ILE A 176 19.28 8.71 -36.06
CA ILE A 176 19.67 7.49 -36.73
C ILE A 176 19.45 7.65 -38.24
N HIS A 177 20.41 7.17 -39.02
CA HIS A 177 20.30 7.15 -40.48
C HIS A 177 19.42 5.96 -40.86
N VAL A 178 18.21 6.20 -41.39
CA VAL A 178 17.23 5.14 -41.61
C VAL A 178 17.14 4.83 -43.09
N THR A 179 17.22 3.54 -43.43
CA THR A 179 16.96 3.01 -44.75
C THR A 179 15.78 2.08 -44.72
N VAL A 180 14.87 2.21 -45.69
CA VAL A 180 13.77 1.27 -45.88
C VAL A 180 14.04 0.57 -47.19
N ALA A 181 14.10 -0.76 -47.15
CA ALA A 181 14.32 -1.58 -48.33
C ALA A 181 13.06 -2.39 -48.59
N ALA A 182 12.44 -2.17 -49.75
CA ALA A 182 11.10 -2.71 -50.00
C ALA A 182 10.88 -2.74 -51.51
N PRO A 183 9.97 -3.59 -51.99
CA PRO A 183 9.64 -3.57 -53.41
C PRO A 183 8.85 -2.32 -53.74
N GLU A 184 8.91 -1.91 -55.02
CA GLU A 184 8.40 -0.59 -55.38
C GLU A 184 6.91 -0.40 -55.11
N GLY A 185 6.12 -1.46 -55.03
CA GLY A 185 4.73 -1.24 -54.68
C GLY A 185 4.41 -1.08 -53.20
N PHE A 186 5.43 -1.12 -52.34
CA PHE A 186 5.24 -1.16 -50.90
C PHE A 186 6.29 -0.26 -50.24
N LEU A 187 6.30 0.99 -50.64
CA LEU A 187 7.25 1.99 -50.19
C LEU A 187 6.60 2.92 -49.18
N PRO A 188 7.40 3.65 -48.40
CA PRO A 188 6.84 4.59 -47.44
C PRO A 188 5.93 5.63 -48.09
N ASP A 189 4.89 5.99 -47.37
CA ASP A 189 4.02 7.05 -47.82
C ASP A 189 4.85 8.32 -48.02
N PRO A 190 4.74 8.99 -49.17
CA PRO A 190 5.62 10.15 -49.41
C PRO A 190 5.46 11.28 -48.40
N SER A 191 4.27 11.47 -47.82
CA SER A 191 4.12 12.50 -46.79
C SER A 191 4.89 12.13 -45.53
N VAL A 192 4.87 10.85 -45.14
CA VAL A 192 5.65 10.39 -44.01
C VAL A 192 7.14 10.54 -44.31
N ARG A 193 7.55 10.10 -45.49
CA ARG A 193 8.96 10.22 -45.85
C ARG A 193 9.40 11.67 -45.81
N ALA A 194 8.57 12.58 -46.33
CA ALA A 194 8.90 14.01 -46.31
C ALA A 194 9.04 14.53 -44.90
N ALA A 195 8.14 14.13 -44.00
CA ALA A 195 8.24 14.56 -42.60
C ALA A 195 9.50 14.01 -41.96
N ALA A 196 9.87 12.77 -42.31
CA ALA A 196 11.11 12.20 -41.80
C ALA A 196 12.33 12.92 -42.33
N GLU A 197 12.33 13.26 -43.62
CA GLU A 197 13.46 14.01 -44.18
C GLU A 197 13.59 15.36 -43.49
N ARG A 198 12.46 16.02 -43.21
CA ARG A 198 12.51 17.33 -42.56
C ARG A 198 13.08 17.21 -41.14
N ARG A 199 12.57 16.25 -40.36
CA ARG A 199 13.06 16.07 -38.99
C ARG A 199 14.54 15.69 -39.00
N ALA A 200 14.97 14.91 -39.99
CA ALA A 200 16.36 14.46 -40.05
C ALA A 200 17.33 15.62 -40.23
N GLN A 201 16.87 16.72 -40.83
CA GLN A 201 17.74 17.88 -40.97
C GLN A 201 18.14 18.45 -39.62
N ASP A 202 17.26 18.36 -38.62
CA ASP A 202 17.53 18.89 -37.28
C ASP A 202 18.47 18.00 -36.47
N THR A 203 18.57 16.72 -36.81
CA THR A 203 19.29 15.76 -35.97
C THR A 203 20.56 15.23 -36.64
N GLY A 204 20.84 15.64 -37.86
CA GLY A 204 21.96 15.10 -38.61
C GLY A 204 21.71 13.73 -39.19
N ALA A 205 20.49 13.22 -39.11
CA ALA A 205 20.17 11.90 -39.64
C ALA A 205 19.88 11.99 -41.14
N SER A 206 19.34 10.91 -41.70
CA SER A 206 19.07 10.86 -43.13
C SER A 206 18.02 9.78 -43.37
N VAL A 207 17.41 9.85 -44.56
CA VAL A 207 16.38 8.92 -45.02
C VAL A 207 16.81 8.35 -46.36
N THR A 208 16.77 7.03 -46.50
CA THR A 208 17.04 6.35 -47.77
C THR A 208 15.94 5.34 -48.04
N VAL A 209 15.43 5.32 -49.27
CA VAL A 209 14.46 4.31 -49.71
C VAL A 209 15.05 3.60 -50.92
N THR A 210 15.03 2.26 -50.90
CA THR A 210 15.68 1.47 -51.93
C THR A 210 14.92 0.17 -52.10
N ALA A 211 15.09 -0.46 -53.27
CA ALA A 211 14.55 -1.79 -53.52
C ALA A 211 15.66 -2.83 -53.61
N ASP A 212 16.86 -2.49 -53.12
CA ASP A 212 18.06 -3.32 -53.21
C ASP A 212 18.42 -3.72 -51.77
N ALA A 213 18.02 -4.93 -51.38
CA ALA A 213 18.20 -5.38 -50.00
C ALA A 213 19.68 -5.50 -49.64
N HIS A 214 20.51 -5.99 -50.56
CA HIS A 214 21.94 -6.07 -50.25
C HIS A 214 22.56 -4.70 -50.01
N ALA A 215 22.19 -3.70 -50.81
CA ALA A 215 22.74 -2.36 -50.59
C ALA A 215 22.27 -1.80 -49.26
N ALA A 216 21.00 -2.05 -48.90
CA ALA A 216 20.48 -1.54 -47.63
C ALA A 216 21.15 -2.18 -46.43
N ALA A 217 21.54 -3.45 -46.55
CA ALA A 217 22.18 -4.14 -45.44
C ALA A 217 23.62 -3.69 -45.24
N ALA A 218 24.26 -3.15 -46.27
CA ALA A 218 25.70 -2.92 -46.25
C ALA A 218 26.09 -1.99 -45.12
N GLY A 219 26.88 -2.50 -44.19
CA GLY A 219 27.37 -1.70 -43.08
C GLY A 219 26.34 -1.30 -42.06
N ALA A 220 25.13 -1.87 -42.12
CA ALA A 220 24.10 -1.47 -41.17
C ALA A 220 24.46 -1.88 -39.74
N ASP A 221 24.03 -1.05 -38.79
CA ASP A 221 24.20 -1.33 -37.37
C ASP A 221 23.00 -2.06 -36.78
N VAL A 222 21.82 -1.85 -37.38
CA VAL A 222 20.57 -2.44 -36.90
C VAL A 222 19.81 -2.88 -38.14
N LEU A 223 19.37 -4.13 -38.17
CA LEU A 223 18.50 -4.66 -39.22
C LEU A 223 17.16 -4.99 -38.59
N VAL A 224 16.08 -4.55 -39.22
CA VAL A 224 14.74 -4.71 -38.66
C VAL A 224 13.83 -5.27 -39.74
N THR A 225 12.90 -6.14 -39.35
CA THR A 225 11.84 -6.53 -40.27
C THR A 225 10.57 -6.79 -39.46
N ASP A 226 9.53 -7.21 -40.15
CA ASP A 226 8.18 -7.30 -39.61
C ASP A 226 7.44 -8.27 -40.53
N THR A 227 6.34 -8.84 -40.03
CA THR A 227 5.55 -9.68 -40.93
C THR A 227 5.12 -8.87 -42.14
N TRP A 228 5.04 -9.55 -43.28
CA TRP A 228 4.81 -8.88 -44.55
C TRP A 228 3.35 -8.50 -44.76
N THR A 229 2.43 -9.22 -44.14
CA THR A 229 1.01 -8.94 -44.26
C THR A 229 0.35 -9.14 -42.90
N SER A 230 -0.82 -8.49 -42.73
CA SER A 230 -1.63 -8.65 -41.54
C SER A 230 -2.54 -9.88 -41.61
N MET A 231 -2.60 -10.54 -42.76
CA MET A 231 -3.37 -11.77 -42.93
C MET A 231 -2.98 -12.46 -44.22
N GLY A 237 -2.47 -21.54 -52.79
CA GLY A 237 -3.22 -20.51 -53.50
C GLY A 237 -2.28 -19.63 -54.30
N LEU A 238 -2.44 -18.32 -54.17
CA LEU A 238 -1.52 -17.36 -54.76
C LEU A 238 -0.46 -16.99 -53.73
N ASP A 239 0.80 -16.92 -54.16
CA ASP A 239 1.85 -16.48 -53.23
C ASP A 239 1.87 -14.94 -53.26
N ARG A 240 0.94 -14.36 -52.50
CA ARG A 240 0.77 -12.92 -52.52
C ARG A 240 1.96 -12.19 -51.91
N VAL A 241 2.76 -12.85 -51.07
CA VAL A 241 3.90 -12.17 -50.46
C VAL A 241 5.18 -12.40 -51.26
N LYS A 242 5.06 -13.00 -52.45
CA LYS A 242 6.23 -13.16 -53.30
C LYS A 242 7.08 -11.90 -53.45
N PRO A 243 6.52 -10.68 -53.61
CA PRO A 243 7.38 -9.49 -53.79
C PRO A 243 8.33 -9.24 -52.65
N PHE A 244 8.01 -9.74 -51.45
CA PHE A 244 8.80 -9.46 -50.26
C PHE A 244 9.91 -10.47 -50.01
N ARG A 245 9.83 -11.65 -50.62
CA ARG A 245 10.77 -12.72 -50.27
C ARG A 245 12.22 -12.33 -50.54
N PRO A 246 12.56 -11.56 -51.57
CA PRO A 246 13.96 -11.11 -51.72
C PRO A 246 14.45 -10.24 -50.58
N PHE A 247 13.54 -9.76 -49.73
CA PHE A 247 13.89 -8.87 -48.63
C PHE A 247 13.95 -9.61 -47.30
N GLN A 248 13.87 -10.94 -47.33
CA GLN A 248 13.98 -11.75 -46.12
C GLN A 248 15.24 -11.42 -45.35
N LEU A 249 15.09 -11.25 -44.04
CA LEU A 249 16.23 -11.04 -43.16
C LEU A 249 16.80 -12.41 -42.82
N ASN A 250 17.83 -12.84 -43.56
CA ASN A 250 18.46 -14.14 -43.41
C ASN A 250 19.95 -13.96 -43.14
N SER A 251 20.67 -15.08 -43.02
CA SER A 251 22.08 -15.01 -42.62
C SER A 251 22.93 -14.27 -43.65
N ARG A 252 22.61 -14.43 -44.93
CA ARG A 252 23.38 -13.75 -45.96
C ARG A 252 23.23 -12.24 -45.85
N LEU A 253 22.00 -11.77 -45.57
CA LEU A 253 21.80 -10.34 -45.40
C LEU A 253 22.52 -9.82 -44.16
N LEU A 254 22.45 -10.56 -43.06
CA LEU A 254 23.10 -10.13 -41.82
C LEU A 254 24.61 -10.05 -41.99
N ALA A 255 25.16 -10.96 -42.80
CA ALA A 255 26.61 -10.99 -43.02
C ALA A 255 27.13 -9.77 -43.76
N LEU A 256 26.25 -9.00 -44.42
CA LEU A 256 26.63 -7.78 -45.11
C LEU A 256 26.61 -6.56 -44.20
N ALA A 257 25.99 -6.64 -43.03
CA ALA A 257 25.93 -5.50 -42.13
C ALA A 257 27.22 -5.38 -41.34
N ASP A 258 27.31 -4.36 -40.51
CA ASP A 258 28.44 -4.20 -39.59
CA ASP A 258 28.49 -4.24 -39.66
C ASP A 258 28.59 -5.46 -38.73
N SER A 259 29.82 -5.73 -38.28
CA SER A 259 30.09 -6.96 -37.55
C SER A 259 29.34 -7.03 -36.22
N ASP A 260 29.03 -5.88 -35.61
CA ASP A 260 28.33 -5.90 -34.33
C ASP A 260 26.85 -5.57 -34.47
N ALA A 261 26.30 -5.73 -35.66
CA ALA A 261 24.91 -5.38 -35.91
C ALA A 261 23.95 -6.22 -35.06
N ILE A 262 22.80 -5.62 -34.74
CA ILE A 262 21.74 -6.32 -34.03
C ILE A 262 20.50 -6.39 -34.92
N VAL A 263 19.61 -7.31 -34.57
CA VAL A 263 18.40 -7.58 -35.34
C VAL A 263 17.17 -7.36 -34.45
N LEU A 264 16.20 -6.62 -34.99
CA LEU A 264 14.94 -6.37 -34.30
C LEU A 264 13.78 -6.88 -35.16
N HIS A 265 12.67 -7.19 -34.48
CA HIS A 265 11.45 -7.70 -35.12
C HIS A 265 10.36 -7.52 -34.09
N CYS A 266 9.31 -6.78 -34.42
CA CYS A 266 8.33 -6.44 -33.39
C CYS A 266 7.49 -7.62 -32.92
N LEU A 267 7.48 -8.73 -33.66
CA LEU A 267 6.78 -9.96 -33.26
C LEU A 267 5.27 -9.79 -33.41
N PRO A 268 4.54 -10.89 -33.67
CA PRO A 268 5.04 -12.25 -33.85
C PRO A 268 5.86 -12.37 -35.13
N ALA A 269 6.77 -13.33 -35.15
CA ALA A 269 7.55 -13.61 -36.35
C ALA A 269 7.00 -14.84 -37.06
N HIS A 270 7.02 -14.80 -38.38
CA HIS A 270 6.70 -15.98 -39.18
C HIS A 270 8.03 -16.51 -39.69
N ARG A 271 8.60 -17.43 -38.93
CA ARG A 271 9.93 -17.94 -39.23
C ARG A 271 9.93 -18.64 -40.57
N GLY A 272 10.93 -18.33 -41.39
CA GLY A 272 11.00 -18.83 -42.74
C GLY A 272 10.45 -17.86 -43.78
N ASP A 273 9.65 -16.88 -43.34
CA ASP A 273 9.18 -15.83 -44.24
C ASP A 273 10.08 -14.61 -44.08
N GLU A 274 9.67 -13.62 -43.28
CA GLU A 274 10.43 -12.37 -43.25
C GLU A 274 11.75 -12.51 -42.50
N ILE A 275 11.92 -13.57 -41.71
CA ILE A 275 13.12 -13.77 -40.92
C ILE A 275 13.37 -15.27 -40.84
N THR A 276 14.64 -15.68 -40.74
CA THR A 276 14.96 -17.09 -40.60
C THR A 276 15.23 -17.44 -39.15
N ASP A 277 15.07 -18.73 -38.84
CA ASP A 277 15.44 -19.25 -37.53
C ASP A 277 16.87 -18.86 -37.15
N ALA A 278 17.80 -18.98 -38.10
CA ALA A 278 19.21 -18.75 -37.76
C ALA A 278 19.43 -17.32 -37.30
N VAL A 279 18.73 -16.37 -37.91
CA VAL A 279 18.84 -14.98 -37.48
C VAL A 279 18.08 -14.74 -36.18
N MET A 280 16.83 -15.20 -36.10
CA MET A 280 16.01 -15.00 -34.89
C MET A 280 16.70 -15.52 -33.64
N ASP A 281 17.36 -16.67 -33.74
CA ASP A 281 17.89 -17.36 -32.58
C ASP A 281 19.38 -17.17 -32.40
N GLY A 282 20.03 -16.40 -33.27
CA GLY A 282 21.45 -16.16 -33.21
C GLY A 282 21.85 -15.00 -32.32
N PRO A 283 23.16 -14.76 -32.21
CA PRO A 283 23.65 -13.77 -31.24
C PRO A 283 23.33 -12.33 -31.59
N ALA A 284 22.99 -12.03 -32.85
CA ALA A 284 22.63 -10.67 -33.22
C ALA A 284 21.21 -10.31 -32.82
N SER A 285 20.38 -11.32 -32.57
CA SER A 285 18.97 -11.08 -32.27
C SER A 285 18.80 -10.34 -30.94
N ALA A 286 18.00 -9.29 -30.96
CA ALA A 286 17.62 -8.59 -29.73
C ALA A 286 16.11 -8.61 -29.53
N VAL A 287 15.42 -9.56 -30.16
CA VAL A 287 13.97 -9.51 -30.24
C VAL A 287 13.31 -9.73 -28.87
N TRP A 288 13.96 -10.47 -27.97
CA TRP A 288 13.30 -10.76 -26.70
C TRP A 288 13.42 -9.59 -25.74
N ASP A 289 14.61 -8.97 -25.66
CA ASP A 289 14.76 -7.71 -24.95
C ASP A 289 13.84 -6.64 -25.53
N GLU A 290 13.73 -6.59 -26.86
CA GLU A 290 12.86 -5.64 -27.52
C GLU A 290 11.42 -5.81 -27.06
N ALA A 291 10.94 -7.06 -27.02
CA ALA A 291 9.57 -7.30 -26.58
C ALA A 291 9.39 -6.88 -25.13
N GLU A 292 10.36 -7.18 -24.27
CA GLU A 292 10.27 -6.75 -22.89
C GLU A 292 10.22 -5.24 -22.77
N ASN A 293 11.00 -4.55 -23.60
CA ASN A 293 11.08 -3.10 -23.47
C ASN A 293 9.81 -2.38 -23.90
N ARG A 294 8.85 -3.06 -24.53
CA ARG A 294 7.54 -2.43 -24.67
C ARG A 294 6.99 -2.02 -23.31
N LEU A 295 7.18 -2.87 -22.30
CA LEU A 295 6.70 -2.55 -20.95
C LEU A 295 7.31 -1.26 -20.43
N HIS A 296 8.64 -1.16 -20.49
CA HIS A 296 9.35 -0.04 -19.90
C HIS A 296 9.16 1.24 -20.70
N ALA A 297 9.21 1.15 -22.03
CA ALA A 297 9.11 2.36 -22.84
C ALA A 297 7.72 2.96 -22.78
N GLN A 298 6.69 2.12 -22.76
CA GLN A 298 5.32 2.62 -22.63
C GLN A 298 5.08 3.26 -21.26
N LYS A 299 5.66 2.68 -20.20
CA LYS A 299 5.51 3.30 -18.88
C LYS A 299 6.16 4.66 -18.85
N ALA A 300 7.35 4.75 -19.44
CA ALA A 300 8.05 6.03 -19.51
C ALA A 300 7.23 7.05 -20.29
N LEU A 301 6.65 6.62 -21.41
CA LEU A 301 5.83 7.53 -22.19
C LEU A 301 4.65 8.04 -21.37
N LEU A 302 3.97 7.13 -20.65
CA LEU A 302 2.83 7.54 -19.82
C LEU A 302 3.26 8.53 -18.75
N VAL A 303 4.34 8.22 -18.03
CA VAL A 303 4.83 9.12 -16.98
C VAL A 303 5.09 10.51 -17.56
N TRP A 304 5.77 10.56 -18.71
CA TRP A 304 6.15 11.83 -19.31
C TRP A 304 4.92 12.62 -19.76
N LEU A 305 3.96 11.96 -20.43
CA LEU A 305 2.76 12.65 -20.89
C LEU A 305 1.94 13.18 -19.73
N LEU A 306 1.81 12.38 -18.67
CA LEU A 306 0.97 12.79 -17.55
C LEU A 306 1.54 14.01 -16.85
N GLU A 307 2.87 14.09 -16.75
CA GLU A 307 3.41 15.26 -16.05
C GLU A 307 3.44 16.52 -16.92
N ARG A 308 3.40 16.41 -18.26
CA ARG A 308 3.15 17.62 -19.06
C ARG A 308 1.68 17.93 -19.31
N SER A 309 0.75 17.12 -18.82
CA SER A 309 -0.63 17.33 -19.21
C SER A 309 -1.51 17.58 -17.99
N VAL B 3 15.26 -26.48 -12.42
CA VAL B 3 15.08 -25.98 -11.06
C VAL B 3 13.82 -25.13 -11.04
N ILE B 4 13.29 -24.83 -12.22
CA ILE B 4 11.94 -24.25 -12.33
C ILE B 4 10.95 -25.38 -12.15
N ARG B 5 10.06 -25.25 -11.17
CA ARG B 5 9.05 -26.26 -10.93
C ARG B 5 7.76 -25.92 -11.66
N HIS B 6 7.08 -26.96 -12.14
CA HIS B 6 5.76 -26.81 -12.76
C HIS B 6 4.76 -27.68 -12.04
N PHE B 7 3.47 -27.44 -12.32
CA PHE B 7 2.40 -28.25 -11.74
C PHE B 7 1.41 -28.56 -12.86
N LEU B 8 1.67 -29.66 -13.59
CA LEU B 8 0.88 -30.03 -14.75
C LEU B 8 -0.04 -31.20 -14.46
N ARG B 9 0.28 -31.98 -13.44
CA ARG B 9 -0.47 -33.15 -13.02
C ARG B 9 -0.11 -33.40 -11.55
N ASP B 10 -1.01 -34.04 -10.85
CA ASP B 10 -0.94 -34.12 -9.37
C ASP B 10 0.36 -34.67 -8.81
N ASP B 11 0.90 -35.66 -9.48
CA ASP B 11 2.10 -36.30 -8.97
C ASP B 11 3.36 -35.53 -9.32
N ASP B 12 3.23 -34.33 -9.90
CA ASP B 12 4.39 -33.44 -10.01
C ASP B 12 4.87 -32.99 -8.64
N LEU B 13 4.01 -33.09 -7.62
CA LEU B 13 4.42 -32.94 -6.23
C LEU B 13 4.63 -34.31 -5.61
N SER B 14 5.72 -34.45 -4.87
CA SER B 14 5.92 -35.63 -4.06
C SER B 14 4.95 -35.58 -2.88
N PRO B 15 4.76 -36.71 -2.19
CA PRO B 15 3.91 -36.69 -0.98
C PRO B 15 4.32 -35.60 0.00
N ALA B 16 5.62 -35.45 0.26
CA ALA B 16 6.05 -34.41 1.20
C ALA B 16 5.79 -33.01 0.66
N GLU B 17 5.98 -32.80 -0.64
CA GLU B 17 5.73 -31.50 -1.24
C GLU B 17 4.24 -31.17 -1.23
N GLN B 18 3.41 -32.16 -1.56
CA GLN B 18 1.97 -31.94 -1.51
C GLN B 18 1.53 -31.53 -0.12
N ALA B 19 2.08 -32.17 0.91
CA ALA B 19 1.75 -31.80 2.28
C ALA B 19 2.14 -30.36 2.58
N GLU B 20 3.31 -29.91 2.07
CA GLU B 20 3.71 -28.51 2.25
C GLU B 20 2.71 -27.56 1.62
N VAL B 21 2.29 -27.86 0.40
CA VAL B 21 1.33 -26.98 -0.27
C VAL B 21 0.00 -26.97 0.48
N LEU B 22 -0.45 -28.13 0.96
CA LEU B 22 -1.74 -28.15 1.63
C LEU B 22 -1.68 -27.45 2.98
N GLU B 23 -0.56 -27.56 3.70
CA GLU B 23 -0.39 -26.79 4.93
C GLU B 23 -0.43 -25.30 4.65
N LEU B 24 0.24 -24.87 3.57
CA LEU B 24 0.23 -23.46 3.19
C LEU B 24 -1.19 -23.02 2.83
N ALA B 25 -1.96 -23.90 2.18
CA ALA B 25 -3.33 -23.53 1.83
C ALA B 25 -4.16 -23.24 3.07
N ALA B 26 -3.98 -24.03 4.14
CA ALA B 26 -4.70 -23.75 5.38
C ALA B 26 -4.24 -22.43 6.00
N GLU B 27 -2.93 -22.15 5.95
CA GLU B 27 -2.41 -20.91 6.50
C GLU B 27 -2.95 -19.71 5.73
N LEU B 28 -3.03 -19.82 4.40
CA LEU B 28 -3.49 -18.70 3.58
C LEU B 28 -4.99 -18.50 3.71
N LYS B 29 -5.74 -19.57 3.96
CA LYS B 29 -7.16 -19.38 4.21
C LYS B 29 -7.38 -18.56 5.48
N LYS B 30 -6.54 -18.80 6.50
CA LYS B 30 -6.65 -18.02 7.73
C LYS B 30 -6.21 -16.56 7.52
N ASP B 31 -5.15 -16.35 6.75
CA ASP B 31 -4.49 -15.06 6.62
C ASP B 31 -4.25 -14.80 5.14
N PRO B 32 -5.29 -14.37 4.40
CA PRO B 32 -5.24 -14.40 2.93
C PRO B 32 -4.34 -13.37 2.29
N VAL B 33 -3.91 -12.33 3.00
CA VAL B 33 -3.02 -11.36 2.37
C VAL B 33 -1.67 -11.30 3.08
N SER B 34 -1.34 -12.36 3.82
CA SER B 34 -0.09 -12.38 4.58
C SER B 34 1.12 -12.75 3.75
N ARG B 35 0.93 -13.25 2.52
CA ARG B 35 2.05 -13.64 1.66
C ARG B 35 1.97 -12.78 0.41
N ARG B 36 3.04 -12.02 0.14
CA ARG B 36 3.02 -11.05 -0.96
C ARG B 36 4.24 -11.24 -1.86
N PRO B 37 4.41 -12.44 -2.42
CA PRO B 37 5.56 -12.66 -3.30
C PRO B 37 5.46 -11.93 -4.62
N LEU B 38 4.27 -11.47 -4.99
CA LEU B 38 4.09 -10.80 -6.27
C LEU B 38 3.87 -9.29 -6.11
N GLN B 39 4.18 -8.75 -4.93
CA GLN B 39 4.07 -7.32 -4.68
C GLN B 39 4.80 -6.50 -5.75
N GLY B 40 4.17 -5.41 -6.18
CA GLY B 40 4.74 -4.61 -7.24
C GLY B 40 3.73 -3.69 -7.89
N PRO B 41 2.81 -4.27 -8.68
CA PRO B 41 2.65 -5.71 -8.87
C PRO B 41 3.55 -6.37 -9.90
N ARG B 42 3.87 -7.63 -9.64
CA ARG B 42 4.41 -8.53 -10.65
C ARG B 42 3.26 -9.20 -11.37
N GLY B 43 3.50 -9.60 -12.63
CA GLY B 43 2.43 -10.19 -13.43
C GLY B 43 2.38 -11.71 -13.32
N VAL B 44 1.18 -12.25 -13.53
CA VAL B 44 0.97 -13.68 -13.77
C VAL B 44 0.02 -13.78 -14.96
N ALA B 45 0.35 -14.62 -15.94
CA ALA B 45 -0.53 -14.85 -17.07
C ALA B 45 -1.56 -15.90 -16.70
N VAL B 46 -2.81 -15.66 -17.04
CA VAL B 46 -3.89 -16.62 -16.84
C VAL B 46 -4.57 -16.77 -18.19
N ILE B 47 -4.28 -17.87 -18.88
CA ILE B 47 -4.66 -18.04 -20.28
C ILE B 47 -5.69 -19.15 -20.40
N PHE B 48 -6.81 -18.84 -21.07
CA PHE B 48 -7.87 -19.82 -21.32
C PHE B 48 -8.00 -20.11 -22.80
N ASP B 49 -7.68 -21.35 -23.21
CA ASP B 49 -8.07 -21.83 -24.53
C ASP B 49 -9.56 -22.07 -24.59
N LYS B 50 -10.19 -22.31 -23.44
CA LYS B 50 -11.62 -22.43 -23.28
C LYS B 50 -11.95 -21.81 -21.93
N ASN B 51 -12.97 -20.97 -21.88
CA ASN B 51 -13.23 -20.17 -20.69
C ASN B 51 -13.72 -21.03 -19.53
N SER B 52 -13.44 -20.57 -18.32
CA SER B 52 -13.97 -21.17 -17.10
C SER B 52 -14.12 -20.07 -16.05
N THR B 53 -15.36 -19.75 -15.68
CA THR B 53 -15.61 -18.62 -14.80
C THR B 53 -15.01 -18.84 -13.42
N ARG B 54 -15.26 -20.01 -12.82
CA ARG B 54 -14.71 -20.30 -11.50
C ARG B 54 -13.18 -20.37 -11.49
N THR B 55 -12.58 -20.82 -12.58
CA THR B 55 -11.13 -20.81 -12.64
C THR B 55 -10.62 -19.37 -12.75
N ARG B 56 -11.37 -18.54 -13.46
CA ARG B 56 -10.97 -17.15 -13.58
C ARG B 56 -11.07 -16.42 -12.25
N PHE B 57 -12.20 -16.54 -11.56
CA PHE B 57 -12.33 -15.86 -10.26
C PHE B 57 -11.26 -16.33 -9.28
N SER B 58 -11.09 -17.65 -9.15
CA SER B 58 -10.19 -18.16 -8.13
C SER B 58 -8.74 -17.76 -8.42
N PHE B 59 -8.29 -17.83 -9.68
CA PHE B 59 -6.90 -17.46 -9.94
C PHE B 59 -6.72 -15.94 -9.94
N GLU B 60 -7.64 -15.21 -10.56
CA GLU B 60 -7.45 -13.76 -10.67
C GLU B 60 -7.39 -13.11 -9.30
N LEU B 61 -8.32 -13.45 -8.42
CA LEU B 61 -8.30 -12.88 -7.07
C LEU B 61 -7.17 -13.42 -6.22
N GLY B 62 -6.83 -14.71 -6.39
CA GLY B 62 -5.71 -15.26 -5.65
C GLY B 62 -4.41 -14.55 -5.95
N ILE B 63 -4.16 -14.32 -7.25
CA ILE B 63 -2.96 -13.59 -7.68
C ILE B 63 -2.97 -12.19 -7.09
N ALA B 64 -4.11 -11.50 -7.16
CA ALA B 64 -4.20 -10.17 -6.59
C ALA B 64 -3.89 -10.16 -5.10
N GLN B 65 -4.34 -11.18 -4.37
CA GLN B 65 -4.13 -11.23 -2.92
C GLN B 65 -2.69 -11.58 -2.55
N LEU B 66 -1.91 -12.07 -3.52
CA LEU B 66 -0.46 -12.24 -3.39
C LEU B 66 0.28 -10.97 -3.78
N GLY B 67 -0.47 -9.90 -4.10
CA GLY B 67 0.13 -8.63 -4.48
C GLY B 67 0.31 -8.47 -5.96
N GLY B 68 -0.03 -9.48 -6.75
CA GLY B 68 0.26 -9.46 -8.17
C GLY B 68 -0.89 -8.89 -8.99
N HIS B 69 -0.70 -8.98 -10.31
CA HIS B 69 -1.73 -8.58 -11.26
C HIS B 69 -1.86 -9.70 -12.29
N ALA B 70 -3.02 -10.34 -12.34
CA ALA B 70 -3.29 -11.36 -13.35
C ALA B 70 -3.63 -10.69 -14.67
N VAL B 71 -2.91 -11.06 -15.73
CA VAL B 71 -3.32 -10.70 -17.08
C VAL B 71 -4.07 -11.89 -17.64
N VAL B 72 -5.38 -11.72 -17.79
CA VAL B 72 -6.28 -12.82 -18.14
C VAL B 72 -6.53 -12.78 -19.63
N VAL B 73 -6.23 -13.88 -20.32
CA VAL B 73 -6.37 -13.96 -21.77
C VAL B 73 -7.46 -14.99 -22.07
N ASP B 74 -8.53 -14.52 -22.71
CA ASP B 74 -9.70 -15.43 -22.90
C ASP B 74 -9.56 -16.27 -24.16
N SER B 75 -10.61 -17.02 -24.48
CA SER B 75 -10.60 -17.94 -25.62
C SER B 75 -10.86 -17.16 -26.90
N THR B 78 -6.85 -15.04 -30.16
CA THR B 78 -6.18 -16.05 -30.96
C THR B 78 -5.53 -17.09 -30.05
N GLN B 79 -5.76 -18.37 -30.36
CA GLN B 79 -5.26 -19.44 -29.51
C GLN B 79 -3.74 -19.54 -29.60
N LEU B 80 -3.12 -19.81 -28.44
CA LEU B 80 -1.67 -19.96 -28.37
C LEU B 80 -1.18 -21.02 -29.34
N GLY B 81 -0.17 -20.65 -30.13
CA GLY B 81 0.39 -21.52 -31.15
C GLY B 81 -0.03 -21.19 -32.57
N ARG B 82 -1.04 -20.34 -32.75
CA ARG B 82 -1.56 -20.08 -34.10
C ARG B 82 -0.80 -18.97 -34.80
N ASP B 83 -0.50 -17.88 -34.10
CA ASP B 83 0.14 -16.72 -34.73
C ASP B 83 1.65 -16.75 -34.63
N GLU B 84 2.19 -17.46 -33.64
CA GLU B 84 3.62 -17.69 -33.51
C GLU B 84 3.80 -19.02 -32.81
N THR B 85 5.02 -19.55 -32.88
CA THR B 85 5.30 -20.82 -32.22
C THR B 85 5.05 -20.72 -30.72
N LEU B 86 4.64 -21.83 -30.13
CA LEU B 86 4.48 -21.87 -28.69
C LEU B 86 5.78 -21.48 -27.98
N GLN B 87 6.92 -21.86 -28.56
CA GLN B 87 8.20 -21.55 -27.93
C GLN B 87 8.46 -20.04 -27.92
N ASP B 88 8.15 -19.36 -29.03
CA ASP B 88 8.28 -17.89 -29.04
C ASP B 88 7.35 -17.24 -28.02
N THR B 89 6.10 -17.72 -27.95
CA THR B 89 5.18 -17.18 -26.95
C THR B 89 5.70 -17.40 -25.53
N ALA B 90 6.26 -18.59 -25.26
CA ALA B 90 6.82 -18.89 -23.95
C ALA B 90 7.96 -17.91 -23.59
N LYS B 91 8.81 -17.58 -24.56
CA LYS B 91 9.91 -16.67 -24.26
C LYS B 91 9.40 -15.26 -23.96
N VAL B 92 8.42 -14.77 -24.72
CA VAL B 92 7.92 -13.43 -24.45
C VAL B 92 7.20 -13.39 -23.11
N LEU B 93 6.35 -14.40 -22.84
CA LEU B 93 5.65 -14.43 -21.56
C LEU B 93 6.63 -14.40 -20.39
N SER B 94 7.75 -15.11 -20.51
CA SER B 94 8.71 -15.19 -19.42
C SER B 94 9.35 -13.85 -19.11
N ARG B 95 9.31 -12.89 -20.05
CA ARG B 95 9.77 -11.54 -19.79
C ARG B 95 8.73 -10.67 -19.08
N TYR B 96 7.46 -11.05 -19.14
CA TYR B 96 6.38 -10.23 -18.64
C TYR B 96 5.81 -10.70 -17.32
N VAL B 97 5.85 -12.01 -17.06
CA VAL B 97 5.16 -12.56 -15.89
C VAL B 97 6.07 -13.48 -15.13
N ASP B 98 5.70 -13.74 -13.87
CA ASP B 98 6.46 -14.61 -12.99
C ASP B 98 5.91 -16.03 -12.97
N ALA B 99 4.79 -16.30 -13.63
CA ALA B 99 4.21 -17.63 -13.72
C ALA B 99 3.17 -17.62 -14.82
N ILE B 100 2.88 -18.80 -15.36
CA ILE B 100 1.92 -18.97 -16.45
C ILE B 100 0.90 -20.00 -16.02
N VAL B 101 -0.36 -19.58 -15.90
CA VAL B 101 -1.48 -20.45 -15.57
C VAL B 101 -2.25 -20.67 -16.87
N TRP B 102 -2.45 -21.93 -17.26
CA TRP B 102 -2.99 -22.21 -18.59
C TRP B 102 -4.05 -23.30 -18.53
N ARG B 103 -5.24 -22.98 -19.03
CA ARG B 103 -6.29 -23.98 -19.27
C ARG B 103 -6.25 -24.31 -20.75
N THR B 104 -5.85 -25.55 -21.08
CA THR B 104 -5.79 -25.95 -22.47
C THR B 104 -6.23 -27.40 -22.57
N PHE B 105 -6.23 -27.94 -23.78
CA PHE B 105 -6.82 -29.26 -23.99
C PHE B 105 -5.77 -30.36 -23.81
N GLY B 106 -4.87 -30.50 -24.77
CA GLY B 106 -3.95 -31.61 -24.76
C GLY B 106 -2.79 -31.39 -23.79
N GLN B 107 -2.46 -32.45 -23.06
CA GLN B 107 -1.38 -32.39 -22.08
C GLN B 107 -0.04 -32.09 -22.73
N GLU B 108 0.13 -32.48 -23.99
CA GLU B 108 1.41 -32.27 -24.66
C GLU B 108 1.72 -30.79 -24.84
N ARG B 109 0.70 -29.94 -24.96
CA ARG B 109 0.95 -28.50 -25.05
C ARG B 109 1.44 -27.94 -23.72
N LEU B 110 0.85 -28.38 -22.59
CA LEU B 110 1.37 -27.98 -21.29
C LEU B 110 2.81 -28.43 -21.11
N ASP B 111 3.10 -29.69 -21.47
CA ASP B 111 4.46 -30.20 -21.39
C ASP B 111 5.41 -29.35 -22.20
N ALA B 112 5.00 -28.99 -23.42
CA ALA B 112 5.84 -28.18 -24.29
C ALA B 112 6.09 -26.80 -23.71
N MET B 113 5.04 -26.18 -23.15
CA MET B 113 5.19 -24.88 -22.53
C MET B 113 6.14 -24.96 -21.34
N ALA B 114 5.98 -25.99 -20.50
CA ALA B 114 6.81 -26.09 -19.31
C ALA B 114 8.27 -26.37 -19.66
N SER B 115 8.52 -27.04 -20.79
CA SER B 115 9.89 -27.36 -21.16
C SER B 115 10.66 -26.15 -21.69
N VAL B 116 9.98 -25.09 -22.12
CA VAL B 116 10.61 -23.92 -22.69
C VAL B 116 10.56 -22.73 -21.74
N ALA B 117 9.44 -22.54 -21.04
CA ALA B 117 9.26 -21.36 -20.20
C ALA B 117 10.25 -21.38 -19.05
N THR B 118 10.75 -20.20 -18.68
CA THR B 118 11.67 -20.06 -17.57
C THR B 118 10.96 -19.58 -16.31
N VAL B 119 9.65 -19.78 -16.26
CA VAL B 119 8.83 -19.47 -15.08
C VAL B 119 7.92 -20.67 -14.85
N PRO B 120 7.38 -20.83 -13.64
CA PRO B 120 6.49 -21.98 -13.39
C PRO B 120 5.25 -21.94 -14.29
N VAL B 121 4.86 -23.12 -14.77
CA VAL B 121 3.66 -23.32 -15.55
C VAL B 121 2.69 -24.17 -14.74
N ILE B 122 1.43 -23.72 -14.63
CA ILE B 122 0.40 -24.40 -13.85
C ILE B 122 -0.73 -24.81 -14.80
N ASN B 123 -1.14 -26.09 -14.71
CA ASN B 123 -2.30 -26.58 -15.45
C ASN B 123 -3.57 -26.19 -14.70
N ALA B 124 -4.31 -25.22 -15.25
CA ALA B 124 -5.54 -24.76 -14.62
C ALA B 124 -6.67 -25.74 -14.82
N LEU B 125 -6.55 -26.62 -15.82
CA LEU B 125 -7.52 -27.64 -16.20
C LEU B 125 -7.14 -28.11 -17.60
N SER B 126 -7.04 -29.42 -17.82
CA SER B 126 -6.76 -29.95 -19.15
C SER B 126 -7.68 -31.15 -19.40
N ASP B 127 -7.61 -31.71 -20.61
CA ASP B 127 -8.41 -32.90 -20.88
C ASP B 127 -8.05 -34.05 -19.96
N GLU B 128 -6.78 -34.16 -19.58
CA GLU B 128 -6.31 -35.35 -18.86
C GLU B 128 -6.33 -35.19 -17.36
N PHE B 129 -6.11 -33.99 -16.84
CA PHE B 129 -5.91 -33.79 -15.41
C PHE B 129 -6.57 -32.49 -14.96
N HIS B 130 -6.97 -32.40 -13.69
CA HIS B 130 -7.50 -31.14 -13.06
C HIS B 130 -6.81 -31.07 -11.70
N PRO B 131 -5.46 -30.92 -11.62
CA PRO B 131 -4.76 -31.09 -10.35
C PRO B 131 -5.00 -29.95 -9.37
N CYS B 132 -5.35 -28.75 -9.85
CA CYS B 132 -5.66 -27.67 -8.90
C CYS B 132 -6.98 -27.93 -8.19
N GLN B 133 -7.96 -28.51 -8.90
CA GLN B 133 -9.21 -28.87 -8.25
C GLN B 133 -8.95 -29.90 -7.15
N VAL B 134 -8.06 -30.86 -7.41
CA VAL B 134 -7.83 -31.90 -6.40
C VAL B 134 -7.07 -31.34 -5.19
N LEU B 135 -6.18 -30.36 -5.38
CA LEU B 135 -5.63 -29.67 -4.21
C LEU B 135 -6.73 -29.05 -3.36
N ALA B 136 -7.70 -28.40 -4.01
CA ALA B 136 -8.82 -27.83 -3.25
C ALA B 136 -9.62 -28.93 -2.57
N ASP B 137 -9.81 -30.07 -3.25
CA ASP B 137 -10.55 -31.18 -2.65
C ASP B 137 -9.85 -31.71 -1.42
N LEU B 138 -8.52 -31.89 -1.51
CA LEU B 138 -7.75 -32.39 -0.38
C LEU B 138 -7.78 -31.41 0.79
N GLN B 139 -7.67 -30.10 0.51
CA GLN B 139 -7.81 -29.11 1.57
C GLN B 139 -9.15 -29.24 2.26
N THR B 140 -10.22 -29.42 1.48
CA THR B 140 -11.56 -29.52 2.04
C THR B 140 -11.71 -30.78 2.89
N ILE B 141 -11.19 -31.90 2.40
CA ILE B 141 -11.28 -33.14 3.17
C ILE B 141 -10.53 -32.99 4.50
N ALA B 142 -9.35 -32.38 4.44
CA ALA B 142 -8.54 -32.23 5.66
C ALA B 142 -9.26 -31.35 6.68
N GLU B 143 -9.95 -30.32 6.24
CA GLU B 143 -10.58 -29.47 7.26
C GLU B 143 -11.85 -30.12 7.82
N ARG B 144 -12.48 -31.07 7.11
CA ARG B 144 -13.61 -31.80 7.68
C ARG B 144 -13.19 -33.02 8.48
N LYS B 145 -12.08 -33.67 8.12
CA LYS B 145 -11.75 -34.98 8.70
C LYS B 145 -10.36 -35.09 9.31
N GLY B 146 -9.52 -34.07 9.18
CA GLY B 146 -8.20 -34.12 9.77
C GLY B 146 -7.21 -34.82 8.86
N ALA B 147 -6.54 -35.84 9.39
CA ALA B 147 -5.48 -36.51 8.65
C ALA B 147 -6.05 -37.19 7.42
N LEU B 148 -5.34 -37.03 6.28
CA LEU B 148 -5.81 -37.62 5.04
C LEU B 148 -5.40 -39.07 4.91
N ARG B 149 -4.23 -39.43 5.46
CA ARG B 149 -3.69 -40.77 5.28
C ARG B 149 -4.67 -41.81 5.80
N GLY B 150 -5.01 -42.77 4.94
CA GLY B 150 -5.89 -43.85 5.33
C GLY B 150 -7.36 -43.62 5.07
N LEU B 151 -7.77 -42.41 4.68
CA LEU B 151 -9.16 -42.21 4.31
C LEU B 151 -9.49 -43.01 3.05
N ARG B 152 -10.78 -43.28 2.88
CA ARG B 152 -11.31 -44.00 1.73
C ARG B 152 -12.17 -43.05 0.91
N LEU B 153 -11.76 -42.81 -0.33
CA LEU B 153 -12.45 -41.89 -1.22
C LEU B 153 -12.91 -42.65 -2.46
N SER B 154 -14.18 -42.47 -2.84
CA SER B 154 -14.71 -43.06 -4.04
C SER B 154 -15.24 -41.98 -4.97
N TYR B 155 -14.82 -42.07 -6.23
CA TYR B 155 -15.30 -41.20 -7.30
C TYR B 155 -16.24 -42.00 -8.18
N PHE B 156 -17.35 -41.37 -8.61
CA PHE B 156 -18.39 -42.05 -9.37
C PHE B 156 -18.66 -41.33 -10.67
N GLY B 157 -18.86 -42.12 -11.73
CA GLY B 157 -19.37 -41.55 -12.97
C GLY B 157 -18.51 -41.84 -14.17
N ASP B 158 -18.01 -40.79 -14.82
CA ASP B 158 -17.09 -40.94 -15.94
C ASP B 158 -15.67 -41.10 -15.38
N GLY B 159 -15.20 -42.34 -15.31
CA GLY B 159 -13.90 -42.64 -14.75
C GLY B 159 -12.72 -42.43 -15.67
N ALA B 160 -12.95 -41.91 -16.87
CA ALA B 160 -11.89 -41.67 -17.84
C ALA B 160 -11.53 -40.20 -17.95
N ASN B 161 -12.12 -39.32 -17.14
CA ASN B 161 -11.95 -37.89 -17.33
C ASN B 161 -10.86 -37.32 -16.42
N ASN B 162 -10.68 -36.00 -16.53
CA ASN B 162 -9.61 -35.34 -15.81
C ASN B 162 -9.76 -35.49 -14.29
N MET B 163 -11.00 -35.45 -13.78
CA MET B 163 -11.17 -35.55 -12.33
C MET B 163 -10.85 -36.95 -11.82
N ALA B 164 -11.26 -37.99 -12.55
CA ALA B 164 -10.91 -39.34 -12.13
C ALA B 164 -9.40 -39.51 -12.07
N HIS B 165 -8.71 -39.01 -13.10
CA HIS B 165 -7.26 -39.16 -13.13
C HIS B 165 -6.59 -38.40 -12.01
N SER B 166 -7.05 -37.18 -11.74
CA SER B 166 -6.41 -36.38 -10.71
C SER B 166 -6.76 -36.88 -9.31
N LEU B 167 -7.99 -37.36 -9.11
CA LEU B 167 -8.31 -37.91 -7.80
C LEU B 167 -7.46 -39.14 -7.53
N LEU B 168 -7.22 -39.97 -8.55
CA LEU B 168 -6.28 -41.08 -8.38
C LEU B 168 -4.89 -40.59 -8.00
N LEU B 169 -4.30 -39.72 -8.83
CA LEU B 169 -2.90 -39.35 -8.59
C LEU B 169 -2.75 -38.50 -7.33
N GLY B 170 -3.61 -37.50 -7.18
CA GLY B 170 -3.51 -36.64 -6.01
C GLY B 170 -3.94 -37.33 -4.74
N GLY B 171 -4.98 -38.17 -4.84
CA GLY B 171 -5.45 -38.91 -3.67
C GLY B 171 -4.39 -39.84 -3.13
N VAL B 172 -3.79 -40.66 -4.01
CA VAL B 172 -2.81 -41.61 -3.47
C VAL B 172 -1.57 -40.86 -2.98
N THR B 173 -1.25 -39.70 -3.57
CA THR B 173 -0.14 -38.91 -3.05
C THR B 173 -0.36 -38.48 -1.61
N ALA B 174 -1.63 -38.24 -1.23
CA ALA B 174 -2.01 -37.88 0.12
C ALA B 174 -2.19 -39.09 1.03
N GLY B 175 -2.00 -40.31 0.54
CA GLY B 175 -2.20 -41.50 1.35
C GLY B 175 -3.62 -42.00 1.41
N ILE B 176 -4.50 -41.51 0.52
CA ILE B 176 -5.91 -41.88 0.46
C ILE B 176 -6.07 -43.12 -0.41
N HIS B 177 -6.88 -44.07 0.07
CA HIS B 177 -7.32 -45.22 -0.74
C HIS B 177 -8.39 -44.75 -1.71
N VAL B 178 -8.08 -44.74 -3.00
CA VAL B 178 -8.96 -44.16 -4.01
C VAL B 178 -9.64 -45.27 -4.78
N THR B 179 -10.96 -45.17 -4.94
CA THR B 179 -11.74 -46.06 -5.78
C THR B 179 -12.41 -45.24 -6.87
N VAL B 180 -12.34 -45.72 -8.11
CA VAL B 180 -13.08 -45.14 -9.21
C VAL B 180 -14.15 -46.14 -9.62
N ALA B 181 -15.41 -45.72 -9.59
CA ALA B 181 -16.55 -46.54 -9.97
C ALA B 181 -17.16 -45.95 -11.23
N ALA B 182 -17.13 -46.71 -12.31
CA ALA B 182 -17.47 -46.23 -13.64
C ALA B 182 -17.88 -47.41 -14.51
N PRO B 183 -18.67 -47.18 -15.54
CA PRO B 183 -18.96 -48.27 -16.49
C PRO B 183 -17.73 -48.61 -17.33
N GLU B 184 -17.72 -49.84 -17.85
CA GLU B 184 -16.47 -50.37 -18.40
C GLU B 184 -15.95 -49.58 -19.60
N GLY B 185 -16.81 -48.82 -20.28
CA GLY B 185 -16.26 -48.03 -21.38
C GLY B 185 -15.62 -46.70 -20.97
N PHE B 186 -15.58 -46.41 -19.68
CA PHE B 186 -15.19 -45.09 -19.19
C PHE B 186 -14.36 -45.25 -17.93
N LEU B 187 -13.29 -46.03 -18.05
CA LEU B 187 -12.38 -46.32 -16.96
C LEU B 187 -11.11 -45.47 -17.05
N PRO B 188 -10.34 -45.36 -15.97
CA PRO B 188 -9.13 -44.53 -16.03
C PRO B 188 -8.15 -45.05 -17.08
N ASP B 189 -7.47 -44.09 -17.69
CA ASP B 189 -6.38 -44.42 -18.60
C ASP B 189 -5.41 -45.36 -17.88
N PRO B 190 -5.08 -46.51 -18.47
CA PRO B 190 -4.22 -47.47 -17.77
C PRO B 190 -2.85 -46.92 -17.40
N SER B 191 -2.31 -45.99 -18.18
CA SER B 191 -1.03 -45.39 -17.83
C SER B 191 -1.14 -44.53 -16.59
N VAL B 192 -2.22 -43.76 -16.48
CA VAL B 192 -2.46 -42.99 -15.27
C VAL B 192 -2.70 -43.91 -14.10
N ARG B 193 -3.50 -44.95 -14.30
CA ARG B 193 -3.79 -45.86 -13.20
C ARG B 193 -2.50 -46.52 -12.70
N ALA B 194 -1.61 -46.92 -13.62
CA ALA B 194 -0.35 -47.51 -13.22
C ALA B 194 0.52 -46.52 -12.45
N ALA B 195 0.51 -45.25 -12.88
CA ALA B 195 1.29 -44.24 -12.16
C ALA B 195 0.73 -44.03 -10.75
N ALA B 196 -0.59 -44.09 -10.60
CA ALA B 196 -1.18 -43.97 -9.27
C ALA B 196 -0.88 -45.20 -8.41
N GLU B 197 -0.90 -46.40 -9.01
CA GLU B 197 -0.56 -47.59 -8.24
C GLU B 197 0.89 -47.53 -7.73
N ARG B 198 1.81 -47.06 -8.57
CA ARG B 198 3.20 -46.93 -8.14
C ARG B 198 3.34 -45.88 -7.04
N ARG B 199 2.67 -44.74 -7.17
CA ARG B 199 2.74 -43.72 -6.13
C ARG B 199 2.13 -44.23 -4.82
N ALA B 200 1.03 -44.98 -4.91
CA ALA B 200 0.39 -45.51 -3.70
C ALA B 200 1.33 -46.41 -2.91
N GLN B 201 2.28 -47.07 -3.58
CA GLN B 201 3.22 -47.91 -2.86
C GLN B 201 4.09 -47.12 -1.88
N ASP B 202 4.30 -45.83 -2.14
CA ASP B 202 5.13 -45.01 -1.26
C ASP B 202 4.36 -44.42 -0.10
N THR B 203 3.03 -44.43 -0.15
CA THR B 203 2.22 -43.69 0.82
C THR B 203 1.29 -44.57 1.63
N GLY B 204 1.27 -45.88 1.39
CA GLY B 204 0.31 -46.74 2.06
C GLY B 204 -1.08 -46.73 1.44
N ALA B 205 -1.25 -46.05 0.32
CA ALA B 205 -2.55 -45.90 -0.33
C ALA B 205 -2.84 -47.11 -1.20
N SER B 206 -3.95 -47.04 -1.95
CA SER B 206 -4.29 -48.10 -2.87
C SER B 206 -5.16 -47.50 -3.97
N VAL B 207 -5.28 -48.25 -5.06
CA VAL B 207 -6.09 -47.91 -6.23
C VAL B 207 -7.06 -49.06 -6.49
N THR B 208 -8.35 -48.75 -6.60
CA THR B 208 -9.37 -49.70 -6.99
C THR B 208 -10.20 -49.12 -8.12
N VAL B 209 -10.40 -49.91 -9.18
CA VAL B 209 -11.30 -49.56 -10.27
C VAL B 209 -12.39 -50.62 -10.29
N THR B 210 -13.65 -50.18 -10.31
CA THR B 210 -14.78 -51.11 -10.23
C THR B 210 -15.92 -50.56 -11.06
N ALA B 211 -16.83 -51.44 -11.45
CA ALA B 211 -18.08 -51.03 -12.09
C ALA B 211 -19.27 -51.20 -11.15
N ASP B 212 -19.01 -51.45 -9.88
CA ASP B 212 -20.04 -51.72 -8.86
C ASP B 212 -20.14 -50.50 -7.96
N ALA B 213 -21.11 -49.63 -8.24
CA ALA B 213 -21.22 -48.39 -7.47
C ALA B 213 -21.52 -48.65 -6.00
N HIS B 214 -22.36 -49.65 -5.71
CA HIS B 214 -22.69 -49.92 -4.32
C HIS B 214 -21.48 -50.40 -3.54
N ALA B 215 -20.64 -51.24 -4.16
CA ALA B 215 -19.44 -51.68 -3.48
C ALA B 215 -18.50 -50.52 -3.22
N ALA B 216 -18.38 -49.60 -4.20
CA ALA B 216 -17.50 -48.46 -4.03
C ALA B 216 -18.01 -47.50 -2.96
N ALA B 217 -19.33 -47.39 -2.77
CA ALA B 217 -19.85 -46.51 -1.73
C ALA B 217 -19.64 -47.09 -0.34
N ALA B 218 -19.68 -48.42 -0.21
CA ALA B 218 -19.60 -49.06 1.11
C ALA B 218 -18.31 -48.68 1.82
N GLY B 219 -18.44 -48.15 3.03
CA GLY B 219 -17.28 -47.80 3.83
C GLY B 219 -16.54 -46.56 3.40
N ALA B 220 -17.08 -45.78 2.48
CA ALA B 220 -16.36 -44.61 2.00
C ALA B 220 -16.45 -43.46 2.98
N ASP B 221 -15.34 -42.74 3.13
CA ASP B 221 -15.32 -41.49 3.88
C ASP B 221 -15.68 -40.29 3.02
N VAL B 222 -15.40 -40.36 1.72
CA VAL B 222 -15.60 -39.23 0.81
C VAL B 222 -16.19 -39.80 -0.48
N LEU B 223 -17.29 -39.22 -0.96
CA LEU B 223 -17.87 -39.59 -2.24
C LEU B 223 -17.78 -38.37 -3.16
N VAL B 224 -17.35 -38.60 -4.40
CA VAL B 224 -17.07 -37.51 -5.32
C VAL B 224 -17.72 -37.85 -6.66
N THR B 225 -18.24 -36.83 -7.36
CA THR B 225 -18.65 -37.03 -8.73
C THR B 225 -18.39 -35.74 -9.51
N ASP B 226 -18.81 -35.73 -10.77
CA ASP B 226 -18.47 -34.72 -11.75
C ASP B 226 -19.47 -34.89 -12.88
N THR B 227 -19.68 -33.83 -13.67
CA THR B 227 -20.55 -34.02 -14.82
C THR B 227 -20.02 -35.15 -15.70
N TRP B 228 -20.95 -35.84 -16.33
CA TRP B 228 -20.61 -37.03 -17.11
C TRP B 228 -20.07 -36.72 -18.48
N THR B 229 -20.31 -35.51 -18.99
CA THR B 229 -19.93 -35.12 -20.32
C THR B 229 -19.73 -33.61 -20.32
N SER B 230 -18.78 -33.14 -21.12
CA SER B 230 -18.57 -31.72 -21.29
C SER B 230 -18.52 -31.37 -22.78
N LEU B 238 -31.93 -39.35 -27.65
CA LEU B 238 -31.03 -40.43 -27.23
C LEU B 238 -30.37 -40.10 -25.90
N ASP B 239 -30.45 -41.04 -24.95
CA ASP B 239 -29.80 -40.89 -23.64
C ASP B 239 -28.37 -41.41 -23.73
N ARG B 240 -27.49 -40.55 -24.25
CA ARG B 240 -26.08 -40.89 -24.36
C ARG B 240 -25.41 -41.08 -23.00
N VAL B 241 -25.96 -40.51 -21.93
CA VAL B 241 -25.38 -40.65 -20.61
C VAL B 241 -26.03 -41.77 -19.80
N LYS B 242 -26.91 -42.56 -20.43
CA LYS B 242 -27.48 -43.73 -19.78
C LYS B 242 -26.45 -44.62 -19.08
N PRO B 243 -25.26 -44.87 -19.63
CA PRO B 243 -24.30 -45.74 -18.93
C PRO B 243 -23.95 -45.26 -17.54
N PHE B 244 -24.02 -43.96 -17.31
CA PHE B 244 -23.56 -43.37 -16.06
C PHE B 244 -24.66 -43.29 -15.00
N ARG B 245 -25.94 -43.36 -15.40
CA ARG B 245 -26.99 -43.15 -14.41
C ARG B 245 -26.95 -44.10 -13.22
N PRO B 246 -26.55 -45.37 -13.35
CA PRO B 246 -26.42 -46.21 -12.13
C PRO B 246 -25.36 -45.71 -11.18
N PHE B 247 -24.51 -44.78 -11.61
CA PHE B 247 -23.44 -44.26 -10.81
C PHE B 247 -23.79 -42.90 -10.22
N GLN B 248 -25.05 -42.50 -10.33
CA GLN B 248 -25.51 -41.21 -9.75
C GLN B 248 -25.20 -41.15 -8.25
N LEU B 249 -24.69 -40.01 -7.82
CA LEU B 249 -24.44 -39.82 -6.37
C LEU B 249 -25.77 -39.34 -5.78
N ASN B 250 -26.48 -40.28 -5.21
CA ASN B 250 -27.82 -39.98 -4.68
C ASN B 250 -27.91 -40.39 -3.22
N SER B 251 -29.11 -40.22 -2.65
CA SER B 251 -29.23 -40.51 -1.23
C SER B 251 -29.06 -41.99 -0.94
N ARG B 252 -29.50 -42.87 -1.85
CA ARG B 252 -29.32 -44.30 -1.63
C ARG B 252 -27.84 -44.65 -1.59
N LEU B 253 -27.06 -44.09 -2.51
CA LEU B 253 -25.63 -44.36 -2.53
C LEU B 253 -24.97 -43.80 -1.28
N LEU B 254 -25.32 -42.57 -0.91
CA LEU B 254 -24.71 -41.95 0.27
C LEU B 254 -25.01 -42.75 1.53
N ALA B 255 -26.20 -43.34 1.62
CA ALA B 255 -26.56 -44.12 2.80
C ALA B 255 -25.74 -45.40 2.95
N LEU B 256 -25.07 -45.84 1.89
CA LEU B 256 -24.20 -47.02 1.99
C LEU B 256 -22.83 -46.65 2.55
N ALA B 257 -22.47 -45.39 2.52
CA ALA B 257 -21.13 -44.98 2.92
C ALA B 257 -21.07 -44.85 4.45
N ASP B 258 -19.91 -44.48 4.96
CA ASP B 258 -19.79 -44.15 6.39
C ASP B 258 -20.82 -43.10 6.79
N SER B 259 -21.28 -43.21 8.04
CA SER B 259 -22.32 -42.31 8.51
C SER B 259 -21.88 -40.85 8.51
N ASP B 260 -20.58 -40.58 8.60
CA ASP B 260 -20.08 -39.22 8.55
C ASP B 260 -19.34 -38.90 7.25
N ALA B 261 -19.70 -39.59 6.17
CA ALA B 261 -19.06 -39.33 4.88
C ALA B 261 -19.44 -37.94 4.38
N ILE B 262 -18.54 -37.36 3.58
CA ILE B 262 -18.82 -36.07 2.96
C ILE B 262 -18.84 -36.25 1.46
N VAL B 263 -19.43 -35.27 0.78
CA VAL B 263 -19.65 -35.32 -0.66
C VAL B 263 -18.94 -34.14 -1.31
N LEU B 264 -18.20 -34.41 -2.39
CA LEU B 264 -17.52 -33.40 -3.20
C LEU B 264 -18.01 -33.45 -4.63
N HIS B 265 -17.92 -32.31 -5.33
CA HIS B 265 -18.30 -32.19 -6.73
C HIS B 265 -17.58 -30.97 -7.28
N CYS B 266 -16.76 -31.15 -8.32
CA CYS B 266 -15.92 -30.05 -8.76
C CYS B 266 -16.68 -28.85 -9.32
N LEU B 267 -17.91 -29.03 -9.79
CA LEU B 267 -18.79 -28.01 -10.40
C LEU B 267 -18.36 -27.69 -11.83
N PRO B 268 -19.30 -27.30 -12.69
CA PRO B 268 -20.72 -27.11 -12.38
C PRO B 268 -21.45 -28.43 -12.21
N ALA B 269 -22.54 -28.41 -11.46
CA ALA B 269 -23.35 -29.60 -11.26
C ALA B 269 -24.58 -29.55 -12.14
N HIS B 270 -24.94 -30.71 -12.69
CA HIS B 270 -26.19 -30.85 -13.42
C HIS B 270 -27.11 -31.64 -12.48
N ARG B 271 -27.87 -30.92 -11.68
CA ARG B 271 -28.71 -31.55 -10.69
C ARG B 271 -29.73 -32.47 -11.36
N GLY B 272 -29.88 -33.67 -10.80
CA GLY B 272 -30.71 -34.70 -11.37
C GLY B 272 -29.97 -35.70 -12.23
N ASP B 273 -28.76 -35.34 -12.66
CA ASP B 273 -27.93 -36.26 -13.45
C ASP B 273 -26.92 -36.92 -12.52
N GLU B 274 -25.68 -36.41 -12.44
CA GLU B 274 -24.67 -37.09 -11.66
C GLU B 274 -24.86 -36.97 -10.15
N ILE B 275 -25.66 -36.00 -9.70
CA ILE B 275 -25.88 -35.76 -8.28
C ILE B 275 -27.31 -35.28 -8.13
N THR B 276 -27.91 -35.56 -6.99
CA THR B 276 -29.28 -35.11 -6.73
C THR B 276 -29.29 -33.84 -5.88
N ASP B 277 -30.42 -33.13 -5.92
CA ASP B 277 -30.56 -31.96 -5.06
C ASP B 277 -30.39 -32.32 -3.58
N ALA B 278 -31.01 -33.42 -3.17
CA ALA B 278 -30.98 -33.79 -1.75
C ALA B 278 -29.55 -33.98 -1.26
N VAL B 279 -28.69 -34.59 -2.09
CA VAL B 279 -27.31 -34.78 -1.67
C VAL B 279 -26.53 -33.46 -1.75
N MET B 280 -26.71 -32.72 -2.83
CA MET B 280 -25.86 -31.54 -3.02
C MET B 280 -26.18 -30.45 -2.00
N ASP B 281 -27.44 -30.35 -1.57
CA ASP B 281 -27.84 -29.35 -0.58
C ASP B 281 -27.96 -29.90 0.83
N GLY B 282 -27.63 -31.18 1.05
CA GLY B 282 -27.78 -31.82 2.33
C GLY B 282 -26.56 -31.67 3.22
N PRO B 283 -26.63 -32.24 4.42
CA PRO B 283 -25.58 -31.96 5.42
C PRO B 283 -24.24 -32.63 5.12
N ALA B 284 -24.19 -33.63 4.24
CA ALA B 284 -22.93 -34.26 3.89
C ALA B 284 -22.17 -33.47 2.84
N SER B 285 -22.83 -32.52 2.19
CA SER B 285 -22.20 -31.83 1.07
C SER B 285 -21.13 -30.85 1.56
N ALA B 286 -19.95 -30.93 0.94
CA ALA B 286 -18.88 -29.98 1.19
C ALA B 286 -18.58 -29.15 -0.06
N VAL B 287 -19.52 -29.10 -0.99
CA VAL B 287 -19.25 -28.59 -2.33
C VAL B 287 -18.94 -27.09 -2.32
N TRP B 288 -19.56 -26.31 -1.43
CA TRP B 288 -19.31 -24.87 -1.46
C TRP B 288 -17.98 -24.52 -0.80
N ASP B 289 -17.64 -25.21 0.30
CA ASP B 289 -16.28 -25.05 0.87
C ASP B 289 -15.23 -25.49 -0.14
N GLU B 290 -15.49 -26.60 -0.83
CA GLU B 290 -14.59 -27.08 -1.87
C GLU B 290 -14.37 -26.03 -2.95
N ALA B 291 -15.45 -25.39 -3.39
CA ALA B 291 -15.29 -24.33 -4.39
C ALA B 291 -14.47 -23.16 -3.85
N GLU B 292 -14.77 -22.74 -2.62
CA GLU B 292 -13.99 -21.66 -2.01
C GLU B 292 -12.52 -22.01 -1.97
N ASN B 293 -12.21 -23.27 -1.66
CA ASN B 293 -10.82 -23.67 -1.48
C ASN B 293 -10.02 -23.72 -2.77
N ARG B 294 -10.66 -23.61 -3.94
CA ARG B 294 -9.89 -23.37 -5.15
C ARG B 294 -9.01 -22.13 -4.99
N LEU B 295 -9.56 -21.07 -4.40
CA LEU B 295 -8.78 -19.84 -4.23
C LEU B 295 -7.60 -20.08 -3.31
N HIS B 296 -7.83 -20.66 -2.12
CA HIS B 296 -6.76 -20.82 -1.15
C HIS B 296 -5.70 -21.81 -1.61
N ALA B 297 -6.12 -22.95 -2.19
CA ALA B 297 -5.14 -23.96 -2.57
C ALA B 297 -4.31 -23.51 -3.77
N GLN B 298 -4.91 -22.82 -4.73
CA GLN B 298 -4.13 -22.32 -5.86
C GLN B 298 -3.18 -21.22 -5.43
N LYS B 299 -3.58 -20.40 -4.45
CA LYS B 299 -2.68 -19.39 -3.91
C LYS B 299 -1.47 -20.06 -3.28
N ALA B 300 -1.71 -21.10 -2.47
CA ALA B 300 -0.62 -21.83 -1.83
C ALA B 300 0.29 -22.45 -2.88
N LEU B 301 -0.28 -23.07 -3.89
CA LEU B 301 0.54 -23.64 -4.98
C LEU B 301 1.45 -22.57 -5.62
N LEU B 302 0.89 -21.41 -5.92
CA LEU B 302 1.70 -20.35 -6.57
C LEU B 302 2.85 -19.90 -5.64
N VAL B 303 2.51 -19.65 -4.39
CA VAL B 303 3.55 -19.25 -3.42
C VAL B 303 4.65 -20.31 -3.40
N TRP B 304 4.25 -21.58 -3.34
CA TRP B 304 5.23 -22.65 -3.22
C TRP B 304 6.09 -22.76 -4.48
N LEU B 305 5.46 -22.70 -5.66
CA LEU B 305 6.23 -22.79 -6.89
C LEU B 305 7.15 -21.59 -7.08
N LEU B 306 6.66 -20.39 -6.75
CA LEU B 306 7.47 -19.19 -6.93
C LEU B 306 8.72 -19.23 -6.06
N GLU B 307 8.59 -19.76 -4.85
CA GLU B 307 9.78 -19.77 -3.99
C GLU B 307 10.75 -20.88 -4.37
N ARG B 308 10.32 -21.85 -5.14
CA ARG B 308 11.26 -22.90 -5.60
C ARG B 308 11.72 -22.59 -7.01
N SER B 309 11.38 -21.44 -7.57
CA SER B 309 11.77 -21.20 -8.95
C SER B 309 12.59 -19.93 -9.06
N SER C 2 -26.35 -10.59 10.15
CA SER C 2 -26.93 -9.45 9.46
C SER C 2 -27.82 -9.90 8.30
N VAL C 3 -28.86 -9.12 8.02
CA VAL C 3 -29.57 -9.27 6.76
C VAL C 3 -28.64 -8.82 5.64
N ILE C 4 -28.49 -9.65 4.62
CA ILE C 4 -27.72 -9.26 3.43
C ILE C 4 -28.59 -8.31 2.61
N ARG C 5 -28.08 -7.12 2.33
CA ARG C 5 -28.84 -6.12 1.57
C ARG C 5 -28.46 -6.18 0.09
N HIS C 6 -29.47 -6.09 -0.76
CA HIS C 6 -29.28 -6.09 -2.21
C HIS C 6 -29.82 -4.78 -2.78
N PHE C 7 -29.48 -4.50 -4.03
CA PHE C 7 -29.99 -3.30 -4.69
C PHE C 7 -30.33 -3.69 -6.12
N LEU C 8 -31.56 -4.18 -6.31
CA LEU C 8 -32.00 -4.71 -7.59
C LEU C 8 -32.93 -3.76 -8.32
N ARG C 9 -33.51 -2.82 -7.58
CA ARG C 9 -34.46 -1.83 -8.08
C ARG C 9 -34.44 -0.71 -7.05
N ASP C 10 -34.90 0.48 -7.47
CA ASP C 10 -34.54 1.70 -6.73
C ASP C 10 -35.15 1.71 -5.34
N ASP C 11 -36.33 1.12 -5.17
CA ASP C 11 -37.04 1.14 -3.90
C ASP C 11 -36.55 0.07 -2.95
N ASP C 12 -35.47 -0.66 -3.31
CA ASP C 12 -34.81 -1.50 -2.32
C ASP C 12 -34.14 -0.66 -1.23
N LEU C 13 -33.93 0.62 -1.47
CA LEU C 13 -33.54 1.57 -0.43
C LEU C 13 -34.80 2.30 0.04
N SER C 14 -34.96 2.43 1.35
CA SER C 14 -35.97 3.29 1.91
C SER C 14 -35.60 4.74 1.65
N PRO C 15 -36.53 5.67 1.85
CA PRO C 15 -36.16 7.09 1.74
C PRO C 15 -34.97 7.48 2.61
N ALA C 16 -34.93 7.05 3.87
CA ALA C 16 -33.81 7.44 4.73
C ALA C 16 -32.52 6.78 4.25
N GLU C 17 -32.62 5.53 3.80
CA GLU C 17 -31.44 4.84 3.31
C GLU C 17 -30.91 5.47 2.05
N GLN C 18 -31.80 5.84 1.12
CA GLN C 18 -31.35 6.49 -0.09
C GLN C 18 -30.63 7.80 0.23
N ALA C 19 -31.15 8.56 1.19
CA ALA C 19 -30.47 9.80 1.58
C ALA C 19 -29.07 9.53 2.11
N GLU C 20 -28.91 8.45 2.91
CA GLU C 20 -27.58 8.07 3.39
C GLU C 20 -26.63 7.77 2.24
N VAL C 21 -27.09 7.01 1.25
CA VAL C 21 -26.23 6.67 0.12
C VAL C 21 -25.84 7.92 -0.65
N LEU C 22 -26.81 8.82 -0.88
CA LEU C 22 -26.50 10.02 -1.64
C LEU C 22 -25.56 10.94 -0.87
N GLU C 23 -25.70 11.01 0.46
CA GLU C 23 -24.73 11.78 1.25
C GLU C 23 -23.33 11.20 1.12
N LEU C 24 -23.24 9.87 1.21
CA LEU C 24 -21.97 9.18 1.02
C LEU C 24 -21.39 9.46 -0.37
N ALA C 25 -22.25 9.54 -1.37
CA ALA C 25 -21.75 9.80 -2.73
C ALA C 25 -21.08 11.16 -2.82
N ALA C 26 -21.65 12.17 -2.15
CA ALA C 26 -21.00 13.48 -2.15
C ALA C 26 -19.68 13.43 -1.40
N GLU C 27 -19.64 12.69 -0.28
CA GLU C 27 -18.40 12.58 0.48
C GLU C 27 -17.32 11.90 -0.33
N LEU C 28 -17.69 10.83 -1.04
CA LEU C 28 -16.71 10.10 -1.84
C LEU C 28 -16.28 10.87 -3.07
N LYS C 29 -17.16 11.71 -3.63
CA LYS C 29 -16.73 12.57 -4.73
C LYS C 29 -15.63 13.51 -4.27
N LYS C 30 -15.75 14.03 -3.04
CA LYS C 30 -14.74 14.93 -2.49
C LYS C 30 -13.44 14.20 -2.16
N ASP C 31 -13.54 12.98 -1.64
CA ASP C 31 -12.39 12.24 -1.10
C ASP C 31 -12.47 10.80 -1.62
N PRO C 32 -12.06 10.58 -2.87
CA PRO C 32 -12.41 9.31 -3.55
C PRO C 32 -11.70 8.07 -3.04
N VAL C 33 -10.62 8.18 -2.27
CA VAL C 33 -9.95 6.99 -1.78
C VAL C 33 -9.95 6.95 -0.25
N SER C 34 -10.87 7.68 0.37
CA SER C 34 -10.94 7.77 1.83
C SER C 34 -11.66 6.58 2.48
N ARG C 35 -12.40 5.80 1.71
CA ARG C 35 -13.10 4.62 2.21
C ARG C 35 -12.53 3.39 1.52
N ARG C 36 -12.00 2.45 2.30
CA ARG C 36 -11.32 1.29 1.73
C ARG C 36 -11.85 -0.02 2.32
N PRO C 37 -13.16 -0.25 2.26
CA PRO C 37 -13.70 -1.48 2.83
C PRO C 37 -13.28 -2.73 2.10
N LEU C 38 -12.79 -2.61 0.86
CA LEU C 38 -12.40 -3.76 0.06
C LEU C 38 -10.90 -3.92 0.01
N GLN C 39 -10.17 -3.22 0.89
CA GLN C 39 -8.71 -3.36 0.91
C GLN C 39 -8.31 -4.81 1.12
N GLY C 40 -7.18 -5.19 0.53
CA GLY C 40 -6.71 -6.55 0.60
C GLY C 40 -5.85 -6.96 -0.58
N PRO C 41 -6.46 -7.04 -1.79
CA PRO C 41 -7.85 -6.70 -2.10
C PRO C 41 -8.85 -7.81 -1.84
N ARG C 42 -10.05 -7.38 -1.46
CA ARG C 42 -11.23 -8.22 -1.59
C ARG C 42 -11.76 -8.10 -3.01
N GLY C 43 -12.51 -9.12 -3.44
CA GLY C 43 -13.07 -9.14 -4.77
C GLY C 43 -14.49 -8.61 -4.87
N VAL C 44 -14.83 -8.15 -6.07
CA VAL C 44 -16.21 -7.85 -6.43
C VAL C 44 -16.41 -8.41 -7.83
N ALA C 45 -17.48 -9.18 -8.03
CA ALA C 45 -17.77 -9.68 -9.37
C ALA C 45 -18.47 -8.58 -10.16
N VAL C 46 -18.06 -8.38 -11.41
CA VAL C 46 -18.74 -7.46 -12.32
C VAL C 46 -19.03 -8.25 -13.59
N ILE C 47 -20.27 -8.69 -13.75
CA ILE C 47 -20.64 -9.67 -14.76
C ILE C 47 -21.60 -9.02 -15.75
N PHE C 48 -21.31 -9.18 -17.04
CA PHE C 48 -22.16 -8.62 -18.10
C PHE C 48 -22.75 -9.75 -18.94
N ASP C 49 -24.09 -9.88 -18.92
CA ASP C 49 -24.75 -10.71 -19.93
C ASP C 49 -24.82 -9.98 -21.27
N LYS C 50 -24.79 -8.65 -21.23
CA LYS C 50 -24.63 -7.82 -22.42
C LYS C 50 -23.66 -6.72 -22.03
N ASN C 51 -22.65 -6.49 -22.86
CA ASN C 51 -21.63 -5.51 -22.48
C ASN C 51 -22.20 -4.11 -22.37
N SER C 52 -21.63 -3.34 -21.45
CA SER C 52 -21.89 -1.92 -21.34
C SER C 52 -20.57 -1.30 -20.89
N THR C 53 -19.84 -0.73 -21.84
CA THR C 53 -18.49 -0.27 -21.51
C THR C 53 -18.50 0.85 -20.46
N ARG C 54 -19.52 1.70 -20.48
CA ARG C 54 -19.52 2.81 -19.52
C ARG C 54 -19.93 2.33 -18.12
N THR C 55 -20.75 1.28 -18.02
CA THR C 55 -20.94 0.59 -16.76
C THR C 55 -19.64 -0.05 -16.28
N ARG C 56 -18.86 -0.60 -17.21
CA ARG C 56 -17.60 -1.25 -16.84
C ARG C 56 -16.62 -0.24 -16.26
N PHE C 57 -16.44 0.90 -16.92
CA PHE C 57 -15.51 1.91 -16.41
C PHE C 57 -15.88 2.35 -15.00
N SER C 58 -17.15 2.71 -14.79
CA SER C 58 -17.51 3.26 -13.49
C SER C 58 -17.38 2.21 -12.40
N PHE C 59 -17.84 0.98 -12.63
CA PHE C 59 -17.73 -0.01 -11.54
C PHE C 59 -16.30 -0.47 -11.34
N GLU C 60 -15.58 -0.74 -12.42
CA GLU C 60 -14.25 -1.33 -12.27
C GLU C 60 -13.33 -0.35 -11.55
N LEU C 61 -13.41 0.94 -11.88
CA LEU C 61 -12.56 1.90 -11.19
C LEU C 61 -13.07 2.23 -9.79
N GLY C 62 -14.39 2.26 -9.61
CA GLY C 62 -14.91 2.50 -8.28
C GLY C 62 -14.51 1.42 -7.30
N ILE C 63 -14.61 0.15 -7.72
CA ILE C 63 -14.21 -0.95 -6.86
C ILE C 63 -12.72 -0.84 -6.51
N ALA C 64 -11.90 -0.53 -7.50
CA ALA C 64 -10.47 -0.35 -7.26
C ALA C 64 -10.21 0.75 -6.25
N GLN C 65 -10.96 1.85 -6.33
CA GLN C 65 -10.76 2.99 -5.43
C GLN C 65 -11.27 2.71 -4.02
N LEU C 66 -12.05 1.66 -3.83
CA LEU C 66 -12.40 1.16 -2.50
C LEU C 66 -11.38 0.16 -2.00
N GLY C 67 -10.31 -0.03 -2.75
CA GLY C 67 -9.25 -0.96 -2.42
C GLY C 67 -9.42 -2.36 -2.94
N GLY C 68 -10.52 -2.64 -3.66
CA GLY C 68 -10.82 -3.99 -4.09
C GLY C 68 -10.31 -4.29 -5.49
N HIS C 69 -10.61 -5.52 -5.93
CA HIS C 69 -10.27 -5.97 -7.27
C HIS C 69 -11.52 -6.45 -7.95
N ALA C 70 -11.90 -5.79 -9.04
CA ALA C 70 -13.07 -6.24 -9.81
C ALA C 70 -12.66 -7.37 -10.74
N VAL C 71 -13.40 -8.46 -10.69
CA VAL C 71 -13.26 -9.55 -11.66
C VAL C 71 -14.36 -9.32 -12.67
N VAL C 72 -13.97 -8.89 -13.87
CA VAL C 72 -14.93 -8.44 -14.88
C VAL C 72 -15.13 -9.56 -15.88
N VAL C 73 -16.38 -9.99 -16.05
CA VAL C 73 -16.73 -11.06 -16.98
C VAL C 73 -17.64 -10.47 -18.05
N ASP C 74 -17.18 -10.49 -19.30
CA ASP C 74 -17.99 -9.95 -20.38
C ASP C 74 -18.91 -11.03 -20.97
N SER C 75 -19.81 -10.62 -21.85
CA SER C 75 -20.60 -11.61 -22.58
C SER C 75 -19.67 -12.43 -23.46
N GLY C 76 -20.07 -13.66 -23.74
CA GLY C 76 -19.25 -14.51 -24.57
C GLY C 76 -18.51 -15.61 -23.83
N SER C 77 -18.55 -15.61 -22.50
CA SER C 77 -18.37 -16.85 -21.77
C SER C 77 -19.73 -17.53 -21.70
N THR C 78 -19.79 -18.72 -21.10
CA THR C 78 -21.07 -19.40 -20.95
C THR C 78 -22.03 -18.48 -20.21
N GLN C 79 -23.08 -18.00 -20.91
CA GLN C 79 -24.08 -17.14 -20.26
C GLN C 79 -24.51 -17.76 -18.94
N LEU C 80 -24.51 -16.95 -17.89
CA LEU C 80 -24.94 -17.48 -16.60
C LEU C 80 -26.33 -18.09 -16.72
N GLY C 81 -26.51 -19.23 -16.04
CA GLY C 81 -27.75 -19.96 -16.07
C GLY C 81 -27.79 -21.11 -17.05
N ARG C 82 -26.76 -21.26 -17.90
CA ARG C 82 -26.78 -22.31 -18.91
C ARG C 82 -26.17 -23.62 -18.41
N ASP C 83 -24.96 -23.58 -17.82
CA ASP C 83 -24.34 -24.84 -17.41
C ASP C 83 -24.53 -25.16 -15.93
N GLU C 84 -25.13 -24.26 -15.16
CA GLU C 84 -25.53 -24.54 -13.79
C GLU C 84 -26.59 -23.51 -13.43
N THR C 85 -27.33 -23.78 -12.36
CA THR C 85 -28.37 -22.84 -11.96
C THR C 85 -27.76 -21.51 -11.52
N LEU C 86 -28.53 -20.45 -11.66
CA LEU C 86 -28.11 -19.14 -11.17
C LEU C 86 -27.86 -19.18 -9.67
N GLN C 87 -28.64 -19.97 -8.93
CA GLN C 87 -28.44 -20.09 -7.49
C GLN C 87 -27.08 -20.71 -7.17
N ASP C 88 -26.70 -21.76 -7.90
CA ASP C 88 -25.38 -22.35 -7.69
C ASP C 88 -24.28 -21.35 -8.02
N THR C 89 -24.45 -20.58 -9.10
CA THR C 89 -23.47 -19.55 -9.41
C THR C 89 -23.35 -18.54 -8.29
N ALA C 90 -24.50 -18.12 -7.75
CA ALA C 90 -24.46 -17.14 -6.65
C ALA C 90 -23.78 -17.72 -5.42
N LYS C 91 -23.99 -19.00 -5.12
CA LYS C 91 -23.36 -19.57 -3.93
C LYS C 91 -21.85 -19.66 -4.09
N VAL C 92 -21.38 -19.96 -5.30
CA VAL C 92 -19.93 -20.03 -5.50
C VAL C 92 -19.32 -18.64 -5.53
N LEU C 93 -19.98 -17.68 -6.22
CA LEU C 93 -19.45 -16.33 -6.24
C LEU C 93 -19.35 -15.77 -4.83
N SER C 94 -20.31 -16.09 -3.96
CA SER C 94 -20.30 -15.61 -2.59
C SER C 94 -19.07 -16.08 -1.82
N ARG C 95 -18.40 -17.14 -2.26
CA ARG C 95 -17.17 -17.60 -1.63
C ARG C 95 -15.92 -16.89 -2.16
N TYR C 96 -16.01 -16.22 -3.31
CA TYR C 96 -14.84 -15.56 -3.89
C TYR C 96 -14.89 -14.05 -3.74
N VAL C 97 -16.08 -13.44 -3.77
CA VAL C 97 -16.19 -11.99 -3.77
C VAL C 97 -17.08 -11.51 -2.64
N ASP C 98 -16.99 -10.21 -2.35
CA ASP C 98 -17.75 -9.59 -1.28
C ASP C 98 -19.04 -8.91 -1.76
N ALA C 99 -19.24 -8.84 -3.08
CA ALA C 99 -20.44 -8.28 -3.70
C ALA C 99 -20.46 -8.76 -5.15
N ILE C 100 -21.67 -8.81 -5.71
CA ILE C 100 -21.89 -9.24 -7.09
C ILE C 100 -22.61 -8.13 -7.83
N VAL C 101 -21.96 -7.58 -8.86
CA VAL C 101 -22.54 -6.55 -9.72
C VAL C 101 -22.88 -7.22 -11.03
N TRP C 102 -24.13 -7.09 -11.48
CA TRP C 102 -24.57 -7.88 -12.62
C TRP C 102 -25.46 -7.05 -13.53
N ARG C 103 -25.13 -7.08 -14.82
CA ARG C 103 -25.97 -6.46 -15.87
C ARG C 103 -26.63 -7.63 -16.60
N THR C 104 -27.94 -7.73 -16.45
CA THR C 104 -28.66 -8.86 -17.06
C THR C 104 -29.96 -8.38 -17.69
N PHE C 105 -30.87 -9.32 -17.91
CA PHE C 105 -32.09 -9.00 -18.68
C PHE C 105 -33.28 -8.97 -17.73
N GLY C 106 -33.93 -10.10 -17.58
CA GLY C 106 -35.13 -10.14 -16.75
C GLY C 106 -34.86 -10.02 -15.28
N GLN C 107 -35.75 -9.34 -14.58
CA GLN C 107 -35.60 -9.16 -13.12
C GLN C 107 -35.57 -10.51 -12.41
N GLU C 108 -36.27 -11.51 -12.94
CA GLU C 108 -36.28 -12.79 -12.24
C GLU C 108 -34.88 -13.38 -12.10
N ARG C 109 -33.97 -13.03 -13.01
CA ARG C 109 -32.61 -13.53 -12.93
C ARG C 109 -31.88 -12.90 -11.75
N LEU C 110 -32.02 -11.58 -11.59
CA LEU C 110 -31.46 -10.91 -10.42
C LEU C 110 -32.06 -11.45 -9.12
N ASP C 111 -33.39 -11.63 -9.11
CA ASP C 111 -34.04 -12.22 -7.93
C ASP C 111 -33.47 -13.58 -7.60
N ALA C 112 -33.18 -14.39 -8.63
CA ALA C 112 -32.66 -15.74 -8.39
C ALA C 112 -31.32 -15.70 -7.66
N MET C 113 -30.38 -14.87 -8.13
CA MET C 113 -29.12 -14.79 -7.40
C MET C 113 -29.29 -14.19 -6.01
N ALA C 114 -30.05 -13.12 -5.90
CA ALA C 114 -30.19 -12.48 -4.59
C ALA C 114 -30.88 -13.41 -3.59
N SER C 115 -31.63 -14.40 -4.06
CA SER C 115 -32.36 -15.27 -3.15
C SER C 115 -31.43 -16.14 -2.31
N VAL C 116 -30.21 -16.41 -2.77
CA VAL C 116 -29.32 -17.29 -2.03
C VAL C 116 -27.95 -16.68 -1.76
N ALA C 117 -27.63 -15.57 -2.41
CA ALA C 117 -26.29 -15.01 -2.25
C ALA C 117 -26.07 -14.57 -0.80
N THR C 118 -24.86 -14.76 -0.29
CA THR C 118 -24.53 -14.28 1.04
C THR C 118 -23.76 -12.98 0.99
N VAL C 119 -23.73 -12.34 -0.17
CA VAL C 119 -23.14 -11.01 -0.37
C VAL C 119 -24.14 -10.17 -1.15
N PRO C 120 -24.02 -8.84 -1.08
CA PRO C 120 -24.94 -7.97 -1.83
C PRO C 120 -24.89 -8.22 -3.32
N VAL C 121 -26.07 -8.27 -3.92
CA VAL C 121 -26.24 -8.31 -5.38
C VAL C 121 -26.75 -6.95 -5.83
N ILE C 122 -26.11 -6.40 -6.87
CA ILE C 122 -26.39 -5.06 -7.37
C ILE C 122 -26.76 -5.18 -8.85
N ASN C 123 -27.90 -4.60 -9.21
CA ASN C 123 -28.32 -4.51 -10.60
C ASN C 123 -27.55 -3.38 -11.29
N ALA C 124 -26.60 -3.75 -12.16
CA ALA C 124 -25.80 -2.74 -12.85
C ALA C 124 -26.58 -2.02 -13.93
N LEU C 125 -27.66 -2.64 -14.41
CA LEU C 125 -28.47 -2.28 -15.57
C LEU C 125 -29.28 -3.52 -15.93
N SER C 126 -30.59 -3.42 -16.01
CA SER C 126 -31.42 -4.55 -16.42
C SER C 126 -32.50 -4.07 -17.40
N ASP C 127 -33.31 -5.02 -17.88
CA ASP C 127 -34.39 -4.65 -18.80
C ASP C 127 -35.40 -3.75 -18.11
N GLU C 128 -35.67 -4.01 -16.84
CA GLU C 128 -36.77 -3.33 -16.16
C GLU C 128 -36.34 -2.12 -15.35
N PHE C 129 -35.10 -2.07 -14.87
CA PHE C 129 -34.66 -0.99 -14.00
C PHE C 129 -33.23 -0.61 -14.34
N HIS C 130 -32.84 0.62 -14.01
CA HIS C 130 -31.45 1.12 -14.13
C HIS C 130 -31.20 1.91 -12.83
N PRO C 131 -31.20 1.27 -11.64
CA PRO C 131 -31.23 2.03 -10.40
C PRO C 131 -29.91 2.69 -10.05
N CYS C 132 -28.79 2.16 -10.53
CA CYS C 132 -27.51 2.83 -10.30
C CYS C 132 -27.41 4.12 -11.10
N GLN C 133 -27.96 4.13 -12.32
CA GLN C 133 -27.98 5.38 -13.08
C GLN C 133 -28.81 6.43 -12.35
N VAL C 134 -29.93 6.02 -11.76
CA VAL C 134 -30.77 7.02 -11.12
C VAL C 134 -30.13 7.52 -9.83
N LEU C 135 -29.33 6.70 -9.12
CA LEU C 135 -28.56 7.26 -8.00
C LEU C 135 -27.62 8.36 -8.50
N ALA C 136 -26.93 8.11 -9.61
CA ALA C 136 -26.06 9.13 -10.19
C ALA C 136 -26.87 10.36 -10.60
N ASP C 137 -28.06 10.15 -11.18
CA ASP C 137 -28.92 11.28 -11.53
C ASP C 137 -29.28 12.11 -10.31
N LEU C 138 -29.71 11.43 -9.23
CA LEU C 138 -30.09 12.15 -8.02
C LEU C 138 -28.92 12.89 -7.39
N GLN C 139 -27.72 12.28 -7.42
CA GLN C 139 -26.54 12.99 -6.94
C GLN C 139 -26.29 14.25 -7.76
N THR C 140 -26.44 14.15 -9.09
CA THR C 140 -26.23 15.30 -9.96
C THR C 140 -27.23 16.40 -9.66
N ILE C 141 -28.51 16.02 -9.50
CA ILE C 141 -29.54 17.00 -9.19
C ILE C 141 -29.24 17.66 -7.85
N ALA C 142 -28.87 16.88 -6.84
CA ALA C 142 -28.61 17.45 -5.53
C ALA C 142 -27.43 18.43 -5.56
N GLU C 143 -26.39 18.13 -6.33
CA GLU C 143 -25.25 19.02 -6.23
C GLU C 143 -25.51 20.33 -6.98
N ARG C 144 -26.52 20.36 -7.84
CA ARG C 144 -26.89 21.60 -8.51
C ARG C 144 -28.05 22.32 -7.85
N LYS C 145 -28.92 21.63 -7.12
CA LYS C 145 -30.14 22.24 -6.64
C LYS C 145 -30.40 22.05 -5.15
N GLY C 146 -29.59 21.26 -4.45
CA GLY C 146 -29.74 21.11 -3.01
C GLY C 146 -30.75 20.05 -2.67
N ALA C 147 -31.73 20.41 -1.84
CA ALA C 147 -32.71 19.44 -1.37
C ALA C 147 -33.52 18.88 -2.52
N LEU C 148 -33.71 17.55 -2.52
CA LEU C 148 -34.47 16.91 -3.59
C LEU C 148 -35.98 16.93 -3.35
N ARG C 149 -36.43 16.92 -2.10
CA ARG C 149 -37.86 16.84 -1.87
C ARG C 149 -38.58 18.03 -2.47
N GLY C 150 -39.62 17.75 -3.24
CA GLY C 150 -40.44 18.80 -3.79
C GLY C 150 -39.98 19.31 -5.14
N LEU C 151 -38.82 18.89 -5.61
CA LEU C 151 -38.42 19.21 -6.99
C LEU C 151 -39.38 18.55 -7.97
N ARG C 152 -39.39 19.08 -9.19
CA ARG C 152 -40.21 18.53 -10.25
C ARG C 152 -39.31 17.99 -11.36
N LEU C 153 -39.46 16.71 -11.67
CA LEU C 153 -38.66 16.08 -12.71
C LEU C 153 -39.60 15.48 -13.74
N SER C 154 -39.30 15.70 -15.02
CA SER C 154 -40.08 15.14 -16.10
C SER C 154 -39.17 14.32 -17.01
N TYR C 155 -39.59 13.10 -17.29
CA TYR C 155 -38.91 12.21 -18.22
C TYR C 155 -39.74 12.13 -19.50
N PHE C 156 -39.06 12.11 -20.66
CA PHE C 156 -39.70 12.21 -21.95
C PHE C 156 -39.30 11.03 -22.83
N GLY C 157 -40.27 10.47 -23.54
CA GLY C 157 -39.96 9.49 -24.57
C GLY C 157 -40.56 8.12 -24.30
N ASP C 158 -39.71 7.10 -24.23
CA ASP C 158 -40.16 5.71 -24.01
C ASP C 158 -40.41 5.53 -22.52
N GLY C 159 -41.67 5.65 -22.11
CA GLY C 159 -42.04 5.53 -20.70
C GLY C 159 -42.17 4.13 -20.16
N ALA C 160 -41.85 3.12 -20.98
CA ALA C 160 -41.92 1.73 -20.56
C ALA C 160 -40.55 1.11 -20.30
N ASN C 161 -39.46 1.88 -20.43
CA ASN C 161 -38.13 1.30 -20.34
C ASN C 161 -37.56 1.43 -18.93
N ASN C 162 -36.31 0.98 -18.79
CA ASN C 162 -35.71 0.88 -17.47
C ASN C 162 -35.50 2.25 -16.82
N MET C 163 -35.16 3.28 -17.61
CA MET C 163 -34.99 4.61 -17.03
C MET C 163 -36.32 5.20 -16.55
N ALA C 164 -37.39 5.05 -17.32
CA ALA C 164 -38.67 5.55 -16.85
C ALA C 164 -39.04 4.90 -15.52
N HIS C 165 -38.85 3.58 -15.42
CA HIS C 165 -39.18 2.86 -14.20
C HIS C 165 -38.34 3.34 -13.02
N SER C 166 -37.02 3.47 -13.22
CA SER C 166 -36.16 3.86 -12.11
C SER C 166 -36.31 5.33 -11.74
N LEU C 167 -36.57 6.21 -12.72
CA LEU C 167 -36.82 7.60 -12.35
C LEU C 167 -38.09 7.71 -11.54
N LEU C 168 -39.11 6.91 -11.88
CA LEU C 168 -40.31 6.84 -11.05
C LEU C 168 -39.97 6.38 -9.63
N LEU C 169 -39.33 5.21 -9.50
CA LEU C 169 -39.14 4.64 -8.17
C LEU C 169 -38.09 5.40 -7.37
N GLY C 170 -36.94 5.67 -7.98
CA GLY C 170 -35.89 6.41 -7.29
C GLY C 170 -36.29 7.85 -7.04
N GLY C 171 -36.96 8.46 -8.02
CA GLY C 171 -37.44 9.82 -7.85
C GLY C 171 -38.39 10.00 -6.69
N VAL C 172 -39.45 9.16 -6.62
CA VAL C 172 -40.39 9.35 -5.52
C VAL C 172 -39.75 8.99 -4.19
N THR C 173 -38.78 8.07 -4.17
CA THR C 173 -38.07 7.76 -2.92
C THR C 173 -37.34 8.98 -2.38
N ALA C 174 -36.89 9.86 -3.27
CA ALA C 174 -36.24 11.12 -2.91
C ALA C 174 -37.21 12.26 -2.65
N GLY C 175 -38.53 12.05 -2.78
CA GLY C 175 -39.49 13.11 -2.58
C GLY C 175 -39.77 13.97 -3.80
N ILE C 176 -39.37 13.54 -4.96
CA ILE C 176 -39.48 14.32 -6.18
C ILE C 176 -40.84 14.05 -6.83
N HIS C 177 -41.48 15.09 -7.36
CA HIS C 177 -42.67 14.94 -8.17
C HIS C 177 -42.23 14.51 -9.55
N VAL C 178 -42.48 13.25 -9.90
CA VAL C 178 -42.01 12.69 -11.17
C VAL C 178 -43.14 12.67 -12.17
N THR C 179 -42.87 13.16 -13.38
CA THR C 179 -43.77 13.05 -14.53
C THR C 179 -43.09 12.24 -15.62
N VAL C 180 -43.82 11.29 -16.18
CA VAL C 180 -43.41 10.55 -17.37
C VAL C 180 -44.29 11.03 -18.51
N ALA C 181 -43.68 11.63 -19.52
CA ALA C 181 -44.37 12.08 -20.73
C ALA C 181 -44.02 11.09 -21.84
N ALA C 182 -45.01 10.32 -22.27
CA ALA C 182 -44.77 9.19 -23.16
C ALA C 182 -46.04 8.93 -23.96
N PRO C 183 -45.91 8.35 -25.14
CA PRO C 183 -47.09 8.01 -25.95
C PRO C 183 -47.72 6.70 -25.51
N GLU C 184 -49.00 6.56 -25.87
CA GLU C 184 -49.73 5.31 -25.65
C GLU C 184 -48.96 4.14 -26.20
N GLY C 185 -48.99 3.02 -25.49
CA GLY C 185 -48.23 1.84 -25.86
C GLY C 185 -46.81 1.81 -25.33
N PHE C 186 -46.32 2.90 -24.75
CA PHE C 186 -44.99 2.98 -24.15
C PHE C 186 -45.07 3.67 -22.80
N LEU C 187 -45.94 3.15 -21.96
CA LEU C 187 -46.21 3.69 -20.64
C LEU C 187 -45.61 2.78 -19.58
N PRO C 188 -45.45 3.27 -18.35
CA PRO C 188 -44.80 2.46 -17.31
C PRO C 188 -45.55 1.16 -17.03
N ASP C 189 -44.78 0.13 -16.69
CA ASP C 189 -45.37 -1.11 -16.23
C ASP C 189 -46.31 -0.83 -15.06
N PRO C 190 -47.53 -1.38 -15.07
CA PRO C 190 -48.50 -0.99 -14.03
C PRO C 190 -48.06 -1.35 -12.61
N SER C 191 -47.33 -2.43 -12.43
CA SER C 191 -46.89 -2.77 -11.08
C SER C 191 -45.81 -1.80 -10.61
N VAL C 192 -44.93 -1.37 -11.52
CA VAL C 192 -43.95 -0.36 -11.15
C VAL C 192 -44.65 0.95 -10.81
N ARG C 193 -45.62 1.34 -11.63
CA ARG C 193 -46.34 2.58 -11.37
C ARG C 193 -47.02 2.53 -10.01
N ALA C 194 -47.66 1.40 -9.68
CA ALA C 194 -48.33 1.27 -8.40
C ALA C 194 -47.33 1.32 -7.25
N ALA C 195 -46.17 0.68 -7.43
CA ALA C 195 -45.15 0.72 -6.38
C ALA C 195 -44.65 2.14 -6.17
N ALA C 196 -44.51 2.91 -7.24
CA ALA C 196 -44.07 4.29 -7.09
C ALA C 196 -45.15 5.14 -6.44
N GLU C 197 -46.41 4.90 -6.79
CA GLU C 197 -47.48 5.64 -6.15
C GLU C 197 -47.52 5.35 -4.66
N ARG C 198 -47.30 4.09 -4.28
CA ARG C 198 -47.30 3.76 -2.86
C ARG C 198 -46.09 4.37 -2.16
N ARG C 199 -44.91 4.36 -2.80
CA ARG C 199 -43.73 4.94 -2.18
C ARG C 199 -43.83 6.45 -2.10
N ALA C 200 -44.51 7.11 -3.04
CA ALA C 200 -44.70 8.58 -3.00
C ALA C 200 -45.50 9.06 -1.79
N GLN C 201 -46.39 8.21 -1.29
CA GLN C 201 -47.21 8.56 -0.10
C GLN C 201 -46.32 8.77 1.14
N ASP C 202 -45.16 8.12 1.18
CA ASP C 202 -44.28 8.21 2.38
C ASP C 202 -43.34 9.41 2.30
N THR C 203 -43.20 10.03 1.14
CA THR C 203 -42.21 11.07 0.91
C THR C 203 -42.80 12.41 0.46
N GLY C 204 -44.12 12.50 0.27
CA GLY C 204 -44.70 13.71 -0.28
C GLY C 204 -44.55 13.87 -1.78
N ALA C 205 -44.06 12.84 -2.45
CA ALA C 205 -43.84 12.91 -3.89
C ALA C 205 -45.15 12.68 -4.62
N SER C 206 -45.08 12.57 -5.94
CA SER C 206 -46.27 12.27 -6.74
C SER C 206 -45.80 11.64 -8.04
N VAL C 207 -46.74 10.98 -8.71
CA VAL C 207 -46.53 10.33 -9.99
C VAL C 207 -47.54 10.88 -10.98
N THR C 208 -47.06 11.34 -12.13
CA THR C 208 -47.91 11.79 -13.23
C THR C 208 -47.44 11.12 -14.52
N VAL C 209 -48.39 10.65 -15.32
CA VAL C 209 -48.10 10.05 -16.61
C VAL C 209 -49.00 10.73 -17.63
N THR C 210 -48.40 11.28 -18.69
CA THR C 210 -49.14 12.13 -19.60
C THR C 210 -48.57 12.00 -21.01
N ALA C 211 -49.43 12.22 -22.00
CA ALA C 211 -48.95 12.33 -23.38
C ALA C 211 -48.67 13.76 -23.79
N ASP C 212 -48.84 14.72 -22.89
CA ASP C 212 -48.72 16.14 -23.21
C ASP C 212 -47.32 16.59 -22.80
N ALA C 213 -46.38 16.56 -23.75
CA ALA C 213 -45.00 16.90 -23.45
C ALA C 213 -44.86 18.35 -23.00
N HIS C 214 -45.59 19.28 -23.62
CA HIS C 214 -45.47 20.67 -23.20
C HIS C 214 -45.94 20.86 -21.76
N ALA C 215 -47.07 20.27 -21.39
CA ALA C 215 -47.53 20.36 -20.01
C ALA C 215 -46.53 19.77 -19.05
N ALA C 216 -45.89 18.66 -19.43
CA ALA C 216 -44.92 18.00 -18.57
C ALA C 216 -43.69 18.87 -18.35
N ALA C 217 -43.32 19.69 -19.32
CA ALA C 217 -42.15 20.55 -19.19
C ALA C 217 -42.41 21.75 -18.30
N ALA C 218 -43.64 22.26 -18.29
CA ALA C 218 -43.93 23.46 -17.53
C ALA C 218 -43.63 23.27 -16.05
N GLY C 219 -42.83 24.18 -15.49
CA GLY C 219 -42.49 24.17 -14.08
C GLY C 219 -41.45 23.16 -13.69
N ALA C 220 -40.87 22.44 -14.65
CA ALA C 220 -39.93 21.38 -14.29
C ALA C 220 -38.57 21.94 -13.87
N ASP C 221 -38.00 21.32 -12.83
CA ASP C 221 -36.61 21.60 -12.45
C ASP C 221 -35.63 20.77 -13.25
N VAL C 222 -36.05 19.61 -13.73
CA VAL C 222 -35.17 18.62 -14.36
C VAL C 222 -35.94 18.00 -15.52
N LEU C 223 -35.33 18.00 -16.69
CA LEU C 223 -35.85 17.32 -17.86
C LEU C 223 -34.90 16.19 -18.21
N VAL C 224 -35.45 15.01 -18.44
CA VAL C 224 -34.66 13.81 -18.69
C VAL C 224 -35.18 13.13 -19.95
N THR C 225 -34.28 12.55 -20.74
CA THR C 225 -34.69 11.64 -21.78
C THR C 225 -33.65 10.53 -21.93
N ASP C 226 -33.87 9.66 -22.91
CA ASP C 226 -33.11 8.43 -23.09
C ASP C 226 -33.36 8.00 -24.52
N THR C 227 -32.50 7.13 -25.06
CA THR C 227 -32.75 6.65 -26.40
C THR C 227 -34.14 6.03 -26.51
N TRP C 228 -34.74 6.19 -27.68
CA TRP C 228 -36.07 5.66 -27.96
C TRP C 228 -36.02 4.17 -28.27
N THR C 229 -34.84 3.63 -28.57
CA THR C 229 -34.63 2.23 -28.88
C THR C 229 -33.34 1.73 -28.26
N ARG C 240 -40.84 2.50 -34.68
CA ARG C 240 -40.60 2.74 -33.27
C ARG C 240 -39.93 4.09 -33.04
N VAL C 241 -40.06 5.00 -34.00
CA VAL C 241 -39.62 6.37 -33.83
C VAL C 241 -40.76 7.35 -33.98
N LYS C 242 -41.73 7.06 -34.86
CA LYS C 242 -42.89 7.93 -35.04
C LYS C 242 -43.59 8.29 -33.73
N PRO C 243 -43.87 7.37 -32.80
CA PRO C 243 -44.59 7.76 -31.57
C PRO C 243 -43.82 8.73 -30.69
N PHE C 244 -42.50 8.79 -30.80
CA PHE C 244 -41.70 9.53 -29.84
C PHE C 244 -41.31 10.93 -30.30
N ARG C 245 -41.44 11.23 -31.59
CA ARG C 245 -41.04 12.53 -32.10
C ARG C 245 -41.61 13.72 -31.31
N PRO C 246 -42.89 13.74 -30.90
CA PRO C 246 -43.39 14.89 -30.12
C PRO C 246 -42.71 15.06 -28.78
N PHE C 247 -41.96 14.06 -28.33
CA PHE C 247 -41.35 14.07 -27.02
C PHE C 247 -39.87 14.42 -27.06
N GLN C 248 -39.36 14.84 -28.21
CA GLN C 248 -37.95 15.25 -28.33
C GLN C 248 -37.60 16.36 -27.33
N LEU C 249 -36.48 16.19 -26.65
CA LEU C 249 -36.00 17.25 -25.75
C LEU C 249 -35.25 18.27 -26.59
N ASN C 250 -35.97 19.30 -27.02
CA ASN C 250 -35.38 20.35 -27.87
C ASN C 250 -35.43 21.68 -27.14
N SER C 251 -34.87 22.69 -27.77
CA SER C 251 -34.79 24.01 -27.13
C SER C 251 -36.17 24.56 -26.81
N ARG C 252 -37.16 24.33 -27.69
CA ARG C 252 -38.50 24.84 -27.41
C ARG C 252 -39.07 24.20 -26.15
N LEU C 253 -38.88 22.89 -26.00
CA LEU C 253 -39.38 22.21 -24.80
C LEU C 253 -38.64 22.70 -23.55
N LEU C 254 -37.31 22.84 -23.64
CA LEU C 254 -36.54 23.29 -22.48
C LEU C 254 -36.98 24.69 -22.04
N ALA C 255 -37.32 25.56 -23.00
CA ALA C 255 -37.73 26.92 -22.65
C ALA C 255 -39.03 26.96 -21.86
N LEU C 256 -39.86 25.91 -21.93
CA LEU C 256 -41.09 25.85 -21.16
C LEU C 256 -40.84 25.51 -19.71
N ALA C 257 -39.66 24.99 -19.39
CA ALA C 257 -39.36 24.55 -18.04
C ALA C 257 -38.88 25.74 -17.20
N ASP C 258 -38.49 25.46 -15.96
CA ASP C 258 -37.86 26.47 -15.13
C ASP C 258 -36.68 27.09 -15.86
N SER C 259 -36.47 28.40 -15.63
CA SER C 259 -35.37 29.09 -16.29
C SER C 259 -34.02 28.50 -15.92
N ASP C 260 -33.92 27.85 -14.76
CA ASP C 260 -32.68 27.21 -14.35
C ASP C 260 -32.79 25.68 -14.34
N ALA C 261 -33.73 25.13 -15.12
CA ALA C 261 -33.84 23.69 -15.25
C ALA C 261 -32.54 23.10 -15.80
N ILE C 262 -32.27 21.87 -15.38
CA ILE C 262 -31.13 21.14 -15.92
C ILE C 262 -31.65 19.95 -16.71
N VAL C 263 -30.78 19.42 -17.58
CA VAL C 263 -31.11 18.34 -18.50
C VAL C 263 -30.20 17.15 -18.20
N LEU C 264 -30.80 15.97 -18.12
CA LEU C 264 -30.09 14.72 -17.89
C LEU C 264 -30.39 13.75 -19.03
N HIS C 265 -29.44 12.85 -19.27
CA HIS C 265 -29.58 11.85 -20.33
C HIS C 265 -28.60 10.75 -20.00
N CYS C 266 -29.10 9.55 -19.75
CA CYS C 266 -28.19 8.44 -19.59
C CYS C 266 -27.63 8.13 -20.97
N LEU C 267 -26.32 8.13 -21.07
CA LEU C 267 -25.76 8.02 -22.38
C LEU C 267 -25.93 6.57 -22.87
N PRO C 268 -25.75 6.32 -24.18
CA PRO C 268 -25.42 7.22 -25.29
C PRO C 268 -26.61 8.05 -25.77
N ALA C 269 -26.34 9.26 -26.25
CA ALA C 269 -27.36 10.08 -26.89
C ALA C 269 -27.31 9.90 -28.40
N HIS C 270 -28.49 9.90 -29.02
CA HIS C 270 -28.63 9.93 -30.47
C HIS C 270 -29.04 11.36 -30.82
N ARG C 271 -28.05 12.21 -31.10
CA ARG C 271 -28.33 13.62 -31.31
C ARG C 271 -29.19 13.82 -32.54
N GLY C 272 -30.21 14.67 -32.40
CA GLY C 272 -31.20 14.85 -33.43
C GLY C 272 -32.42 13.98 -33.28
N ASP C 273 -32.35 12.93 -32.44
CA ASP C 273 -33.52 12.12 -32.14
C ASP C 273 -34.15 12.55 -30.82
N GLU C 274 -33.83 11.88 -29.71
CA GLU C 274 -34.51 12.20 -28.46
C GLU C 274 -34.04 13.53 -27.87
N ILE C 275 -32.90 14.04 -28.31
CA ILE C 275 -32.32 15.27 -27.77
C ILE C 275 -31.60 15.97 -28.91
N THR C 276 -31.59 17.30 -28.89
CA THR C 276 -30.89 18.08 -29.91
C THR C 276 -29.50 18.50 -29.45
N ASP C 277 -28.63 18.79 -30.42
CA ASP C 277 -27.30 19.30 -30.09
C ASP C 277 -27.39 20.56 -29.22
N ALA C 278 -28.33 21.45 -29.54
CA ALA C 278 -28.43 22.70 -28.78
C ALA C 278 -28.67 22.41 -27.30
N VAL C 279 -29.54 21.45 -27.00
CA VAL C 279 -29.80 21.11 -25.61
C VAL C 279 -28.60 20.38 -25.02
N MET C 280 -28.08 19.39 -25.75
CA MET C 280 -27.00 18.53 -25.26
C MET C 280 -25.79 19.34 -24.84
N ASP C 281 -25.45 20.35 -25.63
CA ASP C 281 -24.21 21.12 -25.47
C ASP C 281 -24.46 22.49 -24.87
N GLY C 282 -25.69 22.80 -24.47
CA GLY C 282 -26.02 24.08 -23.91
C GLY C 282 -25.78 24.16 -22.42
N PRO C 283 -26.04 25.33 -21.84
CA PRO C 283 -25.73 25.55 -20.42
C PRO C 283 -26.62 24.76 -19.46
N ALA C 284 -27.76 24.24 -19.90
CA ALA C 284 -28.63 23.47 -19.03
C ALA C 284 -28.21 22.01 -18.91
N SER C 285 -27.38 21.53 -19.83
CA SER C 285 -26.97 20.14 -19.85
C SER C 285 -26.09 19.79 -18.67
N ALA C 286 -26.49 18.77 -17.92
CA ALA C 286 -25.67 18.22 -16.86
C ALA C 286 -25.22 16.79 -17.15
N VAL C 287 -25.21 16.41 -18.44
CA VAL C 287 -25.00 15.00 -18.80
C VAL C 287 -23.60 14.53 -18.49
N TRP C 288 -22.59 15.41 -18.56
CA TRP C 288 -21.23 14.92 -18.34
C TRP C 288 -20.96 14.73 -16.85
N ASP C 289 -21.46 15.65 -16.02
CA ASP C 289 -21.37 15.42 -14.57
C ASP C 289 -22.17 14.20 -14.18
N GLU C 290 -23.35 14.03 -14.78
CA GLU C 290 -24.17 12.85 -14.56
C GLU C 290 -23.40 11.56 -14.83
N ALA C 291 -22.70 11.51 -15.96
CA ALA C 291 -21.95 10.31 -16.29
C ALA C 291 -20.81 10.10 -15.30
N GLU C 292 -20.12 11.18 -14.92
CA GLU C 292 -19.05 11.03 -13.92
C GLU C 292 -19.61 10.48 -12.61
N ASN C 293 -20.81 10.91 -12.23
CA ASN C 293 -21.35 10.54 -10.92
C ASN C 293 -21.77 9.08 -10.83
N ARG C 294 -21.81 8.35 -11.95
CA ARG C 294 -21.96 6.90 -11.85
C ARG C 294 -20.85 6.33 -10.98
N LEU C 295 -19.63 6.84 -11.16
CA LEU C 295 -18.50 6.38 -10.33
C LEU C 295 -18.78 6.58 -8.86
N HIS C 296 -19.11 7.83 -8.47
CA HIS C 296 -19.21 8.17 -7.05
C HIS C 296 -20.44 7.52 -6.41
N ALA C 297 -21.57 7.55 -7.11
CA ALA C 297 -22.81 7.01 -6.56
C ALA C 297 -22.72 5.50 -6.39
N GLN C 298 -22.10 4.80 -7.34
CA GLN C 298 -21.95 3.35 -7.18
C GLN C 298 -20.96 2.99 -6.09
N LYS C 299 -19.89 3.79 -5.93
CA LYS C 299 -18.97 3.55 -4.82
C LYS C 299 -19.68 3.72 -3.49
N ALA C 300 -20.50 4.77 -3.36
CA ALA C 300 -21.25 4.97 -2.13
C ALA C 300 -22.21 3.82 -1.86
N LEU C 301 -22.91 3.37 -2.90
CA LEU C 301 -23.81 2.24 -2.73
C LEU C 301 -23.07 1.02 -2.23
N LEU C 302 -21.90 0.72 -2.82
CA LEU C 302 -21.13 -0.44 -2.39
C LEU C 302 -20.71 -0.31 -0.93
N VAL C 303 -20.15 0.86 -0.57
CA VAL C 303 -19.75 1.08 0.82
C VAL C 303 -20.94 0.82 1.74
N TRP C 304 -22.10 1.36 1.39
CA TRP C 304 -23.26 1.30 2.28
C TRP C 304 -23.78 -0.13 2.40
N LEU C 305 -23.89 -0.83 1.28
CA LEU C 305 -24.33 -2.22 1.31
C LEU C 305 -23.36 -3.10 2.09
N LEU C 306 -22.06 -2.88 1.89
CA LEU C 306 -21.08 -3.74 2.55
C LEU C 306 -21.16 -3.59 4.06
N GLU C 307 -21.36 -2.36 4.53
CA GLU C 307 -21.32 -2.20 5.98
C GLU C 307 -22.63 -2.63 6.65
N ARG C 308 -23.72 -2.79 5.88
CA ARG C 308 -24.97 -3.38 6.38
C ARG C 308 -25.10 -4.87 6.15
N SER C 309 -24.14 -5.52 5.52
CA SER C 309 -24.30 -6.93 5.19
C SER C 309 -23.24 -7.79 5.88
N VAL D 3 -14.52 27.47 10.68
CA VAL D 3 -14.77 26.36 9.76
C VAL D 3 -13.76 25.24 10.04
N ILE D 4 -12.63 25.57 10.66
CA ILE D 4 -11.73 24.55 11.18
C ILE D 4 -12.25 24.18 12.56
N ARG D 5 -12.52 22.89 12.78
CA ARG D 5 -13.00 22.43 14.07
C ARG D 5 -11.85 21.92 14.90
N HIS D 6 -11.86 22.28 16.19
CA HIS D 6 -10.86 21.85 17.16
CA HIS D 6 -10.86 21.83 17.14
C HIS D 6 -11.54 21.06 18.26
N PHE D 7 -10.73 20.31 19.04
CA PHE D 7 -11.27 19.54 20.16
C PHE D 7 -10.32 19.75 21.35
N LEU D 8 -10.55 20.85 22.06
CA LEU D 8 -9.71 21.26 23.18
C LEU D 8 -10.34 20.96 24.52
N ARG D 9 -11.65 20.76 24.55
CA ARG D 9 -12.43 20.45 25.75
C ARG D 9 -13.71 19.77 25.28
N ASP D 10 -14.31 18.99 26.15
CA ASP D 10 -15.39 18.06 25.75
C ASP D 10 -16.58 18.73 25.09
N ASP D 11 -16.91 19.91 25.57
CA ASP D 11 -18.09 20.56 25.05
C ASP D 11 -17.82 21.32 23.76
N ASP D 12 -16.62 21.16 23.19
CA ASP D 12 -16.40 21.61 21.82
C ASP D 12 -17.25 20.82 20.83
N LEU D 13 -17.75 19.65 21.23
CA LEU D 13 -18.75 18.93 20.46
C LEU D 13 -20.12 19.17 21.07
N SER D 14 -21.10 19.47 20.23
CA SER D 14 -22.49 19.46 20.64
C SER D 14 -22.92 18.03 20.99
N PRO D 15 -24.04 17.87 21.71
CA PRO D 15 -24.57 16.52 21.94
C PRO D 15 -24.72 15.68 20.68
N ALA D 16 -25.25 16.27 19.60
CA ALA D 16 -25.39 15.53 18.35
C ALA D 16 -24.04 15.17 17.75
N GLU D 17 -23.09 16.10 17.80
CA GLU D 17 -21.76 15.84 17.25
C GLU D 17 -21.03 14.77 18.04
N GLN D 18 -21.14 14.82 19.37
CA GLN D 18 -20.54 13.78 20.20
C GLN D 18 -21.09 12.41 19.87
N ALA D 19 -22.41 12.32 19.65
CA ALA D 19 -23.01 11.05 19.28
C ALA D 19 -22.45 10.55 17.95
N GLU D 20 -22.20 11.47 17.00
CA GLU D 20 -21.63 11.08 15.73
C GLU D 20 -20.23 10.51 15.93
N VAL D 21 -19.44 11.16 16.78
CA VAL D 21 -18.09 10.67 17.02
C VAL D 21 -18.11 9.31 17.69
N LEU D 22 -19.00 9.14 18.67
CA LEU D 22 -19.07 7.87 19.39
C LEU D 22 -19.59 6.74 18.51
N GLU D 23 -20.51 7.05 17.58
CA GLU D 23 -20.94 6.02 16.64
C GLU D 23 -19.79 5.63 15.72
N LEU D 24 -19.03 6.60 15.24
CA LEU D 24 -17.88 6.30 14.40
C LEU D 24 -16.84 5.49 15.16
N ALA D 25 -16.68 5.75 16.47
CA ALA D 25 -15.74 4.97 17.27
C ALA D 25 -16.14 3.50 17.29
N ALA D 26 -17.44 3.22 17.41
CA ALA D 26 -17.92 1.85 17.37
C ALA D 26 -17.67 1.24 15.99
N GLU D 27 -17.91 2.00 14.92
CA GLU D 27 -17.65 1.48 13.57
C GLU D 27 -16.18 1.20 13.36
N LEU D 28 -15.32 2.09 13.85
CA LEU D 28 -13.88 1.90 13.64
C LEU D 28 -13.33 0.77 14.50
N LYS D 29 -13.94 0.50 15.67
CA LYS D 29 -13.48 -0.65 16.45
C LYS D 29 -13.76 -1.94 15.70
N LYS D 30 -14.89 -1.99 14.98
CA LYS D 30 -15.22 -3.18 14.17
C LYS D 30 -14.32 -3.30 12.95
N ASP D 31 -14.05 -2.19 12.27
CA ASP D 31 -13.31 -2.17 11.01
C ASP D 31 -12.21 -1.12 11.12
N PRO D 32 -11.07 -1.47 11.72
CA PRO D 32 -10.09 -0.43 12.13
C PRO D 32 -9.29 0.18 11.00
N VAL D 33 -9.26 -0.42 9.80
CA VAL D 33 -8.48 0.16 8.71
C VAL D 33 -9.35 0.48 7.50
N SER D 34 -10.66 0.59 7.71
CA SER D 34 -11.62 0.87 6.63
C SER D 34 -11.67 2.33 6.23
N ARG D 35 -11.14 3.23 7.05
CA ARG D 35 -11.19 4.67 6.81
C ARG D 35 -9.77 5.16 6.65
N ARG D 36 -9.46 5.76 5.50
CA ARG D 36 -8.10 6.18 5.19
C ARG D 36 -8.06 7.64 4.76
N PRO D 37 -8.53 8.55 5.63
CA PRO D 37 -8.52 9.98 5.27
C PRO D 37 -7.12 10.54 5.17
N LEU D 38 -6.14 9.89 5.79
CA LEU D 38 -4.79 10.42 5.82
C LEU D 38 -3.86 9.65 4.89
N GLN D 39 -4.41 8.86 3.96
CA GLN D 39 -3.59 8.09 3.04
C GLN D 39 -2.63 9.00 2.27
N GLY D 40 -1.44 8.48 2.00
CA GLY D 40 -0.42 9.25 1.32
C GLY D 40 0.98 8.75 1.57
N PRO D 41 1.44 8.87 2.81
CA PRO D 41 0.72 9.37 3.99
C PRO D 41 0.70 10.88 4.14
N ARG D 42 -0.40 11.37 4.69
CA ARG D 42 -0.45 12.71 5.25
C ARG D 42 0.07 12.66 6.68
N GLY D 43 0.58 13.78 7.17
CA GLY D 43 1.12 13.83 8.51
C GLY D 43 0.12 14.30 9.56
N VAL D 44 0.38 13.88 10.80
CA VAL D 44 -0.28 14.42 11.98
C VAL D 44 0.80 14.65 13.03
N ALA D 45 0.85 15.85 13.59
CA ALA D 45 1.78 16.13 14.67
C ALA D 45 1.24 15.57 15.97
N VAL D 46 2.10 14.91 16.75
CA VAL D 46 1.72 14.40 18.07
C VAL D 46 2.81 14.89 19.02
N ILE D 47 2.53 15.97 19.74
CA ILE D 47 3.55 16.70 20.49
C ILE D 47 3.29 16.57 21.98
N PHE D 48 4.31 16.17 22.73
CA PHE D 48 4.22 15.99 24.18
C PHE D 48 5.10 17.01 24.88
N ASP D 49 4.48 17.96 25.60
CA ASP D 49 5.25 18.79 26.53
C ASP D 49 5.64 18.01 27.78
N LYS D 50 4.90 16.95 28.08
CA LYS D 50 5.26 15.94 29.05
C LYS D 50 4.80 14.61 28.48
N ASN D 51 5.62 13.58 28.62
CA ASN D 51 5.34 12.33 27.93
C ASN D 51 4.14 11.61 28.54
N SER D 52 3.45 10.85 27.70
CA SER D 52 2.41 9.92 28.14
C SER D 52 2.41 8.76 27.16
N THR D 53 2.84 7.59 27.64
CA THR D 53 3.09 6.48 26.72
C THR D 53 1.79 5.91 26.17
N ARG D 54 0.76 5.80 27.00
CA ARG D 54 -0.57 5.34 26.54
C ARG D 54 -1.13 6.33 25.51
N THR D 55 -0.98 7.63 25.76
CA THR D 55 -1.38 8.60 24.76
C THR D 55 -0.55 8.41 23.48
N ARG D 56 0.74 8.10 23.64
CA ARG D 56 1.57 7.89 22.45
C ARG D 56 1.13 6.67 21.66
N PHE D 57 0.97 5.52 22.33
CA PHE D 57 0.57 4.32 21.60
C PHE D 57 -0.75 4.51 20.88
N SER D 58 -1.75 5.07 21.58
CA SER D 58 -3.07 5.15 20.97
C SER D 58 -3.08 6.09 19.77
N PHE D 59 -2.45 7.27 19.90
CA PHE D 59 -2.48 8.19 18.77
C PHE D 59 -1.57 7.72 17.65
N GLU D 60 -0.37 7.24 17.97
CA GLU D 60 0.57 6.89 16.91
C GLU D 60 0.01 5.77 16.04
N LEU D 61 -0.55 4.74 16.67
CA LEU D 61 -1.12 3.63 15.91
C LEU D 61 -2.41 4.03 15.24
N GLY D 62 -3.25 4.81 15.92
CA GLY D 62 -4.50 5.22 15.33
C GLY D 62 -4.30 6.02 14.06
N ILE D 63 -3.34 6.95 14.07
CA ILE D 63 -3.05 7.74 12.89
C ILE D 63 -2.56 6.84 11.76
N ALA D 64 -1.68 5.88 12.08
CA ALA D 64 -1.20 4.96 11.07
C ALA D 64 -2.32 4.14 10.45
N GLN D 65 -3.31 3.75 11.26
CA GLN D 65 -4.42 2.95 10.75
C GLN D 65 -5.40 3.78 9.94
N LEU D 66 -5.32 5.11 10.03
CA LEU D 66 -6.04 6.00 9.11
C LEU D 66 -5.23 6.29 7.85
N GLY D 67 -4.09 5.63 7.68
CA GLY D 67 -3.24 5.80 6.53
C GLY D 67 -2.17 6.86 6.68
N GLY D 68 -2.15 7.59 7.79
CA GLY D 68 -1.25 8.72 7.95
C GLY D 68 0.04 8.32 8.64
N HIS D 69 0.85 9.34 8.92
CA HIS D 69 2.11 9.13 9.62
C HIS D 69 2.19 10.15 10.75
N ALA D 70 2.24 9.66 11.98
CA ALA D 70 2.39 10.53 13.13
C ALA D 70 3.85 10.93 13.29
N VAL D 71 4.11 12.22 13.41
CA VAL D 71 5.44 12.71 13.78
C VAL D 71 5.36 12.99 15.26
N VAL D 72 6.04 12.17 16.06
CA VAL D 72 5.91 12.21 17.51
C VAL D 72 7.10 12.99 18.07
N VAL D 73 6.80 14.00 18.88
CA VAL D 73 7.83 14.83 19.50
C VAL D 73 7.66 14.68 21.00
N ASP D 74 8.68 14.15 21.68
CA ASP D 74 8.64 14.04 23.13
C ASP D 74 9.12 15.33 23.79
N SER D 75 9.08 15.34 25.12
CA SER D 75 9.40 16.53 25.91
C SER D 75 10.88 16.87 25.87
N GLY D 76 11.75 15.93 25.48
CA GLY D 76 13.18 16.20 25.47
C GLY D 76 13.57 17.39 24.63
N SER D 77 12.69 17.81 23.73
CA SER D 77 12.97 18.94 22.82
C SER D 77 12.60 20.27 23.49
N THR D 78 13.01 21.39 22.89
CA THR D 78 12.64 22.72 23.45
C THR D 78 11.12 22.80 23.54
N GLN D 79 10.57 23.01 24.76
CA GLN D 79 9.14 23.18 24.91
C GLN D 79 8.65 24.24 23.93
N LEU D 80 7.63 23.86 23.15
CA LEU D 80 6.99 24.81 22.25
C LEU D 80 6.67 26.11 22.98
N GLY D 81 6.88 27.22 22.29
CA GLY D 81 6.72 28.52 22.90
C GLY D 81 7.97 29.11 23.51
N ARG D 82 9.07 28.36 23.54
CA ARG D 82 10.31 28.87 24.14
C ARG D 82 11.14 29.67 23.15
N ASP D 83 11.44 29.09 21.98
CA ASP D 83 12.29 29.76 21.00
C ASP D 83 11.50 30.47 19.90
N GLU D 84 10.17 30.38 19.90
CA GLU D 84 9.31 31.17 19.03
C GLU D 84 7.91 31.15 19.61
N THR D 85 7.06 32.03 19.10
CA THR D 85 5.68 32.09 19.58
C THR D 85 4.92 30.84 19.21
N LEU D 86 3.95 30.46 20.04
CA LEU D 86 3.09 29.33 19.70
C LEU D 86 2.37 29.57 18.39
N GLN D 87 2.01 30.83 18.10
CA GLN D 87 1.34 31.14 16.85
C GLN D 87 2.24 30.87 15.64
N ASP D 88 3.52 31.24 15.75
CA ASP D 88 4.45 30.92 14.67
C ASP D 88 4.57 29.41 14.50
N THR D 89 4.69 28.67 15.60
CA THR D 89 4.79 27.22 15.53
C THR D 89 3.55 26.63 14.85
N ALA D 90 2.37 27.14 15.20
CA ALA D 90 1.13 26.66 14.59
C ALA D 90 1.12 26.90 13.10
N LYS D 91 1.63 28.05 12.65
CA LYS D 91 1.62 28.34 11.21
C LYS D 91 2.53 27.40 10.44
N VAL D 92 3.68 27.06 11.00
CA VAL D 92 4.58 26.13 10.33
C VAL D 92 4.04 24.72 10.39
N LEU D 93 3.54 24.29 11.55
CA LEU D 93 3.01 22.93 11.64
C LEU D 93 1.89 22.72 10.62
N SER D 94 1.06 23.75 10.43
CA SER D 94 -0.04 23.64 9.46
C SER D 94 0.43 23.41 8.04
N ARG D 95 1.69 23.71 7.73
CA ARG D 95 2.23 23.40 6.41
C ARG D 95 2.76 21.98 6.30
N TYR D 96 3.00 21.29 7.42
CA TYR D 96 3.54 19.93 7.37
C TYR D 96 2.49 18.86 7.63
N VAL D 97 1.47 19.15 8.43
CA VAL D 97 0.56 18.11 8.91
C VAL D 97 -0.88 18.55 8.69
N ASP D 98 -1.79 17.56 8.77
CA ASP D 98 -3.21 17.77 8.60
C ASP D 98 -3.97 17.92 9.90
N ALA D 99 -3.30 17.71 11.05
CA ALA D 99 -3.89 17.92 12.36
C ALA D 99 -2.75 17.97 13.36
N ILE D 100 -3.01 18.63 14.49
CA ILE D 100 -2.03 18.80 15.56
C ILE D 100 -2.62 18.23 16.83
N VAL D 101 -1.97 17.20 17.38
CA VAL D 101 -2.37 16.59 18.64
C VAL D 101 -1.32 17.01 19.67
N TRP D 102 -1.77 17.60 20.78
CA TRP D 102 -0.81 18.24 21.67
C TRP D 102 -1.19 17.95 23.11
N ARG D 103 -0.22 17.41 23.88
CA ARG D 103 -0.35 17.25 25.33
C ARG D 103 0.45 18.37 25.98
N THR D 104 -0.24 19.28 26.66
CA THR D 104 0.44 20.42 27.24
C THR D 104 -0.20 20.73 28.59
N PHE D 105 0.14 21.90 29.14
CA PHE D 105 -0.27 22.20 30.50
C PHE D 105 -1.46 23.15 30.50
N GLY D 106 -1.20 24.45 30.46
CA GLY D 106 -2.28 25.42 30.55
C GLY D 106 -3.15 25.42 29.30
N GLN D 107 -4.45 25.61 29.51
CA GLN D 107 -5.41 25.67 28.41
C GLN D 107 -5.15 26.84 27.46
N GLU D 108 -4.62 27.96 27.98
CA GLU D 108 -4.37 29.10 27.11
C GLU D 108 -3.40 28.74 25.99
N ARG D 109 -2.51 27.77 26.22
CA ARG D 109 -1.55 27.35 25.19
C ARG D 109 -2.28 26.67 24.03
N LEU D 110 -3.18 25.74 24.35
CA LEU D 110 -4.01 25.10 23.33
C LEU D 110 -4.84 26.14 22.58
N ASP D 111 -5.44 27.09 23.31
CA ASP D 111 -6.22 28.13 22.67
C ASP D 111 -5.37 28.94 21.69
N ALA D 112 -4.14 29.28 22.10
CA ALA D 112 -3.29 30.09 21.23
C ALA D 112 -2.92 29.34 19.96
N MET D 113 -2.64 28.05 20.09
CA MET D 113 -2.34 27.23 18.91
C MET D 113 -3.56 27.18 18.00
N ALA D 114 -4.73 26.88 18.57
CA ALA D 114 -5.94 26.76 17.77
C ALA D 114 -6.38 28.08 17.16
N SER D 115 -5.91 29.21 17.69
CA SER D 115 -6.38 30.50 17.18
C SER D 115 -5.85 30.79 15.78
N VAL D 116 -4.70 30.24 15.41
CA VAL D 116 -4.12 30.52 14.10
C VAL D 116 -3.92 29.27 13.26
N ALA D 117 -4.00 28.07 13.83
CA ALA D 117 -3.80 26.87 13.04
C ALA D 117 -4.86 26.76 11.94
N THR D 118 -4.45 26.30 10.77
CA THR D 118 -5.38 26.01 9.68
C THR D 118 -5.73 24.54 9.61
N VAL D 119 -5.42 23.78 10.65
CA VAL D 119 -5.73 22.36 10.76
C VAL D 119 -6.31 22.14 12.15
N PRO D 120 -7.06 21.05 12.35
CA PRO D 120 -7.63 20.78 13.68
C PRO D 120 -6.54 20.60 14.74
N VAL D 121 -6.78 21.20 15.91
CA VAL D 121 -5.96 21.01 17.10
C VAL D 121 -6.74 20.14 18.07
N ILE D 122 -6.08 19.13 18.63
CA ILE D 122 -6.69 18.19 19.55
C ILE D 122 -5.92 18.21 20.86
N ASN D 123 -6.62 18.41 21.97
CA ASN D 123 -6.05 18.31 23.32
C ASN D 123 -5.88 16.85 23.67
N ALA D 124 -4.63 16.36 23.64
CA ALA D 124 -4.35 14.98 23.99
C ALA D 124 -4.45 14.73 25.49
N LEU D 125 -4.29 15.79 26.29
CA LEU D 125 -4.32 15.78 27.79
C LEU D 125 -3.80 17.17 28.18
N SER D 126 -4.51 17.87 29.05
CA SER D 126 -4.01 19.16 29.55
C SER D 126 -4.26 19.23 31.04
N ASP D 127 -3.79 20.31 31.66
CA ASP D 127 -4.04 20.49 33.09
C ASP D 127 -5.53 20.54 33.38
N GLU D 128 -6.31 21.16 32.48
CA GLU D 128 -7.70 21.44 32.81
C GLU D 128 -8.67 20.37 32.29
N PHE D 129 -8.34 19.69 31.20
CA PHE D 129 -9.30 18.76 30.58
C PHE D 129 -8.57 17.53 30.06
N HIS D 130 -9.27 16.41 29.92
CA HIS D 130 -8.73 15.15 29.32
C HIS D 130 -9.87 14.65 28.40
N PRO D 131 -10.23 15.38 27.32
CA PRO D 131 -11.47 15.08 26.60
C PRO D 131 -11.37 13.83 25.74
N CYS D 132 -10.17 13.47 25.28
CA CYS D 132 -10.05 12.22 24.54
C CYS D 132 -10.24 11.01 25.44
N GLN D 133 -9.78 11.09 26.69
CA GLN D 133 -10.04 10.00 27.63
C GLN D 133 -11.53 9.84 27.87
N VAL D 134 -12.25 10.95 28.00
CA VAL D 134 -13.68 10.81 28.27
C VAL D 134 -14.44 10.30 27.05
N LEU D 135 -13.96 10.58 25.83
CA LEU D 135 -14.59 9.93 24.67
C LEU D 135 -14.42 8.42 24.76
N ALA D 136 -13.22 7.96 25.13
CA ALA D 136 -13.01 6.53 25.29
C ALA D 136 -13.88 5.99 26.43
N ASP D 137 -14.04 6.80 27.49
CA ASP D 137 -14.85 6.37 28.63
C ASP D 137 -16.30 6.19 28.19
N LEU D 138 -16.82 7.15 27.44
CA LEU D 138 -18.20 7.06 26.96
C LEU D 138 -18.39 5.91 25.99
N GLN D 139 -17.41 5.65 25.12
CA GLN D 139 -17.49 4.48 24.25
C GLN D 139 -17.57 3.21 25.07
N THR D 140 -16.79 3.13 26.15
CA THR D 140 -16.77 1.95 27.01
C THR D 140 -18.09 1.78 27.73
N ILE D 141 -18.61 2.87 28.31
CA ILE D 141 -19.91 2.80 28.98
C ILE D 141 -20.98 2.33 28.00
N ALA D 142 -20.98 2.87 26.77
CA ALA D 142 -21.99 2.46 25.79
C ALA D 142 -21.89 0.98 25.47
N GLU D 143 -20.66 0.45 25.37
CA GLU D 143 -20.47 -0.98 25.16
C GLU D 143 -21.07 -1.81 26.28
N ARG D 144 -20.79 -1.44 27.53
CA ARG D 144 -21.25 -2.21 28.69
C ARG D 144 -22.72 -1.97 29.02
N LYS D 145 -23.22 -0.75 28.79
CA LYS D 145 -24.50 -0.30 29.32
C LYS D 145 -25.55 0.01 28.27
N GLY D 146 -25.18 0.22 27.02
CA GLY D 146 -26.16 0.62 26.04
C GLY D 146 -26.30 2.13 25.94
N ALA D 147 -27.52 2.62 25.85
CA ALA D 147 -27.75 4.06 25.70
C ALA D 147 -27.23 4.81 26.91
N LEU D 148 -26.57 5.95 26.65
CA LEU D 148 -25.93 6.73 27.71
C LEU D 148 -26.92 7.63 28.44
N ARG D 149 -27.96 8.11 27.76
CA ARG D 149 -28.87 9.08 28.36
C ARG D 149 -29.46 8.54 29.65
N GLY D 150 -29.35 9.31 30.72
CA GLY D 150 -29.98 8.97 31.97
C GLY D 150 -29.17 8.12 32.91
N LEU D 151 -28.04 7.57 32.45
CA LEU D 151 -27.16 6.84 33.34
C LEU D 151 -26.67 7.78 34.44
N ARG D 152 -26.25 7.18 35.56
CA ARG D 152 -25.72 7.95 36.68
C ARG D 152 -24.26 7.58 36.86
N LEU D 153 -23.39 8.58 36.76
CA LEU D 153 -21.95 8.39 36.85
C LEU D 153 -21.42 9.23 38.00
N SER D 154 -20.62 8.60 38.86
CA SER D 154 -20.00 9.30 39.98
C SER D 154 -18.50 9.20 39.87
N TYR D 155 -17.81 10.33 39.98
CA TYR D 155 -16.37 10.41 40.01
C TYR D 155 -15.92 10.72 41.42
N PHE D 156 -14.83 10.10 41.87
CA PHE D 156 -14.34 10.21 43.24
C PHE D 156 -12.90 10.66 43.24
N GLY D 157 -12.56 11.59 44.14
CA GLY D 157 -11.17 11.98 44.31
C GLY D 157 -10.94 13.47 44.23
N ASP D 158 -9.92 13.87 43.46
CA ASP D 158 -9.63 15.29 43.26
C ASP D 158 -10.64 15.83 42.25
N GLY D 159 -11.58 16.64 42.72
CA GLY D 159 -12.64 17.16 41.89
C GLY D 159 -12.27 18.32 41.00
N ALA D 160 -11.04 18.82 41.07
CA ALA D 160 -10.61 19.95 40.25
C ALA D 160 -9.63 19.55 39.16
N ASN D 161 -9.42 18.26 38.92
CA ASN D 161 -8.42 17.87 37.93
C ASN D 161 -9.06 17.70 36.56
N ASN D 162 -8.22 17.30 35.59
CA ASN D 162 -8.69 17.24 34.21
C ASN D 162 -9.80 16.20 34.02
N MET D 163 -9.71 15.07 34.72
CA MET D 163 -10.73 14.03 34.56
C MET D 163 -12.06 14.48 35.16
N ALA D 164 -12.04 15.11 36.35
CA ALA D 164 -13.29 15.59 36.92
C ALA D 164 -13.97 16.56 35.96
N HIS D 165 -13.18 17.48 35.40
CA HIS D 165 -13.74 18.48 34.51
C HIS D 165 -14.30 17.85 33.26
N SER D 166 -13.56 16.91 32.66
CA SER D 166 -14.03 16.32 31.42
C SER D 166 -15.19 15.36 31.63
N LEU D 167 -15.23 14.67 32.76
CA LEU D 167 -16.39 13.82 33.02
C LEU D 167 -17.65 14.68 33.21
N LEU D 168 -17.52 15.83 33.88
CA LEU D 168 -18.63 16.78 33.96
C LEU D 168 -19.11 17.19 32.56
N LEU D 169 -18.18 17.72 31.74
CA LEU D 169 -18.58 18.30 30.45
C LEU D 169 -18.98 17.22 29.46
N GLY D 170 -18.13 16.21 29.29
CA GLY D 170 -18.44 15.16 28.34
C GLY D 170 -19.61 14.31 28.79
N GLY D 171 -19.70 14.08 30.10
CA GLY D 171 -20.81 13.30 30.62
C GLY D 171 -22.15 13.97 30.41
N VAL D 172 -22.26 15.27 30.75
CA VAL D 172 -23.58 15.88 30.56
C VAL D 172 -23.88 16.08 29.08
N THR D 173 -22.85 16.24 28.25
CA THR D 173 -23.10 16.28 26.81
C THR D 173 -23.77 15.00 26.31
N ALA D 174 -23.46 13.87 26.92
CA ALA D 174 -24.05 12.58 26.59
C ALA D 174 -25.37 12.31 27.31
N GLY D 175 -25.81 13.24 28.15
CA GLY D 175 -27.05 13.08 28.89
C GLY D 175 -26.92 12.30 30.17
N ILE D 176 -25.70 12.14 30.68
CA ILE D 176 -25.42 11.40 31.90
C ILE D 176 -25.53 12.33 33.10
N HIS D 177 -26.16 11.84 34.18
CA HIS D 177 -26.19 12.54 35.45
C HIS D 177 -24.84 12.35 36.12
N VAL D 178 -24.06 13.43 36.26
CA VAL D 178 -22.69 13.32 36.74
C VAL D 178 -22.62 13.85 38.15
N THR D 179 -22.02 13.06 39.04
CA THR D 179 -21.72 13.48 40.41
C THR D 179 -20.21 13.46 40.59
N VAL D 180 -19.68 14.55 41.14
CA VAL D 180 -18.29 14.63 41.56
C VAL D 180 -18.29 14.56 43.09
N ALA D 181 -17.62 13.56 43.64
CA ALA D 181 -17.49 13.37 45.07
C ALA D 181 -16.04 13.71 45.43
N ALA D 182 -15.85 14.80 46.17
CA ALA D 182 -14.53 15.34 46.41
C ALA D 182 -14.57 16.11 47.72
N PRO D 183 -13.46 16.14 48.44
CA PRO D 183 -13.42 16.93 49.67
C PRO D 183 -13.39 18.42 49.38
N GLU D 184 -13.88 19.18 50.36
CA GLU D 184 -13.88 20.63 50.26
C GLU D 184 -12.46 21.13 50.00
N GLY D 185 -12.36 22.13 49.14
CA GLY D 185 -11.07 22.64 48.72
C GLY D 185 -10.52 22.02 47.46
N PHE D 186 -11.14 20.94 46.98
CA PHE D 186 -10.69 20.21 45.80
C PHE D 186 -11.85 20.06 44.81
N LEU D 187 -12.57 21.15 44.59
CA LEU D 187 -13.83 21.13 43.87
C LEU D 187 -13.65 21.61 42.43
N PRO D 188 -14.57 21.25 41.52
CA PRO D 188 -14.45 21.68 40.13
C PRO D 188 -14.28 23.19 39.99
N ASP D 189 -13.50 23.59 38.99
CA ASP D 189 -13.41 24.99 38.62
C ASP D 189 -14.81 25.55 38.37
N PRO D 190 -15.14 26.72 38.91
CA PRO D 190 -16.52 27.23 38.78
C PRO D 190 -16.96 27.47 37.35
N SER D 191 -16.06 27.94 36.48
CA SER D 191 -16.42 28.13 35.08
C SER D 191 -16.78 26.81 34.41
N VAL D 192 -16.01 25.75 34.70
CA VAL D 192 -16.31 24.44 34.14
C VAL D 192 -17.63 23.91 34.67
N ARG D 193 -17.87 24.07 35.98
CA ARG D 193 -19.12 23.58 36.55
C ARG D 193 -20.31 24.30 35.92
N ALA D 194 -20.19 25.61 35.72
CA ALA D 194 -21.26 26.39 35.11
C ALA D 194 -21.52 25.96 33.68
N ALA D 195 -20.44 25.70 32.93
CA ALA D 195 -20.62 25.24 31.55
C ALA D 195 -21.30 23.88 31.51
N ALA D 196 -20.96 22.99 32.46
CA ALA D 196 -21.62 21.69 32.53
C ALA D 196 -23.09 21.83 32.91
N GLU D 197 -23.39 22.72 33.86
CA GLU D 197 -24.79 22.92 34.23
C GLU D 197 -25.59 23.46 33.05
N ARG D 198 -25.02 24.39 32.28
CA ARG D 198 -25.72 24.93 31.11
C ARG D 198 -25.92 23.87 30.05
N ARG D 199 -24.90 23.05 29.78
CA ARG D 199 -25.03 21.99 28.79
C ARG D 199 -26.03 20.93 29.25
N ALA D 200 -26.06 20.65 30.56
CA ALA D 200 -27.01 19.68 31.10
C ALA D 200 -28.45 20.09 30.87
N GLN D 201 -28.73 21.39 30.77
CA GLN D 201 -30.11 21.88 30.52
C GLN D 201 -30.56 21.41 29.13
N ASP D 202 -29.62 21.26 28.21
CA ASP D 202 -29.95 20.86 26.85
C ASP D 202 -30.19 19.37 26.71
N THR D 203 -29.67 18.55 27.63
CA THR D 203 -29.63 17.12 27.44
C THR D 203 -30.42 16.33 28.47
N GLY D 204 -31.06 17.00 29.43
CA GLY D 204 -31.72 16.31 30.52
C GLY D 204 -30.79 15.80 31.59
N ALA D 205 -29.51 16.13 31.51
CA ALA D 205 -28.54 15.64 32.48
C ALA D 205 -28.58 16.50 33.75
N SER D 206 -27.62 16.27 34.65
CA SER D 206 -27.54 17.08 35.86
C SER D 206 -26.10 17.03 36.37
N VAL D 207 -25.80 17.99 37.23
CA VAL D 207 -24.50 18.13 37.88
C VAL D 207 -24.72 18.10 39.39
N THR D 208 -23.98 17.23 40.08
CA THR D 208 -23.97 17.20 41.54
C THR D 208 -22.52 17.19 42.02
N VAL D 209 -22.26 17.98 43.07
CA VAL D 209 -20.95 18.02 43.72
C VAL D 209 -21.19 17.82 45.22
N THR D 210 -20.47 16.86 45.82
CA THR D 210 -20.77 16.51 47.19
C THR D 210 -19.52 15.95 47.84
N ALA D 211 -19.45 16.06 49.17
CA ALA D 211 -18.39 15.39 49.92
C ALA D 211 -18.85 14.05 50.48
N ASP D 212 -20.09 13.65 50.18
CA ASP D 212 -20.68 12.43 50.74
C ASP D 212 -20.40 11.32 49.75
N ALA D 213 -19.26 10.64 49.93
CA ALA D 213 -18.89 9.56 49.01
C ALA D 213 -19.93 8.46 48.98
N HIS D 214 -20.47 8.11 50.15
CA HIS D 214 -21.49 7.06 50.17
CA HIS D 214 -21.55 7.11 50.27
C HIS D 214 -22.72 7.46 49.38
N ALA D 215 -23.18 8.71 49.50
CA ALA D 215 -24.33 9.15 48.72
C ALA D 215 -24.03 9.12 47.22
N ALA D 216 -22.82 9.53 46.84
CA ALA D 216 -22.44 9.54 45.44
C ALA D 216 -22.38 8.12 44.87
N ALA D 217 -21.97 7.14 45.67
CA ALA D 217 -21.91 5.77 45.17
C ALA D 217 -23.29 5.14 45.04
N ALA D 218 -24.22 5.50 45.93
CA ALA D 218 -25.52 4.86 45.97
C ALA D 218 -26.28 5.07 44.66
N GLY D 219 -26.72 3.97 44.07
CA GLY D 219 -27.49 4.00 42.84
C GLY D 219 -26.71 4.36 41.59
N ALA D 220 -25.38 4.43 41.67
CA ALA D 220 -24.61 4.81 40.50
C ALA D 220 -24.51 3.66 39.51
N ASP D 221 -24.52 3.99 38.22
CA ASP D 221 -24.29 3.02 37.15
C ASP D 221 -22.81 2.89 36.81
N VAL D 222 -22.04 3.95 37.01
CA VAL D 222 -20.62 4.01 36.67
C VAL D 222 -19.90 4.70 37.81
N LEU D 223 -18.82 4.10 38.29
CA LEU D 223 -17.95 4.67 39.32
C LEU D 223 -16.58 4.90 38.69
N VAL D 224 -16.04 6.10 38.88
CA VAL D 224 -14.79 6.49 38.22
C VAL D 224 -13.87 7.10 39.26
N THR D 225 -12.57 6.81 39.16
CA THR D 225 -11.61 7.56 39.94
C THR D 225 -10.33 7.74 39.12
N ASP D 226 -9.35 8.39 39.74
CA ASP D 226 -8.14 8.82 39.09
C ASP D 226 -7.11 9.04 40.19
N THR D 227 -5.84 9.07 39.81
CA THR D 227 -4.81 9.41 40.79
C THR D 227 -5.15 10.74 41.46
N TRP D 228 -4.76 10.83 42.73
CA TRP D 228 -5.11 11.99 43.54
C TRP D 228 -4.18 13.17 43.28
N THR D 229 -3.00 12.93 42.71
CA THR D 229 -1.96 13.94 42.70
C THR D 229 -1.24 13.87 41.37
N SER D 230 -1.16 15.00 40.67
CA SER D 230 -0.36 15.15 39.46
C SER D 230 1.07 15.51 39.82
N MET D 231 1.97 15.32 38.84
CA MET D 231 3.38 15.65 39.07
C MET D 231 3.55 17.08 39.58
N GLY D 232 2.83 18.03 38.97
CA GLY D 232 2.91 19.42 39.37
C GLY D 232 2.38 19.71 40.75
N GLN D 233 1.64 18.79 41.37
CA GLN D 233 1.07 19.00 42.70
C GLN D 233 1.89 18.37 43.82
N GLU D 234 2.91 17.58 43.49
CA GLU D 234 3.64 16.87 44.54
C GLU D 234 4.35 17.81 45.50
N ASN D 235 4.65 19.03 45.07
CA ASN D 235 5.30 20.02 45.91
C ASN D 235 4.36 21.18 46.28
N ASP D 236 3.05 20.94 46.27
CA ASP D 236 2.14 22.06 46.54
C ASP D 236 1.95 22.32 48.04
N GLY D 237 2.55 21.51 48.91
CA GLY D 237 2.48 21.75 50.34
C GLY D 237 1.34 21.06 51.06
N LEU D 238 0.42 20.47 50.32
CA LEU D 238 -0.74 19.80 50.90
C LEU D 238 -0.45 18.35 51.22
N ASP D 239 -1.01 17.87 52.34
CA ASP D 239 -1.24 16.45 52.52
C ASP D 239 -2.30 16.03 51.51
N ARG D 240 -1.90 15.29 50.47
CA ARG D 240 -2.82 14.88 49.42
C ARG D 240 -3.22 13.42 49.55
N VAL D 241 -3.23 12.90 50.78
CA VAL D 241 -3.66 11.54 51.06
C VAL D 241 -4.85 11.56 52.02
N LYS D 242 -4.64 12.15 53.20
CA LYS D 242 -5.71 12.17 54.20
C LYS D 242 -7.03 12.72 53.67
N PRO D 243 -7.08 13.80 52.89
CA PRO D 243 -8.39 14.31 52.46
C PRO D 243 -9.14 13.34 51.58
N PHE D 244 -8.42 12.44 50.89
CA PHE D 244 -9.02 11.62 49.84
C PHE D 244 -9.37 10.21 50.30
N ARG D 245 -8.85 9.74 51.44
CA ARG D 245 -9.16 8.37 51.82
C ARG D 245 -10.65 8.05 51.95
N PRO D 246 -11.53 8.94 52.41
CA PRO D 246 -12.96 8.62 52.37
C PRO D 246 -13.49 8.40 50.96
N PHE D 247 -12.74 8.79 49.93
CA PHE D 247 -13.21 8.71 48.56
C PHE D 247 -12.58 7.54 47.81
N GLN D 248 -11.89 6.65 48.50
CA GLN D 248 -11.26 5.49 47.86
C GLN D 248 -12.32 4.61 47.20
N LEU D 249 -12.08 4.24 45.94
CA LEU D 249 -12.99 3.32 45.25
C LEU D 249 -12.64 1.91 45.70
N ASN D 250 -13.34 1.46 46.73
CA ASN D 250 -13.07 0.13 47.32
C ASN D 250 -14.31 -0.73 47.22
N SER D 251 -14.19 -1.95 47.69
CA SER D 251 -15.30 -2.91 47.58
C SER D 251 -16.53 -2.42 48.34
N ARG D 252 -16.34 -1.81 49.51
CA ARG D 252 -17.48 -1.29 50.26
C ARG D 252 -18.22 -0.22 49.46
N LEU D 253 -17.47 0.67 48.80
CA LEU D 253 -18.10 1.73 48.01
C LEU D 253 -18.80 1.15 46.80
N LEU D 254 -18.15 0.23 46.10
CA LEU D 254 -18.76 -0.41 44.93
C LEU D 254 -20.06 -1.11 45.31
N ALA D 255 -20.09 -1.74 46.49
CA ALA D 255 -21.27 -2.48 46.90
C ALA D 255 -22.49 -1.58 47.10
N LEU D 256 -22.29 -0.27 47.26
CA LEU D 256 -23.41 0.65 47.38
C LEU D 256 -24.03 1.00 46.03
N ALA D 257 -23.29 0.83 44.94
CA ALA D 257 -23.79 1.21 43.63
C ALA D 257 -24.77 0.17 43.10
N ASP D 258 -25.36 0.47 41.95
CA ASP D 258 -26.23 -0.50 41.28
C ASP D 258 -25.49 -1.81 41.08
N SER D 259 -26.23 -2.92 41.12
CA SER D 259 -25.59 -4.22 41.05
C SER D 259 -24.87 -4.46 39.73
N ASP D 260 -25.23 -3.71 38.69
CA ASP D 260 -24.62 -3.85 37.37
C ASP D 260 -23.60 -2.75 37.10
N ALA D 261 -23.17 -2.02 38.13
CA ALA D 261 -22.29 -0.89 37.93
C ALA D 261 -20.93 -1.33 37.40
N ILE D 262 -20.31 -0.48 36.59
CA ILE D 262 -18.96 -0.71 36.12
C ILE D 262 -18.05 0.35 36.69
N VAL D 263 -16.75 0.08 36.63
CA VAL D 263 -15.72 0.94 37.20
C VAL D 263 -14.75 1.36 36.10
N LEU D 264 -14.42 2.65 36.08
CA LEU D 264 -13.49 3.23 35.13
C LEU D 264 -12.36 3.89 35.90
N HIS D 265 -11.19 3.90 35.29
CA HIS D 265 -10.01 4.54 35.87
C HIS D 265 -9.09 4.86 34.70
N CYS D 266 -8.84 6.14 34.50
CA CYS D 266 -7.86 6.52 33.48
C CYS D 266 -6.49 6.15 34.06
N LEU D 267 -5.70 5.42 33.32
CA LEU D 267 -4.49 4.89 33.90
C LEU D 267 -3.43 6.00 34.00
N PRO D 268 -2.37 5.77 34.79
CA PRO D 268 -2.07 4.60 35.60
C PRO D 268 -2.81 4.65 36.94
N ALA D 269 -3.09 3.48 37.50
CA ALA D 269 -3.67 3.39 38.83
C ALA D 269 -2.59 3.19 39.87
N HIS D 270 -2.79 3.78 41.04
CA HIS D 270 -1.96 3.55 42.21
C HIS D 270 -2.76 2.65 43.14
N ARG D 271 -2.60 1.35 42.94
CA ARG D 271 -3.39 0.37 43.66
C ARG D 271 -3.17 0.49 45.16
N GLY D 272 -4.27 0.52 45.91
CA GLY D 272 -4.22 0.77 47.33
C GLY D 272 -4.47 2.21 47.72
N ASP D 273 -4.34 3.15 46.78
CA ASP D 273 -4.65 4.54 47.09
C ASP D 273 -6.07 4.84 46.62
N GLU D 274 -6.24 5.35 45.39
CA GLU D 274 -7.56 5.77 44.94
C GLU D 274 -8.47 4.61 44.59
N ILE D 275 -7.91 3.42 44.37
CA ILE D 275 -8.66 2.24 43.98
C ILE D 275 -7.94 1.03 44.58
N THR D 276 -8.70 -0.02 44.90
CA THR D 276 -8.12 -1.24 45.45
C THR D 276 -7.95 -2.31 44.38
N ASP D 277 -7.07 -3.28 44.68
CA ASP D 277 -6.89 -4.43 43.80
C ASP D 277 -8.20 -5.15 43.53
N ALA D 278 -9.01 -5.37 44.57
CA ALA D 278 -10.26 -6.11 44.40
C ALA D 278 -11.18 -5.44 43.41
N VAL D 279 -11.29 -4.12 43.45
CA VAL D 279 -12.13 -3.40 42.50
C VAL D 279 -11.48 -3.37 41.12
N MET D 280 -10.19 -3.04 41.08
CA MET D 280 -9.47 -2.94 39.81
C MET D 280 -9.56 -4.23 39.00
N ASP D 281 -9.45 -5.38 39.66
CA ASP D 281 -9.36 -6.66 38.98
C ASP D 281 -10.66 -7.45 39.04
N GLY D 282 -11.72 -6.87 39.58
CA GLY D 282 -12.96 -7.59 39.72
C GLY D 282 -13.87 -7.47 38.52
N PRO D 283 -15.05 -8.08 38.62
CA PRO D 283 -15.95 -8.17 37.47
C PRO D 283 -16.54 -6.85 37.03
N ALA D 284 -16.59 -5.84 37.90
CA ALA D 284 -17.14 -4.55 37.51
C ALA D 284 -16.14 -3.70 36.75
N SER D 285 -14.86 -4.05 36.79
CA SER D 285 -13.84 -3.20 36.19
C SER D 285 -13.94 -3.24 34.68
N ALA D 286 -13.95 -2.05 34.06
CA ALA D 286 -13.87 -1.93 32.61
C ALA D 286 -12.60 -1.20 32.18
N VAL D 287 -11.58 -1.20 33.05
CA VAL D 287 -10.42 -0.32 32.82
C VAL D 287 -9.61 -0.74 31.59
N TRP D 288 -9.54 -2.03 31.27
CA TRP D 288 -8.73 -2.43 30.12
C TRP D 288 -9.44 -2.17 28.81
N ASP D 289 -10.75 -2.42 28.74
CA ASP D 289 -11.51 -2.00 27.57
C ASP D 289 -11.43 -0.49 27.40
N GLU D 290 -11.53 0.24 28.51
CA GLU D 290 -11.41 1.69 28.49
C GLU D 290 -10.08 2.12 27.88
N ALA D 291 -8.98 1.49 28.30
CA ALA D 291 -7.67 1.84 27.75
C ALA D 291 -7.61 1.55 26.25
N GLU D 292 -8.11 0.38 25.84
CA GLU D 292 -8.14 0.06 24.42
C GLU D 292 -8.91 1.11 23.64
N ASN D 293 -10.02 1.60 24.21
CA ASN D 293 -10.90 2.45 23.43
C ASN D 293 -10.34 3.84 23.21
N ARG D 294 -9.26 4.21 23.90
CA ARG D 294 -8.53 5.41 23.51
C ARG D 294 -8.17 5.37 22.03
N LEU D 295 -7.73 4.21 21.56
CA LEU D 295 -7.37 4.06 20.15
C LEU D 295 -8.55 4.35 19.24
N HIS D 296 -9.67 3.68 19.49
CA HIS D 296 -10.82 3.79 18.59
C HIS D 296 -11.48 5.15 18.67
N ALA D 297 -11.66 5.68 19.89
CA ALA D 297 -12.36 6.96 20.02
C ALA D 297 -11.53 8.10 19.43
N GLN D 298 -10.21 8.05 19.61
CA GLN D 298 -9.37 9.09 19.02
C GLN D 298 -9.34 8.99 17.50
N LYS D 299 -9.31 7.78 16.96
CA LYS D 299 -9.41 7.64 15.50
C LYS D 299 -10.71 8.25 14.99
N ALA D 300 -11.82 7.94 15.66
CA ALA D 300 -13.11 8.51 15.23
C ALA D 300 -13.10 10.03 15.28
N LEU D 301 -12.56 10.58 16.36
CA LEU D 301 -12.47 12.02 16.49
C LEU D 301 -11.67 12.62 15.33
N LEU D 302 -10.52 12.02 15.02
CA LEU D 302 -9.71 12.53 13.92
C LEU D 302 -10.47 12.47 12.59
N VAL D 303 -11.10 11.34 12.30
CA VAL D 303 -11.89 11.24 11.07
C VAL D 303 -12.94 12.35 11.03
N TRP D 304 -13.65 12.53 12.13
CA TRP D 304 -14.74 13.50 12.17
C TRP D 304 -14.23 14.93 11.99
N LEU D 305 -13.17 15.29 12.72
CA LEU D 305 -12.63 16.65 12.61
C LEU D 305 -12.07 16.92 11.22
N LEU D 306 -11.40 15.93 10.63
CA LEU D 306 -10.82 16.15 9.32
C LEU D 306 -11.90 16.40 8.27
N GLU D 307 -13.02 15.68 8.34
CA GLU D 307 -14.01 15.88 7.30
C GLU D 307 -14.82 17.16 7.49
N ARG D 308 -14.79 17.76 8.68
CA ARG D 308 -15.43 19.05 8.90
C ARG D 308 -14.47 20.23 8.79
N SER D 309 -13.23 20.00 8.40
CA SER D 309 -12.23 21.07 8.38
C SER D 309 -11.51 21.14 7.03
N VAL E 3 -2.01 -21.29 22.60
CA VAL E 3 -0.83 -21.05 23.42
C VAL E 3 0.09 -20.02 22.77
N ILE E 4 0.36 -18.96 23.53
CA ILE E 4 1.13 -17.84 23.03
C ILE E 4 2.61 -18.19 23.20
N ARG E 5 3.38 -18.03 22.13
CA ARG E 5 4.81 -18.35 22.19
C ARG E 5 5.59 -17.09 22.49
N HIS E 6 6.64 -17.21 23.30
CA HIS E 6 7.54 -16.10 23.60
CA HIS E 6 7.53 -16.09 23.57
C HIS E 6 8.96 -16.49 23.21
N PHE E 7 9.86 -15.51 23.19
CA PHE E 7 11.26 -15.78 22.87
C PHE E 7 12.08 -14.92 23.84
N LEU E 8 12.34 -15.48 25.03
CA LEU E 8 13.06 -14.78 26.08
C LEU E 8 14.48 -15.29 26.23
N ARG E 9 14.75 -16.51 25.75
CA ARG E 9 16.07 -17.12 25.81
C ARG E 9 16.11 -18.14 24.69
N ASP E 10 17.30 -18.47 24.22
CA ASP E 10 17.49 -19.22 22.96
C ASP E 10 16.78 -20.56 22.91
N ASP E 11 16.78 -21.23 24.06
CA ASP E 11 16.19 -22.55 24.09
C ASP E 11 14.66 -22.52 24.19
N ASP E 12 14.06 -21.33 24.14
CA ASP E 12 12.61 -21.28 23.98
C ASP E 12 12.17 -21.85 22.64
N LEU E 13 13.08 -21.94 21.66
CA LEU E 13 12.84 -22.66 20.42
C LEU E 13 13.47 -24.03 20.54
N SER E 14 12.75 -25.08 20.14
CA SER E 14 13.34 -26.39 20.01
C SER E 14 14.32 -26.41 18.83
N PRO E 15 15.17 -27.44 18.72
CA PRO E 15 16.02 -27.55 17.53
C PRO E 15 15.24 -27.45 16.23
N ALA E 16 14.11 -28.16 16.10
CA ALA E 16 13.34 -28.09 14.85
C ALA E 16 12.74 -26.70 14.63
N GLU E 17 12.26 -26.07 15.71
CA GLU E 17 11.70 -24.72 15.59
C GLU E 17 12.78 -23.70 15.22
N GLN E 18 13.95 -23.80 15.84
CA GLN E 18 15.02 -22.90 15.47
C GLN E 18 15.39 -23.04 13.99
N ALA E 19 15.45 -24.28 13.49
CA ALA E 19 15.74 -24.48 12.08
C ALA E 19 14.68 -23.80 11.20
N GLU E 20 13.41 -23.86 11.62
CA GLU E 20 12.35 -23.18 10.86
C GLU E 20 12.57 -21.67 10.83
N VAL E 21 12.92 -21.09 11.98
CA VAL E 21 13.17 -19.65 12.04
C VAL E 21 14.35 -19.28 11.16
N LEU E 22 15.42 -20.06 11.22
CA LEU E 22 16.62 -19.70 10.45
C LEU E 22 16.39 -19.87 8.96
N GLU E 23 15.61 -20.88 8.54
CA GLU E 23 15.22 -21.00 7.14
C GLU E 23 14.41 -19.79 6.69
N LEU E 24 13.46 -19.35 7.53
CA LEU E 24 12.67 -18.17 7.19
C LEU E 24 13.56 -16.93 7.11
N ALA E 25 14.59 -16.84 7.97
CA ALA E 25 15.49 -15.68 7.92
C ALA E 25 16.20 -15.60 6.58
N ALA E 26 16.62 -16.75 6.03
CA ALA E 26 17.25 -16.74 4.73
C ALA E 26 16.27 -16.38 3.64
N GLU E 27 15.01 -16.85 3.75
CA GLU E 27 14.01 -16.49 2.74
C GLU E 27 13.71 -14.99 2.77
N LEU E 28 13.63 -14.42 3.98
CA LEU E 28 13.28 -13.02 4.11
C LEU E 28 14.42 -12.11 3.70
N LYS E 29 15.68 -12.56 3.86
CA LYS E 29 16.79 -11.78 3.34
C LYS E 29 16.70 -11.69 1.82
N LYS E 30 16.25 -12.77 1.18
CA LYS E 30 16.10 -12.77 -0.28
C LYS E 30 14.94 -11.89 -0.71
N ASP E 31 13.82 -11.96 0.02
CA ASP E 31 12.56 -11.30 -0.37
C ASP E 31 12.00 -10.58 0.85
N PRO E 32 12.52 -9.38 1.15
CA PRO E 32 12.25 -8.76 2.45
C PRO E 32 10.86 -8.22 2.67
N VAL E 33 10.01 -8.08 1.65
CA VAL E 33 8.66 -7.59 1.88
C VAL E 33 7.63 -8.64 1.47
N SER E 34 8.07 -9.90 1.36
CA SER E 34 7.22 -10.99 0.92
C SER E 34 6.33 -11.55 2.02
N ARG E 35 6.57 -11.22 3.28
CA ARG E 35 5.73 -11.65 4.40
C ARG E 35 5.13 -10.42 5.07
N ARG E 36 3.80 -10.37 5.14
CA ARG E 36 3.12 -9.18 5.67
C ARG E 36 2.08 -9.56 6.71
N PRO E 37 2.50 -10.24 7.78
CA PRO E 37 1.54 -10.64 8.83
C PRO E 37 1.00 -9.46 9.60
N LEU E 38 1.68 -8.31 9.56
CA LEU E 38 1.28 -7.16 10.35
C LEU E 38 0.61 -6.08 9.49
N GLN E 39 0.24 -6.41 8.25
CA GLN E 39 -0.41 -5.43 7.38
C GLN E 39 -1.66 -4.86 8.05
N GLY E 40 -1.88 -3.56 7.85
CA GLY E 40 -2.96 -2.87 8.52
C GLY E 40 -2.75 -1.37 8.55
N PRO E 41 -1.76 -0.88 9.32
CA PRO E 41 -0.80 -1.69 10.07
C PRO E 41 -1.30 -2.14 11.43
N ARG E 42 -0.80 -3.30 11.85
CA ARG E 42 -0.90 -3.73 13.24
C ARG E 42 0.32 -3.21 13.98
N GLY E 43 0.18 -3.01 15.28
CA GLY E 43 1.27 -2.46 16.07
C GLY E 43 2.18 -3.52 16.68
N VAL E 44 3.44 -3.13 16.92
CA VAL E 44 4.36 -3.91 17.75
C VAL E 44 5.04 -2.92 18.67
N ALA E 45 5.05 -3.22 19.97
CA ALA E 45 5.76 -2.36 20.92
C ALA E 45 7.24 -2.70 20.89
N VAL E 46 8.10 -1.67 20.87
CA VAL E 46 9.54 -1.85 20.97
C VAL E 46 10.04 -0.94 22.09
N ILE E 47 10.36 -1.54 23.24
CA ILE E 47 10.58 -0.80 24.48
C ILE E 47 12.01 -0.98 24.92
N PHE E 48 12.69 0.13 25.20
CA PHE E 48 14.11 0.15 25.55
C PHE E 48 14.24 0.71 26.96
N ASP E 49 14.64 -0.13 27.92
CA ASP E 49 15.08 0.42 29.20
C ASP E 49 16.46 1.04 29.06
N LYS E 50 17.19 0.71 28.00
CA LYS E 50 18.46 1.30 27.62
C LYS E 50 18.55 1.19 26.11
N ASN E 51 18.93 2.29 25.46
CA ASN E 51 18.88 2.34 24.00
C ASN E 51 19.96 1.46 23.36
N SER E 52 19.76 1.16 22.07
CA SER E 52 20.73 0.42 21.27
C SER E 52 20.49 0.72 19.79
N THR E 53 21.55 1.13 19.07
CA THR E 53 21.41 1.48 17.65
C THR E 53 21.02 0.28 16.79
N ARG E 54 21.78 -0.81 16.90
CA ARG E 54 21.43 -2.05 16.22
C ARG E 54 19.99 -2.44 16.53
N THR E 55 19.61 -2.42 17.81
CA THR E 55 18.32 -2.99 18.14
C THR E 55 17.18 -2.09 17.65
N ARG E 56 17.36 -0.78 17.78
CA ARG E 56 16.36 0.18 17.31
C ARG E 56 16.15 0.06 15.80
N PHE E 57 17.24 0.16 15.03
CA PHE E 57 17.09 0.14 13.58
C PHE E 57 16.56 -1.21 13.10
N SER E 58 17.15 -2.30 13.61
CA SER E 58 16.77 -3.60 13.08
C SER E 58 15.30 -3.92 13.37
N PHE E 59 14.83 -3.64 14.59
CA PHE E 59 13.43 -3.98 14.88
C PHE E 59 12.47 -3.00 14.24
N GLU E 60 12.76 -1.69 14.30
CA GLU E 60 11.82 -0.72 13.76
C GLU E 60 11.58 -0.96 12.27
N LEU E 61 12.65 -1.19 11.52
CA LEU E 61 12.51 -1.37 10.07
C LEU E 61 11.98 -2.76 9.75
N GLY E 62 12.39 -3.76 10.52
CA GLY E 62 11.88 -5.10 10.28
C GLY E 62 10.39 -5.17 10.45
N ILE E 63 9.88 -4.52 11.50
CA ILE E 63 8.43 -4.53 11.75
C ILE E 63 7.71 -3.81 10.62
N ALA E 64 8.27 -2.69 10.15
CA ALA E 64 7.66 -1.97 9.03
C ALA E 64 7.63 -2.84 7.78
N GLN E 65 8.70 -3.61 7.54
CA GLN E 65 8.76 -4.46 6.37
C GLN E 65 7.83 -5.66 6.46
N LEU E 66 7.32 -5.99 7.66
CA LEU E 66 6.25 -6.97 7.80
C LEU E 66 4.88 -6.34 7.66
N GLY E 67 4.82 -5.05 7.33
CA GLY E 67 3.56 -4.34 7.18
C GLY E 67 3.09 -3.60 8.41
N GLY E 68 3.80 -3.74 9.53
CA GLY E 68 3.32 -3.22 10.80
C GLY E 68 3.87 -1.85 11.08
N HIS E 69 3.57 -1.37 12.29
CA HIS E 69 4.07 -0.09 12.77
C HIS E 69 4.66 -0.30 14.15
N ALA E 70 5.95 -0.04 14.28
CA ALA E 70 6.59 -0.17 15.58
C ALA E 70 6.39 1.10 16.38
N VAL E 71 5.92 0.96 17.61
CA VAL E 71 5.87 2.08 18.54
C VAL E 71 7.09 1.94 19.43
N VAL E 72 8.05 2.84 19.28
CA VAL E 72 9.36 2.72 19.90
C VAL E 72 9.39 3.63 21.11
N VAL E 73 9.67 3.04 22.28
CA VAL E 73 9.69 3.75 23.55
C VAL E 73 11.13 3.72 24.04
N ASP E 74 11.75 4.91 24.13
CA ASP E 74 13.13 5.05 24.58
C ASP E 74 13.22 4.88 26.08
N LEU E 80 9.70 1.95 32.92
CA LEU E 80 8.65 0.95 32.92
C LEU E 80 8.63 0.20 34.25
N GLY E 81 7.44 0.03 34.82
CA GLY E 81 7.29 -0.43 36.19
C GLY E 81 7.28 0.69 37.21
N ARG E 82 7.58 1.92 36.81
CA ARG E 82 7.64 3.03 37.75
C ARG E 82 6.25 3.51 38.17
N ASP E 83 5.45 3.99 37.20
CA ASP E 83 4.18 4.61 37.56
C ASP E 83 3.00 3.63 37.61
N GLU E 84 3.18 2.39 37.15
CA GLU E 84 2.17 1.36 37.34
C GLU E 84 2.86 0.01 37.33
N THR E 85 2.15 -1.02 37.79
CA THR E 85 2.75 -2.35 37.84
C THR E 85 3.09 -2.83 36.44
N LEU E 86 4.14 -3.67 36.35
CA LEU E 86 4.43 -4.39 35.12
C LEU E 86 3.21 -5.08 34.55
N GLN E 87 2.40 -5.68 35.43
CA GLN E 87 1.24 -6.45 34.98
C GLN E 87 0.19 -5.53 34.35
N ASP E 88 0.02 -4.33 34.91
CA ASP E 88 -0.91 -3.38 34.30
C ASP E 88 -0.41 -2.92 32.94
N THR E 89 0.90 -2.69 32.83
CA THR E 89 1.45 -2.30 31.53
C THR E 89 1.25 -3.40 30.50
N ALA E 90 1.48 -4.66 30.89
CA ALA E 90 1.31 -5.78 29.98
C ALA E 90 -0.12 -5.88 29.48
N LYS E 91 -1.09 -5.65 30.38
CA LYS E 91 -2.48 -5.76 29.99
C LYS E 91 -2.86 -4.65 29.00
N VAL E 92 -2.37 -3.43 29.22
CA VAL E 92 -2.69 -2.35 28.30
C VAL E 92 -2.00 -2.55 26.95
N LEU E 93 -0.71 -2.87 26.97
CA LEU E 93 0.02 -3.10 25.71
C LEU E 93 -0.67 -4.15 24.87
N SER E 94 -1.17 -5.21 25.51
CA SER E 94 -1.83 -6.30 24.79
C SER E 94 -3.07 -5.83 24.05
N ARG E 95 -3.66 -4.69 24.44
CA ARG E 95 -4.79 -4.12 23.72
C ARG E 95 -4.38 -3.30 22.52
N TYR E 96 -3.12 -2.82 22.47
CA TYR E 96 -2.69 -1.97 21.37
C TYR E 96 -1.82 -2.68 20.34
N VAL E 97 -1.07 -3.72 20.71
CA VAL E 97 -0.08 -4.28 19.82
C VAL E 97 -0.23 -5.80 19.72
N ASP E 98 0.39 -6.37 18.67
CA ASP E 98 0.35 -7.79 18.42
C ASP E 98 1.57 -8.53 18.96
N ALA E 99 2.56 -7.79 19.46
CA ALA E 99 3.77 -8.37 20.04
C ALA E 99 4.48 -7.28 20.81
N ILE E 100 5.28 -7.69 21.80
CA ILE E 100 6.05 -6.77 22.64
C ILE E 100 7.52 -7.17 22.55
N VAL E 101 8.35 -6.25 22.07
CA VAL E 101 9.80 -6.41 22.03
C VAL E 101 10.39 -5.55 23.14
N TRP E 102 11.19 -6.15 24.02
CA TRP E 102 11.60 -5.43 25.22
C TRP E 102 13.09 -5.66 25.46
N ARG E 103 13.86 -4.57 25.53
CA ARG E 103 15.25 -4.61 25.99
C ARG E 103 15.26 -4.15 27.44
N THR E 104 15.66 -5.03 28.36
CA THR E 104 15.60 -4.68 29.76
C THR E 104 16.74 -5.41 30.47
N PHE E 105 16.76 -5.32 31.78
CA PHE E 105 17.90 -5.82 32.55
C PHE E 105 17.62 -7.21 33.11
N GLY E 106 16.85 -7.31 34.19
CA GLY E 106 16.63 -8.61 34.82
C GLY E 106 15.71 -9.49 34.00
N GLN E 107 16.10 -10.77 33.89
CA GLN E 107 15.29 -11.76 33.20
C GLN E 107 13.92 -11.96 33.86
N GLU E 108 13.84 -11.78 35.17
CA GLU E 108 12.56 -12.00 35.86
C GLU E 108 11.49 -11.01 35.38
N ARG E 109 11.91 -9.81 34.93
CA ARG E 109 10.96 -8.85 34.39
C ARG E 109 10.38 -9.34 33.08
N LEU E 110 11.23 -9.88 32.20
CA LEU E 110 10.75 -10.46 30.96
C LEU E 110 9.80 -11.61 31.25
N ASP E 111 10.17 -12.48 32.18
CA ASP E 111 9.30 -13.59 32.57
C ASP E 111 7.94 -13.08 33.03
N ALA E 112 7.93 -12.02 33.82
CA ALA E 112 6.67 -11.51 34.35
C ALA E 112 5.82 -10.93 33.24
N MET E 113 6.45 -10.21 32.30
CA MET E 113 5.69 -9.64 31.19
C MET E 113 5.05 -10.74 30.35
N ALA E 114 5.83 -11.80 30.06
CA ALA E 114 5.36 -12.89 29.23
C ALA E 114 4.23 -13.68 29.89
N SER E 115 4.23 -13.80 31.21
CA SER E 115 3.19 -14.59 31.85
C SER E 115 1.85 -13.88 31.88
N VAL E 116 1.83 -12.55 31.72
CA VAL E 116 0.61 -11.79 31.75
C VAL E 116 0.17 -11.31 30.37
N ALA E 117 1.10 -10.98 29.48
CA ALA E 117 0.73 -10.48 28.16
C ALA E 117 0.02 -11.56 27.36
N THR E 118 -0.96 -11.15 26.55
CA THR E 118 -1.67 -12.07 25.67
C THR E 118 -1.14 -12.00 24.24
N VAL E 119 0.07 -11.49 24.07
CA VAL E 119 0.77 -11.44 22.78
C VAL E 119 2.19 -11.90 23.03
N PRO E 120 2.89 -12.33 21.96
CA PRO E 120 4.29 -12.78 22.14
C PRO E 120 5.19 -11.67 22.67
N VAL E 121 6.07 -12.05 23.59
CA VAL E 121 7.10 -11.17 24.14
C VAL E 121 8.45 -11.66 23.65
N ILE E 122 9.27 -10.72 23.16
CA ILE E 122 10.60 -11.00 22.63
C ILE E 122 11.64 -10.26 23.46
N ASN E 123 12.65 -10.98 23.91
CA ASN E 123 13.78 -10.38 24.62
C ASN E 123 14.74 -9.78 23.58
N ALA E 124 14.81 -8.45 23.53
CA ALA E 124 15.67 -7.74 22.58
C ALA E 124 17.11 -7.62 23.05
N LEU E 125 17.34 -7.95 24.32
CA LEU E 125 18.67 -7.96 25.02
C LEU E 125 18.34 -7.87 26.51
N SER E 126 18.89 -8.77 27.31
CA SER E 126 18.76 -8.66 28.76
C SER E 126 20.12 -8.91 29.37
N ASP E 127 20.19 -8.77 30.70
CA ASP E 127 21.43 -9.09 31.41
C ASP E 127 21.85 -10.53 31.15
N GLU E 128 20.89 -11.45 31.04
CA GLU E 128 21.22 -12.87 31.04
C GLU E 128 21.34 -13.47 29.65
N PHE E 129 20.61 -12.96 28.66
CA PHE E 129 20.57 -13.57 27.33
C PHE E 129 20.50 -12.49 26.26
N HIS E 130 20.97 -12.79 25.05
CA HIS E 130 20.83 -11.91 23.86
C HIS E 130 20.41 -12.85 22.72
N PRO E 131 19.20 -13.45 22.75
CA PRO E 131 18.92 -14.54 21.82
C PRO E 131 18.67 -14.08 20.40
N CYS E 132 18.25 -12.83 20.20
CA CYS E 132 18.08 -12.33 18.84
C CYS E 132 19.43 -12.12 18.16
N GLN E 133 20.43 -11.71 18.94
CA GLN E 133 21.77 -11.62 18.38
C GLN E 133 22.25 -13.00 17.93
N VAL E 134 22.01 -14.04 18.73
CA VAL E 134 22.53 -15.33 18.33
C VAL E 134 21.77 -15.90 17.13
N LEU E 135 20.47 -15.58 16.97
CA LEU E 135 19.80 -15.97 15.73
C LEU E 135 20.49 -15.34 14.52
N ALA E 136 20.84 -14.06 14.64
CA ALA E 136 21.58 -13.40 13.56
C ALA E 136 22.94 -14.04 13.35
N ASP E 137 23.61 -14.41 14.44
CA ASP E 137 24.91 -15.08 14.36
C ASP E 137 24.78 -16.39 13.60
N LEU E 138 23.78 -17.20 13.97
CA LEU E 138 23.57 -18.48 13.31
C LEU E 138 23.24 -18.30 11.83
N GLN E 139 22.42 -17.29 11.51
CA GLN E 139 22.15 -17.02 10.10
C GLN E 139 23.43 -16.69 9.35
N THR E 140 24.33 -15.90 9.99
CA THR E 140 25.58 -15.52 9.36
C THR E 140 26.47 -16.74 9.17
N ILE E 141 26.58 -17.59 10.19
CA ILE E 141 27.42 -18.78 10.06
C ILE E 141 26.91 -19.66 8.94
N ALA E 142 25.58 -19.82 8.83
CA ALA E 142 25.03 -20.70 7.80
C ALA E 142 25.30 -20.14 6.40
N GLU E 143 25.23 -18.81 6.26
CA GLU E 143 25.54 -18.17 4.98
C GLU E 143 26.95 -18.49 4.53
N ARG E 144 27.89 -18.46 5.47
CA ARG E 144 29.30 -18.62 5.17
C ARG E 144 29.68 -20.09 5.03
N LYS E 145 29.01 -20.97 5.77
CA LYS E 145 29.55 -22.31 5.97
C LYS E 145 28.57 -23.44 5.67
N GLY E 146 27.30 -23.14 5.49
CA GLY E 146 26.32 -24.17 5.13
C GLY E 146 25.70 -24.78 6.37
N ALA E 147 25.76 -26.11 6.47
CA ALA E 147 25.14 -26.81 7.59
C ALA E 147 25.81 -26.41 8.90
N LEU E 148 24.98 -26.12 9.91
CA LEU E 148 25.52 -25.73 11.21
C LEU E 148 25.90 -26.94 12.04
N ARG E 149 25.22 -28.07 11.85
CA ARG E 149 25.48 -29.23 12.69
C ARG E 149 26.93 -29.66 12.60
N GLY E 150 27.58 -29.79 13.76
CA GLY E 150 28.93 -30.29 13.81
C GLY E 150 30.01 -29.23 13.75
N LEU E 151 29.66 -27.97 13.48
CA LEU E 151 30.65 -26.91 13.52
C LEU E 151 31.17 -26.72 14.94
N ARG E 152 32.36 -26.14 15.03
CA ARG E 152 32.99 -25.84 16.32
C ARG E 152 33.08 -24.33 16.47
N LEU E 153 32.44 -23.81 17.51
CA LEU E 153 32.42 -22.37 17.79
C LEU E 153 33.04 -22.13 19.15
N SER E 154 33.97 -21.17 19.23
CA SER E 154 34.56 -20.78 20.50
C SER E 154 34.29 -19.30 20.76
N TYR E 155 33.82 -19.01 21.97
CA TYR E 155 33.59 -17.66 22.43
C TYR E 155 34.64 -17.33 23.48
N PHE E 156 35.14 -16.09 23.45
CA PHE E 156 36.23 -15.64 24.31
C PHE E 156 35.82 -14.40 25.08
N GLY E 157 36.16 -14.38 26.37
CA GLY E 157 35.96 -13.17 27.15
C GLY E 157 35.23 -13.44 28.45
N ASP E 158 34.22 -12.62 28.74
CA ASP E 158 33.44 -12.79 29.96
C ASP E 158 32.45 -13.93 29.71
N GLY E 159 32.65 -15.05 30.38
CA GLY E 159 31.86 -16.23 30.15
C GLY E 159 30.53 -16.27 30.86
N ALA E 160 30.17 -15.22 31.59
CA ALA E 160 28.92 -15.21 32.33
C ALA E 160 27.95 -14.16 31.80
N ASN E 161 28.26 -13.53 30.67
CA ASN E 161 27.41 -12.47 30.17
C ASN E 161 26.34 -13.04 29.23
N ASN E 162 25.53 -12.12 28.70
CA ASN E 162 24.41 -12.52 27.86
C ASN E 162 24.83 -13.25 26.59
N MET E 163 25.93 -12.83 25.95
CA MET E 163 26.37 -13.53 24.73
C MET E 163 26.93 -14.91 25.01
N ALA E 164 27.70 -15.08 26.10
CA ALA E 164 28.17 -16.42 26.43
C ALA E 164 26.98 -17.36 26.66
N HIS E 165 25.99 -16.90 27.41
CA HIS E 165 24.82 -17.73 27.69
C HIS E 165 24.06 -18.07 26.42
N SER E 166 23.85 -17.07 25.55
CA SER E 166 23.06 -17.31 24.35
C SER E 166 23.85 -18.10 23.31
N LEU E 167 25.16 -17.90 23.20
CA LEU E 167 25.91 -18.75 22.29
C LEU E 167 25.89 -20.20 22.75
N LEU E 168 25.95 -20.43 24.07
CA LEU E 168 25.79 -21.78 24.58
C LEU E 168 24.43 -22.37 24.18
N LEU E 169 23.34 -21.70 24.56
CA LEU E 169 22.02 -22.29 24.35
C LEU E 169 21.64 -22.32 22.89
N GLY E 170 21.83 -21.19 22.20
CA GLY E 170 21.45 -21.15 20.78
C GLY E 170 22.37 -21.99 19.93
N GLY E 171 23.67 -22.00 20.26
CA GLY E 171 24.60 -22.80 19.50
C GLY E 171 24.32 -24.29 19.59
N VAL E 172 24.14 -24.81 20.81
CA VAL E 172 23.88 -26.25 20.89
C VAL E 172 22.51 -26.60 20.33
N THR E 173 21.55 -25.66 20.37
CA THR E 173 20.27 -25.94 19.73
C THR E 173 20.42 -26.17 18.24
N ALA E 174 21.40 -25.51 17.61
CA ALA E 174 21.74 -25.66 16.21
C ALA E 174 22.67 -26.84 15.94
N GLY E 175 23.08 -27.57 16.98
CA GLY E 175 24.00 -28.69 16.80
C GLY E 175 25.46 -28.31 16.77
N ILE E 176 25.81 -27.10 17.18
CA ILE E 176 27.18 -26.60 17.16
C ILE E 176 27.86 -27.01 18.46
N HIS E 177 29.12 -27.46 18.36
CA HIS E 177 29.94 -27.72 19.54
C HIS E 177 30.45 -26.38 20.06
N VAL E 178 29.99 -25.94 21.22
CA VAL E 178 30.28 -24.60 21.71
C VAL E 178 31.32 -24.68 22.82
N THR E 179 32.36 -23.86 22.72
CA THR E 179 33.37 -23.71 23.76
C THR E 179 33.33 -22.27 24.27
N VAL E 180 33.30 -22.11 25.59
CA VAL E 180 33.43 -20.81 26.24
C VAL E 180 34.80 -20.78 26.87
N ALA E 181 35.63 -19.83 26.44
CA ALA E 181 36.98 -19.63 26.97
C ALA E 181 36.95 -18.37 27.83
N ALA E 182 37.09 -18.54 29.14
CA ALA E 182 36.92 -17.43 30.06
C ALA E 182 37.77 -17.69 31.28
N PRO E 183 38.20 -16.64 31.96
CA PRO E 183 38.98 -16.84 33.19
C PRO E 183 38.10 -17.30 34.34
N GLU E 184 38.73 -18.02 35.28
CA GLU E 184 38.06 -18.40 36.52
C GLU E 184 37.44 -17.18 37.17
N GLY E 185 36.23 -17.36 37.70
CA GLY E 185 35.46 -16.30 38.30
C GLY E 185 34.51 -15.64 37.34
N PHE E 186 34.60 -15.96 36.05
CA PHE E 186 33.80 -15.33 34.99
C PHE E 186 33.17 -16.39 34.12
N LEU E 187 32.66 -17.45 34.73
CA LEU E 187 32.21 -18.63 34.01
C LEU E 187 30.68 -18.63 33.88
N PRO E 188 30.14 -19.42 32.95
CA PRO E 188 28.68 -19.41 32.72
C PRO E 188 27.88 -19.75 33.97
N ASP E 189 26.70 -19.13 34.07
CA ASP E 189 25.74 -19.47 35.11
C ASP E 189 25.51 -20.98 35.13
N PRO E 190 25.57 -21.64 36.30
CA PRO E 190 25.41 -23.11 36.33
C PRO E 190 24.09 -23.60 35.76
N SER E 191 22.99 -22.89 35.99
CA SER E 191 21.73 -23.34 35.43
C SER E 191 21.71 -23.22 33.90
N VAL E 192 22.31 -22.16 33.35
CA VAL E 192 22.39 -22.03 31.90
C VAL E 192 23.28 -23.12 31.32
N ARG E 193 24.43 -23.35 31.95
CA ARG E 193 25.34 -24.39 31.46
C ARG E 193 24.67 -25.76 31.47
N ALA E 194 23.95 -26.10 32.55
CA ALA E 194 23.28 -27.40 32.59
C ALA E 194 22.20 -27.49 31.52
N ALA E 195 21.44 -26.41 31.32
CA ALA E 195 20.43 -26.42 30.27
C ALA E 195 21.06 -26.63 28.90
N ALA E 196 22.23 -26.00 28.67
CA ALA E 196 22.92 -26.18 27.39
C ALA E 196 23.45 -27.61 27.23
N GLU E 197 23.96 -28.18 28.32
CA GLU E 197 24.45 -29.55 28.23
C GLU E 197 23.32 -30.52 27.91
N ARG E 198 22.13 -30.28 28.49
CA ARG E 198 21.01 -31.18 28.23
C ARG E 198 20.51 -31.02 26.79
N ARG E 199 20.41 -29.78 26.32
CA ARG E 199 19.95 -29.55 24.97
C ARG E 199 20.95 -30.10 23.96
N ALA E 200 22.24 -30.02 24.26
CA ALA E 200 23.26 -30.55 23.37
C ALA E 200 23.11 -32.05 23.16
N GLN E 201 22.59 -32.78 24.16
CA GLN E 201 22.36 -34.21 23.99
C GLN E 201 21.36 -34.50 22.88
N ASP E 202 20.38 -33.61 22.68
CA ASP E 202 19.36 -33.81 21.66
C ASP E 202 19.85 -33.55 20.25
N THR E 203 20.96 -32.83 20.08
CA THR E 203 21.41 -32.42 18.76
C THR E 203 22.76 -32.97 18.38
N GLY E 204 23.41 -33.74 19.26
CA GLY E 204 24.76 -34.19 19.02
C GLY E 204 25.83 -33.18 19.31
N ALA E 205 25.47 -32.03 19.87
CA ALA E 205 26.42 -30.95 20.15
C ALA E 205 27.16 -31.23 21.45
N SER E 206 27.90 -30.23 21.94
CA SER E 206 28.60 -30.38 23.21
C SER E 206 28.87 -29.00 23.79
N VAL E 207 29.17 -28.98 25.10
CA VAL E 207 29.52 -27.78 25.83
C VAL E 207 30.90 -27.98 26.42
N THR E 208 31.80 -27.03 26.18
CA THR E 208 33.14 -27.02 26.77
C THR E 208 33.37 -25.67 27.41
N VAL E 209 33.89 -25.66 28.64
CA VAL E 209 34.26 -24.41 29.29
C VAL E 209 35.72 -24.55 29.73
N THR E 210 36.55 -23.59 29.35
CA THR E 210 37.98 -23.72 29.60
C THR E 210 38.60 -22.34 29.84
N ALA E 211 39.72 -22.31 30.57
CA ALA E 211 40.53 -21.10 30.65
C ALA E 211 41.68 -21.09 29.66
N ASP E 212 41.78 -22.13 28.83
CA ASP E 212 42.88 -22.28 27.87
C ASP E 212 42.43 -21.69 26.54
N ALA E 213 42.75 -20.42 26.31
CA ALA E 213 42.28 -19.75 25.11
C ALA E 213 42.90 -20.36 23.85
N HIS E 214 44.18 -20.73 23.92
CA HIS E 214 44.80 -21.37 22.76
CA HIS E 214 44.86 -21.41 22.81
C HIS E 214 44.11 -22.67 22.40
N ALA E 215 43.76 -23.50 23.39
CA ALA E 215 43.05 -24.75 23.11
C ALA E 215 41.66 -24.46 22.55
N ALA E 216 41.00 -23.42 23.05
CA ALA E 216 39.69 -23.06 22.54
C ALA E 216 39.76 -22.64 21.07
N ALA E 217 40.84 -21.98 20.67
CA ALA E 217 40.94 -21.49 19.30
C ALA E 217 41.27 -22.61 18.31
N ALA E 218 42.05 -23.59 18.76
CA ALA E 218 42.55 -24.62 17.86
C ALA E 218 41.39 -25.38 17.22
N GLY E 219 41.43 -25.48 15.89
CA GLY E 219 40.43 -26.22 15.16
C GLY E 219 39.05 -25.58 15.13
N ALA E 220 38.90 -24.35 15.58
CA ALA E 220 37.59 -23.73 15.60
C ALA E 220 37.17 -23.28 14.21
N ASP E 221 35.87 -23.41 13.91
CA ASP E 221 35.28 -22.88 12.69
C ASP E 221 34.85 -21.44 12.84
N VAL E 222 34.49 -21.03 14.05
CA VAL E 222 33.93 -19.71 14.32
C VAL E 222 34.55 -19.25 15.62
N LEU E 223 35.11 -18.05 15.64
CA LEU E 223 35.58 -17.41 16.86
C LEU E 223 34.72 -16.19 17.14
N VAL E 224 34.30 -16.03 18.40
CA VAL E 224 33.37 -14.97 18.78
C VAL E 224 33.93 -14.28 20.01
N THR E 225 33.77 -12.96 20.07
CA THR E 225 34.02 -12.27 21.33
C THR E 225 33.01 -11.14 21.48
N ASP E 226 33.17 -10.38 22.56
CA ASP E 226 32.20 -9.39 22.99
C ASP E 226 32.93 -8.46 23.95
N THR E 227 32.39 -7.26 24.17
CA THR E 227 33.02 -6.41 25.17
C THR E 227 33.05 -7.11 26.52
N TRP E 228 34.08 -6.81 27.29
CA TRP E 228 34.33 -7.52 28.52
C TRP E 228 33.45 -7.03 29.66
N THR E 229 32.94 -5.80 29.56
CA THR E 229 32.31 -5.14 30.69
C THR E 229 31.05 -4.42 30.24
N SER E 230 29.92 -4.74 30.88
CA SER E 230 28.68 -4.02 30.63
C SER E 230 28.64 -2.75 31.49
N MET E 231 27.67 -1.88 31.18
CA MET E 231 27.54 -0.64 31.94
C MET E 231 27.36 -0.92 33.44
N GLY E 232 26.58 -1.95 33.75
CA GLY E 232 26.30 -2.30 35.14
C GLY E 232 27.46 -2.93 35.87
N GLN E 233 28.52 -3.33 35.15
CA GLN E 233 29.72 -3.87 35.78
C GLN E 233 30.83 -2.85 35.94
N GLU E 234 30.70 -1.66 35.35
CA GLU E 234 31.79 -0.70 35.39
C GLU E 234 32.14 -0.28 36.82
N ASN E 235 31.21 -0.43 37.75
CA ASN E 235 31.46 -0.07 39.15
C ASN E 235 31.47 -1.29 40.06
N ASP E 236 31.79 -2.47 39.52
CA ASP E 236 31.70 -3.66 40.36
C ASP E 236 32.94 -3.91 41.19
N GLY E 237 33.98 -3.06 41.08
CA GLY E 237 35.14 -3.17 41.92
C GLY E 237 36.28 -3.99 41.33
N LEU E 238 36.03 -4.73 40.25
CA LEU E 238 37.01 -5.61 39.64
C LEU E 238 37.90 -4.87 38.65
N ASP E 239 39.16 -5.30 38.59
CA ASP E 239 39.98 -5.06 37.39
C ASP E 239 39.42 -5.96 36.30
N ARG E 240 38.74 -5.36 35.31
CA ARG E 240 38.11 -6.09 34.22
C ARG E 240 38.92 -5.97 32.93
N VAL E 241 40.24 -5.84 33.06
CA VAL E 241 41.15 -5.81 31.92
C VAL E 241 42.10 -6.98 32.07
N LYS E 242 42.86 -7.01 33.16
CA LYS E 242 43.89 -8.04 33.35
C LYS E 242 43.38 -9.46 33.19
N PRO E 243 42.25 -9.87 33.78
CA PRO E 243 41.80 -11.26 33.59
C PRO E 243 41.58 -11.65 32.14
N PHE E 244 41.23 -10.69 31.29
CA PHE E 244 40.74 -10.99 29.96
C PHE E 244 41.80 -10.84 28.87
N ARG E 245 42.93 -10.23 29.18
N ARG E 245 42.93 -10.21 29.17
CA ARG E 245 43.96 -10.03 28.17
CA ARG E 245 43.96 -10.04 28.14
C ARG E 245 44.38 -11.32 27.47
C ARG E 245 44.36 -11.34 27.46
N PRO E 246 44.54 -12.47 28.14
CA PRO E 246 44.87 -13.71 27.41
C PRO E 246 43.78 -14.18 26.47
N PHE E 247 42.58 -13.62 26.57
CA PHE E 247 41.46 -14.05 25.76
C PHE E 247 41.16 -13.12 24.61
N GLN E 248 42.03 -12.13 24.37
CA GLN E 248 41.82 -11.20 23.27
C GLN E 248 41.80 -11.95 21.94
N LEU E 249 40.83 -11.61 21.10
CA LEU E 249 40.73 -12.18 19.76
C LEU E 249 41.65 -11.34 18.86
N ASN E 250 42.89 -11.78 18.74
CA ASN E 250 43.91 -11.11 17.92
C ASN E 250 44.40 -12.06 16.82
N SER E 251 45.35 -11.57 16.02
CA SER E 251 45.79 -12.34 14.86
C SER E 251 46.43 -13.66 15.27
N ARG E 252 47.17 -13.65 16.38
CA ARG E 252 47.81 -14.88 16.86
C ARG E 252 46.76 -15.93 17.20
N LEU E 253 45.70 -15.53 17.91
CA LEU E 253 44.63 -16.47 18.26
C LEU E 253 43.90 -16.96 17.02
N LEU E 254 43.57 -16.06 16.10
CA LEU E 254 42.86 -16.46 14.89
C LEU E 254 43.67 -17.44 14.06
N ALA E 255 44.99 -17.28 14.03
CA ALA E 255 45.85 -18.17 13.25
C ALA E 255 45.86 -19.59 13.80
N LEU E 256 45.42 -19.80 15.03
CA LEU E 256 45.31 -21.16 15.56
C LEU E 256 44.06 -21.89 15.10
N ALA E 257 43.06 -21.17 14.62
CA ALA E 257 41.81 -21.81 14.21
C ALA E 257 41.93 -22.39 12.82
N ASP E 258 40.82 -22.95 12.32
CA ASP E 258 40.80 -23.42 10.94
C ASP E 258 41.16 -22.30 9.99
N SER E 259 41.82 -22.68 8.88
CA SER E 259 42.25 -21.70 7.90
C SER E 259 41.08 -20.88 7.34
N ASP E 260 39.86 -21.42 7.35
CA ASP E 260 38.70 -20.67 6.87
C ASP E 260 37.77 -20.27 8.01
N ALA E 261 38.28 -20.16 9.22
CA ALA E 261 37.45 -19.73 10.33
C ALA E 261 36.92 -18.31 10.09
N ILE E 262 35.74 -18.02 10.64
CA ILE E 262 35.19 -16.68 10.60
C ILE E 262 35.09 -16.13 12.01
N VAL E 263 34.97 -14.82 12.11
CA VAL E 263 34.95 -14.08 13.37
C VAL E 263 33.64 -13.32 13.48
N LEU E 264 33.00 -13.42 14.64
CA LEU E 264 31.79 -12.68 14.97
C LEU E 264 32.03 -11.84 16.21
N HIS E 265 31.24 -10.79 16.32
CA HIS E 265 31.33 -9.86 17.45
C HIS E 265 30.03 -9.08 17.52
N CYS E 266 29.30 -9.28 18.59
CA CYS E 266 28.10 -8.47 18.80
C CYS E 266 28.60 -7.08 19.13
N LEU E 267 28.12 -6.12 18.41
CA LEU E 267 28.66 -4.77 18.58
C LEU E 267 28.06 -4.12 19.81
N PRO E 268 28.66 -3.05 20.36
CA PRO E 268 29.83 -2.39 19.78
C PRO E 268 31.17 -3.06 20.10
N ALA E 269 32.17 -2.83 19.26
CA ALA E 269 33.49 -3.37 19.56
C ALA E 269 34.35 -2.26 20.16
N HIS E 270 35.17 -2.64 21.12
CA HIS E 270 36.21 -1.77 21.66
C HIS E 270 37.55 -2.27 21.12
N ARG E 271 37.91 -1.79 19.94
CA ARG E 271 39.14 -2.24 19.29
C ARG E 271 40.35 -1.98 20.18
N GLY E 272 41.22 -2.98 20.27
CA GLY E 272 42.34 -2.96 21.17
C GLY E 272 42.10 -3.66 22.49
N ASP E 273 40.84 -3.91 22.85
CA ASP E 273 40.55 -4.71 24.03
C ASP E 273 40.21 -6.14 23.64
N GLU E 274 38.92 -6.49 23.49
CA GLU E 274 38.56 -7.88 23.25
C GLU E 274 38.91 -8.33 21.83
N ILE E 275 39.14 -7.39 20.91
CA ILE E 275 39.41 -7.72 19.51
C ILE E 275 40.37 -6.67 18.99
N THR E 276 41.19 -7.04 18.00
CA THR E 276 42.12 -6.09 17.39
C THR E 276 41.59 -5.60 16.04
N ASP E 277 42.10 -4.44 15.60
CA ASP E 277 41.74 -3.92 14.29
C ASP E 277 42.02 -4.95 13.20
N ALA E 278 43.18 -5.61 13.27
CA ALA E 278 43.58 -6.54 12.21
C ALA E 278 42.54 -7.64 12.02
N VAL E 279 42.01 -8.16 13.12
CA VAL E 279 41.01 -9.22 13.04
C VAL E 279 39.66 -8.65 12.64
N MET E 280 39.25 -7.55 13.28
CA MET E 280 37.90 -6.98 13.05
C MET E 280 37.74 -6.50 11.60
N ASP E 281 38.82 -6.00 11.02
CA ASP E 281 38.75 -5.51 9.65
C ASP E 281 39.34 -6.48 8.63
N GLY E 282 39.80 -7.65 9.06
CA GLY E 282 40.41 -8.59 8.16
C GLY E 282 39.41 -9.48 7.46
N PRO E 283 39.95 -10.38 6.64
CA PRO E 283 39.08 -11.18 5.75
C PRO E 283 38.27 -12.24 6.47
N ALA E 284 38.61 -12.58 7.71
CA ALA E 284 37.81 -13.54 8.46
C ALA E 284 36.61 -12.90 9.12
N SER E 285 36.58 -11.57 9.20
CA SER E 285 35.51 -10.90 9.94
C SER E 285 34.19 -10.98 9.20
N ALA E 286 33.15 -11.45 9.89
CA ALA E 286 31.79 -11.41 9.36
C ALA E 286 30.90 -10.47 10.15
N VAL E 287 31.51 -9.51 10.88
CA VAL E 287 30.76 -8.67 11.82
C VAL E 287 29.72 -7.80 11.12
N TRP E 288 29.96 -7.37 9.88
CA TRP E 288 29.00 -6.45 9.29
C TRP E 288 27.79 -7.20 8.72
N ASP E 289 28.02 -8.36 8.10
CA ASP E 289 26.91 -9.23 7.72
C ASP E 289 26.11 -9.64 8.95
N GLU E 290 26.80 -9.94 10.05
CA GLU E 290 26.16 -10.31 11.31
C GLU E 290 25.22 -9.20 11.78
N ALA E 291 25.70 -7.96 11.76
CA ALA E 291 24.84 -6.83 12.13
C ALA E 291 23.64 -6.73 11.19
N GLU E 292 23.87 -6.81 9.89
CA GLU E 292 22.75 -6.81 8.93
C GLU E 292 21.72 -7.85 9.30
N ASN E 293 22.20 -9.05 9.64
CA ASN E 293 21.28 -10.16 9.81
C ASN E 293 20.45 -10.04 11.07
N ARG E 294 20.74 -9.07 11.97
CA ARG E 294 19.75 -8.78 13.02
C ARG E 294 18.39 -8.46 12.43
N LEU E 295 18.39 -7.71 11.32
CA LEU E 295 17.12 -7.35 10.68
C LEU E 295 16.39 -8.59 10.19
N HIS E 296 17.08 -9.43 9.42
CA HIS E 296 16.41 -10.56 8.79
C HIS E 296 15.99 -11.61 9.80
N ALA E 297 16.88 -11.94 10.74
CA ALA E 297 16.56 -12.98 11.71
C ALA E 297 15.45 -12.56 12.64
N GLN E 298 15.43 -11.31 13.07
CA GLN E 298 14.34 -10.85 13.95
C GLN E 298 13.02 -10.82 13.21
N LYS E 299 13.03 -10.46 11.91
CA LYS E 299 11.80 -10.51 11.13
C LYS E 299 11.27 -11.93 11.06
N ALA E 300 12.17 -12.89 10.82
CA ALA E 300 11.76 -14.28 10.75
C ALA E 300 11.18 -14.75 12.07
N LEU E 301 11.84 -14.39 13.18
CA LEU E 301 11.33 -14.74 14.50
C LEU E 301 9.92 -14.19 14.71
N LEU E 302 9.70 -12.93 14.36
CA LEU E 302 8.39 -12.32 14.55
C LEU E 302 7.33 -13.01 13.70
N VAL E 303 7.63 -13.23 12.42
CA VAL E 303 6.69 -13.97 11.58
C VAL E 303 6.32 -15.29 12.24
N TRP E 304 7.33 -16.01 12.71
CA TRP E 304 7.11 -17.35 13.25
C TRP E 304 6.30 -17.30 14.55
N LEU E 305 6.64 -16.37 15.46
CA LEU E 305 5.88 -16.27 16.70
C LEU E 305 4.44 -15.85 16.44
N LEU E 306 4.22 -14.92 15.51
CA LEU E 306 2.87 -14.45 15.26
C LEU E 306 2.00 -15.56 14.70
N GLU E 307 2.55 -16.41 13.84
CA GLU E 307 1.69 -17.43 13.26
C GLU E 307 1.42 -18.58 14.22
N ARG E 308 2.24 -18.75 15.27
CA ARG E 308 1.97 -19.70 16.35
C ARG E 308 1.22 -19.12 17.53
N SER E 309 0.82 -17.86 17.47
CA SER E 309 0.19 -17.27 18.65
C SER E 309 -1.19 -16.69 18.32
N SER F 2 29.01 5.32 -10.49
CA SER F 2 28.30 4.89 -9.30
C SER F 2 29.11 5.18 -8.03
N VAL F 3 29.60 6.42 -7.92
CA VAL F 3 30.03 6.88 -6.62
C VAL F 3 28.79 7.11 -5.75
N ILE F 4 29.00 7.04 -4.44
CA ILE F 4 27.96 7.50 -3.52
C ILE F 4 28.01 9.01 -3.45
N ARG F 5 26.91 9.67 -3.77
CA ARG F 5 26.86 11.12 -3.66
C ARG F 5 26.37 11.54 -2.29
N HIS F 6 27.03 12.54 -1.71
CA HIS F 6 26.65 13.13 -0.44
CA HIS F 6 26.62 13.11 -0.45
C HIS F 6 26.26 14.58 -0.64
N PHE F 7 25.57 15.14 0.35
CA PHE F 7 25.17 16.54 0.33
C PHE F 7 25.47 17.12 1.70
N LEU F 8 26.70 17.63 1.87
CA LEU F 8 27.17 18.10 3.17
C LEU F 8 27.28 19.61 3.21
N ARG F 9 27.35 20.26 2.05
CA ARG F 9 27.42 21.69 1.89
C ARG F 9 26.93 22.00 0.49
N ASP F 10 26.55 23.26 0.27
CA ASP F 10 25.71 23.59 -0.88
C ASP F 10 26.41 23.35 -2.21
N ASP F 11 27.73 23.54 -2.26
CA ASP F 11 28.46 23.38 -3.51
C ASP F 11 28.82 21.93 -3.80
N ASP F 12 28.35 20.98 -2.98
CA ASP F 12 28.44 19.57 -3.37
C ASP F 12 27.62 19.28 -4.62
N LEU F 13 26.63 20.11 -4.93
CA LEU F 13 25.96 20.09 -6.22
C LEU F 13 26.58 21.13 -7.14
N SER F 14 26.82 20.74 -8.38
CA SER F 14 27.17 21.67 -9.43
C SER F 14 25.96 22.55 -9.76
N PRO F 15 26.17 23.65 -10.48
CA PRO F 15 25.00 24.45 -10.92
C PRO F 15 23.96 23.63 -11.67
N ALA F 16 24.38 22.76 -12.59
CA ALA F 16 23.42 21.95 -13.34
C ALA F 16 22.69 20.96 -12.44
N GLU F 17 23.42 20.36 -11.49
CA GLU F 17 22.78 19.41 -10.58
C GLU F 17 21.83 20.11 -9.63
N GLN F 18 22.21 21.29 -9.15
CA GLN F 18 21.29 22.01 -8.29
C GLN F 18 20.00 22.34 -9.04
N ALA F 19 20.11 22.69 -10.32
CA ALA F 19 18.92 22.98 -11.11
C ALA F 19 18.04 21.74 -11.24
N GLU F 20 18.65 20.55 -11.39
CA GLU F 20 17.87 19.33 -11.44
C GLU F 20 17.10 19.11 -10.14
N VAL F 21 17.77 19.31 -9.00
CA VAL F 21 17.11 19.08 -7.72
C VAL F 21 15.96 20.06 -7.53
N LEU F 22 16.17 21.33 -7.88
CA LEU F 22 15.13 22.33 -7.70
C LEU F 22 13.95 22.07 -8.63
N GLU F 23 14.22 21.59 -9.85
CA GLU F 23 13.13 21.21 -10.74
C GLU F 23 12.32 20.06 -10.15
N LEU F 24 13.01 19.06 -9.60
CA LEU F 24 12.33 17.96 -8.96
C LEU F 24 11.52 18.43 -7.76
N ALA F 25 12.02 19.43 -7.03
CA ALA F 25 11.29 19.94 -5.87
C ALA F 25 9.95 20.55 -6.29
N ALA F 26 9.92 21.29 -7.40
CA ALA F 26 8.67 21.82 -7.89
C ALA F 26 7.74 20.71 -8.34
N GLU F 27 8.28 19.68 -9.00
CA GLU F 27 7.44 18.56 -9.41
C GLU F 27 6.84 17.82 -8.21
N LEU F 28 7.66 17.63 -7.16
CA LEU F 28 7.19 16.91 -5.98
C LEU F 28 6.21 17.74 -5.16
N LYS F 29 6.36 19.06 -5.16
CA LYS F 29 5.35 19.87 -4.49
C LYS F 29 3.98 19.72 -5.19
N LYS F 30 3.98 19.59 -6.51
CA LYS F 30 2.72 19.40 -7.23
C LYS F 30 2.14 18.01 -6.98
N ASP F 31 3.00 16.99 -6.94
CA ASP F 31 2.57 15.59 -6.88
C ASP F 31 3.38 14.90 -5.80
N PRO F 32 3.01 15.09 -4.53
CA PRO F 32 3.90 14.70 -3.41
C PRO F 32 4.10 13.21 -3.20
N VAL F 33 3.25 12.33 -3.74
CA VAL F 33 3.45 10.90 -3.55
C VAL F 33 3.70 10.18 -4.88
N SER F 34 4.11 10.93 -5.90
CA SER F 34 4.33 10.36 -7.23
C SER F 34 5.69 9.67 -7.37
N ARG F 35 6.62 9.91 -6.45
CA ARG F 35 7.93 9.28 -6.53
C ARG F 35 8.08 8.38 -5.31
N ARG F 36 8.32 7.10 -5.54
CA ARG F 36 8.36 6.12 -4.44
C ARG F 36 9.64 5.28 -4.50
N PRO F 37 10.82 5.92 -4.49
CA PRO F 37 12.08 5.15 -4.56
C PRO F 37 12.35 4.33 -3.33
N LEU F 38 11.68 4.63 -2.22
CA LEU F 38 11.91 3.95 -0.95
C LEU F 38 10.77 3.01 -0.61
N GLN F 39 9.90 2.69 -1.57
CA GLN F 39 8.78 1.78 -1.32
C GLN F 39 9.28 0.46 -0.76
N GLY F 40 8.52 -0.11 0.15
CA GLY F 40 8.94 -1.35 0.79
C GLY F 40 8.27 -1.58 2.14
N PRO F 41 8.61 -0.77 3.15
CA PRO F 41 9.52 0.38 3.06
C PRO F 41 11.00 0.04 3.16
N ARG F 42 11.82 0.85 2.47
CA ARG F 42 13.24 0.95 2.76
C ARG F 42 13.43 1.99 3.86
N GLY F 43 14.54 1.87 4.61
CA GLY F 43 14.78 2.81 5.68
C GLY F 43 15.65 4.00 5.30
N VAL F 44 15.50 5.08 6.06
CA VAL F 44 16.44 6.20 6.05
C VAL F 44 16.70 6.57 7.51
N ALA F 45 17.96 6.72 7.88
CA ALA F 45 18.31 7.17 9.22
C ALA F 45 18.16 8.69 9.31
N VAL F 46 17.51 9.18 10.37
CA VAL F 46 17.41 10.62 10.60
C VAL F 46 17.92 10.82 12.02
N ILE F 47 19.16 11.31 12.17
CA ILE F 47 19.86 11.30 13.45
C ILE F 47 20.12 12.74 13.89
N PHE F 48 19.71 13.05 15.12
CA PHE F 48 19.89 14.39 15.69
C PHE F 48 20.88 14.33 16.85
N ASP F 49 22.01 15.02 16.72
CA ASP F 49 22.85 15.25 17.88
C ASP F 49 22.28 16.35 18.76
N LYS F 50 21.36 17.14 18.20
CA LYS F 50 20.63 18.19 18.89
C LYS F 50 19.29 18.29 18.16
N ASN F 51 18.20 18.37 18.90
CA ASN F 51 16.89 18.32 18.27
C ASN F 51 16.62 19.57 17.44
N SER F 52 15.86 19.37 16.36
CA SER F 52 15.28 20.43 15.54
C SER F 52 13.91 19.95 15.09
N THR F 53 12.85 20.50 15.68
CA THR F 53 11.50 20.02 15.41
C THR F 53 11.17 20.15 13.94
N ARG F 54 11.49 21.31 13.36
CA ARG F 54 11.14 21.61 11.99
C ARG F 54 11.94 20.74 11.01
N THR F 55 13.21 20.45 11.36
CA THR F 55 13.97 19.49 10.57
C THR F 55 13.38 18.09 10.69
N ARG F 56 12.92 17.71 11.88
CA ARG F 56 12.31 16.40 12.05
C ARG F 56 11.05 16.26 11.22
N PHE F 57 10.14 17.24 11.30
CA PHE F 57 8.89 17.11 10.56
C PHE F 57 9.15 17.00 9.07
N SER F 58 10.00 17.88 8.53
CA SER F 58 10.16 17.90 7.09
C SER F 58 10.80 16.60 6.60
N PHE F 59 11.86 16.13 7.26
CA PHE F 59 12.51 14.91 6.77
C PHE F 59 11.64 13.68 7.02
N GLU F 60 11.08 13.56 8.23
CA GLU F 60 10.34 12.34 8.56
C GLU F 60 9.14 12.15 7.62
N LEU F 61 8.36 13.22 7.41
CA LEU F 61 7.22 13.10 6.51
C LEU F 61 7.66 12.96 5.08
N GLY F 62 8.73 13.65 4.68
CA GLY F 62 9.18 13.53 3.30
C GLY F 62 9.61 12.12 2.96
N ILE F 63 10.36 11.48 3.85
CA ILE F 63 10.77 10.10 3.66
C ILE F 63 9.55 9.19 3.55
N ALA F 64 8.56 9.39 4.42
CA ALA F 64 7.35 8.57 4.37
C ALA F 64 6.63 8.73 3.04
N GLN F 65 6.61 9.95 2.50
CA GLN F 65 5.92 10.20 1.24
C GLN F 65 6.69 9.67 0.03
N LEU F 66 7.97 9.34 0.20
CA LEU F 66 8.72 8.58 -0.80
C LEU F 66 8.52 7.09 -0.63
N GLY F 67 7.64 6.67 0.27
CA GLY F 67 7.39 5.26 0.49
C GLY F 67 8.25 4.63 1.57
N GLY F 68 9.21 5.36 2.12
CA GLY F 68 10.16 4.81 3.05
C GLY F 68 9.72 4.97 4.49
N HIS F 69 10.60 4.52 5.38
CA HIS F 69 10.38 4.64 6.81
C HIS F 69 11.60 5.29 7.46
N ALA F 70 11.40 6.46 8.06
CA ALA F 70 12.47 7.14 8.76
C ALA F 70 12.65 6.56 10.15
N VAL F 71 13.87 6.16 10.47
CA VAL F 71 14.21 5.80 11.84
C VAL F 71 14.84 7.04 12.43
N VAL F 72 14.14 7.69 13.35
CA VAL F 72 14.51 8.99 13.89
C VAL F 72 15.14 8.76 15.26
N VAL F 73 16.37 9.24 15.42
CA VAL F 73 17.13 9.09 16.66
C VAL F 73 17.35 10.51 17.18
N ASP F 74 16.72 10.82 18.30
CA ASP F 74 16.74 12.19 18.87
C ASP F 74 17.84 12.37 19.91
N SER F 75 18.14 13.62 20.24
CA SER F 75 19.24 13.91 21.21
C SER F 75 19.01 13.17 22.52
N GLY F 76 20.08 12.66 23.08
CA GLY F 76 19.95 11.89 24.32
C GLY F 76 19.54 10.47 24.05
N SER F 77 18.86 10.18 22.93
CA SER F 77 18.35 8.82 22.63
C SER F 77 19.48 7.94 22.13
N THR F 78 20.57 8.58 21.73
CA THR F 78 21.78 7.86 21.28
C THR F 78 22.74 8.99 21.02
N GLN F 79 24.00 8.69 20.86
CA GLN F 79 24.95 9.81 20.73
C GLN F 79 26.06 9.20 19.88
N LEU F 80 25.88 9.19 18.56
CA LEU F 80 26.84 8.57 17.62
C LEU F 80 28.29 8.90 17.97
N GLY F 81 29.20 7.91 17.86
CA GLY F 81 30.61 8.13 18.13
C GLY F 81 31.05 7.85 19.55
N ARG F 82 30.12 7.61 20.46
CA ARG F 82 30.53 7.41 21.89
C ARG F 82 30.88 5.96 22.24
N ASP F 83 30.12 4.97 21.79
CA ASP F 83 30.27 3.57 22.13
C ASP F 83 31.14 2.86 21.11
N GLU F 84 31.26 3.41 19.90
CA GLU F 84 32.05 2.81 18.84
C GLU F 84 32.44 3.93 17.89
N THR F 85 33.40 3.65 17.01
CA THR F 85 33.82 4.66 16.07
C THR F 85 32.67 5.07 15.17
N LEU F 86 32.70 6.32 14.72
CA LEU F 86 31.77 6.76 13.70
C LEU F 86 31.87 5.88 12.45
N GLN F 87 33.05 5.35 12.18
CA GLN F 87 33.18 4.50 10.99
C GLN F 87 32.43 3.19 11.18
N ASP F 88 32.55 2.58 12.38
CA ASP F 88 31.78 1.37 12.66
C ASP F 88 30.28 1.66 12.60
N THR F 89 29.86 2.81 13.14
CA THR F 89 28.45 3.20 13.05
C THR F 89 28.01 3.33 11.60
N ALA F 90 28.84 3.95 10.77
CA ALA F 90 28.48 4.14 9.36
C ALA F 90 28.33 2.80 8.65
N LYS F 91 29.22 1.86 8.96
CA LYS F 91 29.15 0.54 8.34
C LYS F 91 27.88 -0.19 8.74
N VAL F 92 27.47 -0.07 10.01
CA VAL F 92 26.23 -0.73 10.44
C VAL F 92 25.01 -0.05 9.83
N LEU F 93 24.97 1.29 9.86
CA LEU F 93 23.80 1.98 9.31
C LEU F 93 23.64 1.66 7.84
N SER F 94 24.76 1.53 7.10
CA SER F 94 24.70 1.23 5.68
C SER F 94 24.07 -0.13 5.40
N ARG F 95 24.01 -1.02 6.40
CA ARG F 95 23.32 -2.30 6.24
C ARG F 95 21.84 -2.20 6.51
N TYR F 96 21.37 -1.16 7.20
CA TYR F 96 19.95 -1.06 7.53
C TYR F 96 19.18 -0.05 6.69
N VAL F 97 19.84 1.02 6.23
CA VAL F 97 19.13 2.14 5.60
C VAL F 97 19.75 2.46 4.25
N ASP F 98 18.99 3.21 3.44
CA ASP F 98 19.42 3.58 2.11
C ASP F 98 20.00 4.99 2.05
N ALA F 99 19.92 5.75 3.14
CA ALA F 99 20.52 7.07 3.23
C ALA F 99 20.58 7.45 4.70
N ILE F 100 21.48 8.37 5.01
CA ILE F 100 21.71 8.84 6.39
C ILE F 100 21.56 10.34 6.42
N VAL F 101 20.58 10.83 7.15
CA VAL F 101 20.36 12.26 7.36
C VAL F 101 20.84 12.57 8.77
N TRP F 102 21.74 13.56 8.90
CA TRP F 102 22.38 13.76 10.19
C TRP F 102 22.48 15.24 10.51
N ARG F 103 21.97 15.62 11.69
CA ARG F 103 22.16 16.96 12.23
C ARG F 103 23.25 16.85 13.28
N THR F 104 24.42 17.42 13.00
CA THR F 104 25.52 17.37 13.97
C THR F 104 26.18 18.74 13.98
N PHE F 105 27.31 18.85 14.67
CA PHE F 105 27.89 20.17 14.86
C PHE F 105 29.06 20.38 13.91
N GLY F 106 30.21 19.80 14.22
CA GLY F 106 31.39 20.06 13.41
C GLY F 106 31.32 19.38 12.05
N GLN F 107 31.80 20.08 11.02
CA GLN F 107 31.78 19.50 9.67
C GLN F 107 32.66 18.26 9.57
N GLU F 108 33.70 18.15 10.41
CA GLU F 108 34.58 17.00 10.29
C GLU F 108 33.89 15.70 10.67
N ARG F 109 32.83 15.77 11.49
CA ARG F 109 32.04 14.58 11.79
C ARG F 109 31.27 14.10 10.57
N LEU F 110 30.60 15.04 9.87
CA LEU F 110 29.92 14.70 8.63
C LEU F 110 30.89 14.10 7.62
N ASP F 111 32.05 14.72 7.46
CA ASP F 111 33.03 14.22 6.50
C ASP F 111 33.45 12.81 6.88
N ALA F 112 33.63 12.53 8.17
CA ALA F 112 34.03 11.21 8.62
C ALA F 112 32.97 10.16 8.29
N MET F 113 31.70 10.48 8.54
CA MET F 113 30.62 9.55 8.20
C MET F 113 30.56 9.28 6.70
N ALA F 114 30.63 10.33 5.90
CA ALA F 114 30.52 10.17 4.45
C ALA F 114 31.73 9.48 3.86
N SER F 115 32.87 9.54 4.52
CA SER F 115 34.05 8.87 3.96
C SER F 115 33.87 7.37 3.93
N VAL F 116 33.02 6.81 4.78
CA VAL F 116 32.94 5.37 4.95
C VAL F 116 31.57 4.81 4.61
N ALA F 117 30.51 5.61 4.79
CA ALA F 117 29.17 5.12 4.48
C ALA F 117 29.05 4.74 3.01
N THR F 118 28.31 3.68 2.73
CA THR F 118 28.05 3.28 1.35
C THR F 118 26.65 3.66 0.92
N VAL F 119 26.05 4.61 1.62
CA VAL F 119 24.78 5.24 1.26
C VAL F 119 24.95 6.74 1.38
N PRO F 120 24.14 7.53 0.66
CA PRO F 120 24.25 8.99 0.75
C PRO F 120 24.07 9.53 2.17
N VAL F 121 24.93 10.49 2.52
CA VAL F 121 24.87 11.22 3.78
C VAL F 121 24.43 12.64 3.50
N ILE F 122 23.42 13.11 4.23
CA ILE F 122 22.86 14.45 4.05
C ILE F 122 23.05 15.24 5.33
N ASN F 123 23.59 16.45 5.22
CA ASN F 123 23.71 17.40 6.32
C ASN F 123 22.35 18.06 6.54
N ALA F 124 21.64 17.64 7.60
CA ALA F 124 20.33 18.19 7.90
C ALA F 124 20.41 19.62 8.40
N LEU F 125 21.56 20.03 8.93
CA LEU F 125 21.81 21.25 9.68
C LEU F 125 23.12 21.03 10.43
N SER F 126 24.09 21.94 10.28
CA SER F 126 25.36 21.83 10.98
C SER F 126 25.82 23.21 11.44
N ASP F 127 26.93 23.25 12.18
CA ASP F 127 27.49 24.53 12.61
C ASP F 127 27.86 25.41 11.43
N GLU F 128 28.44 24.80 10.39
CA GLU F 128 29.01 25.56 9.28
C GLU F 128 28.05 25.81 8.14
N PHE F 129 27.08 24.91 7.90
CA PHE F 129 26.23 25.02 6.72
C PHE F 129 24.82 24.60 7.06
N HIS F 130 23.85 25.09 6.29
CA HIS F 130 22.43 24.65 6.38
C HIS F 130 21.98 24.47 4.91
N PRO F 131 22.55 23.54 4.12
CA PRO F 131 22.29 23.53 2.68
C PRO F 131 20.88 23.10 2.33
N CYS F 132 20.23 22.31 3.18
CA CYS F 132 18.85 21.95 2.87
C CYS F 132 17.92 23.13 3.04
N GLN F 133 18.19 24.00 4.02
CA GLN F 133 17.38 25.21 4.13
C GLN F 133 17.53 26.09 2.89
N VAL F 134 18.75 26.16 2.34
CA VAL F 134 18.94 27.02 1.19
C VAL F 134 18.28 26.43 -0.06
N LEU F 135 18.24 25.09 -0.18
CA LEU F 135 17.46 24.52 -1.27
C LEU F 135 16.00 24.94 -1.18
N ALA F 136 15.43 24.88 0.03
CA ALA F 136 14.06 25.32 0.23
C ALA F 136 13.92 26.81 -0.09
N ASP F 137 14.91 27.62 0.29
CA ASP F 137 14.92 29.04 -0.01
C ASP F 137 14.90 29.29 -1.52
N LEU F 138 15.77 28.58 -2.26
CA LEU F 138 15.82 28.77 -3.71
C LEU F 138 14.52 28.31 -4.37
N GLN F 139 13.91 27.24 -3.85
CA GLN F 139 12.61 26.82 -4.39
C GLN F 139 11.56 27.89 -4.16
N THR F 140 11.60 28.53 -2.99
CA THR F 140 10.65 29.60 -2.67
C THR F 140 10.86 30.81 -3.58
N ILE F 141 12.11 31.20 -3.78
CA ILE F 141 12.40 32.33 -4.65
C ILE F 141 11.92 32.04 -6.07
N ALA F 142 12.17 30.82 -6.56
CA ALA F 142 11.82 30.52 -7.94
C ALA F 142 10.31 30.52 -8.15
N GLU F 143 9.55 30.10 -7.14
CA GLU F 143 8.08 30.00 -7.29
C GLU F 143 7.48 31.40 -7.35
N ARG F 144 8.19 32.37 -6.80
CA ARG F 144 7.67 33.74 -6.74
C ARG F 144 8.26 34.61 -7.84
N LYS F 145 9.51 34.37 -8.22
CA LYS F 145 10.18 35.30 -9.17
C LYS F 145 10.56 34.63 -10.48
N GLY F 146 10.41 33.33 -10.57
CA GLY F 146 10.82 32.62 -11.79
C GLY F 146 12.29 32.32 -11.81
N ALA F 147 12.98 32.81 -12.83
CA ALA F 147 14.43 32.52 -13.00
C ALA F 147 15.26 33.05 -11.85
N LEU F 148 16.19 32.24 -11.38
CA LEU F 148 17.05 32.64 -10.28
C LEU F 148 18.26 33.43 -10.78
N ARG F 149 18.76 33.09 -11.96
CA ARG F 149 19.98 33.70 -12.48
C ARG F 149 19.83 35.21 -12.58
N GLY F 150 20.74 35.94 -11.94
CA GLY F 150 20.82 37.38 -12.03
C GLY F 150 20.10 38.08 -10.91
N LEU F 151 19.35 37.35 -10.10
CA LEU F 151 18.75 37.99 -8.94
C LEU F 151 19.80 38.50 -7.96
N ARG F 152 19.33 39.42 -7.13
CA ARG F 152 20.17 40.02 -6.09
C ARG F 152 19.58 39.62 -4.74
N LEU F 153 20.39 38.92 -3.95
CA LEU F 153 19.98 38.50 -2.63
C LEU F 153 20.91 39.11 -1.59
N SER F 154 20.32 39.64 -0.52
CA SER F 154 21.08 40.14 0.61
C SER F 154 20.65 39.44 1.89
N TYR F 155 21.64 38.95 2.62
CA TYR F 155 21.47 38.38 3.95
C TYR F 155 21.97 39.37 4.99
N PHE F 156 21.21 39.52 6.08
CA PHE F 156 21.50 40.52 7.09
C PHE F 156 21.72 39.86 8.45
N GLY F 157 22.70 40.35 9.20
CA GLY F 157 22.85 39.91 10.57
C GLY F 157 24.19 39.25 10.86
N ASP F 158 24.14 38.02 11.37
CA ASP F 158 25.33 37.24 11.70
C ASP F 158 25.87 36.60 10.42
N GLY F 159 26.88 37.24 9.82
CA GLY F 159 27.45 36.74 8.59
C GLY F 159 28.41 35.59 8.74
N ALA F 160 28.59 35.08 9.95
CA ALA F 160 29.50 33.98 10.21
C ALA F 160 28.79 32.66 10.45
N ASN F 161 27.46 32.65 10.43
CA ASN F 161 26.73 31.45 10.80
C ASN F 161 26.45 30.56 9.59
N ASN F 162 25.75 29.46 9.85
CA ASN F 162 25.51 28.46 8.81
C ASN F 162 24.65 29.00 7.66
N MET F 163 23.67 29.86 7.95
CA MET F 163 22.86 30.41 6.86
C MET F 163 23.64 31.38 5.98
N ALA F 164 24.53 32.20 6.56
CA ALA F 164 25.33 33.07 5.72
C ALA F 164 26.20 32.25 4.76
N HIS F 165 26.82 31.19 5.27
CA HIS F 165 27.71 30.37 4.45
C HIS F 165 26.94 29.68 3.33
N SER F 166 25.77 29.12 3.65
CA SER F 166 25.02 28.38 2.66
C SER F 166 24.33 29.29 1.67
N LEU F 167 23.87 30.47 2.10
CA LEU F 167 23.33 31.42 1.13
C LEU F 167 24.40 31.88 0.16
N LEU F 168 25.64 32.04 0.64
CA LEU F 168 26.76 32.33 -0.25
C LEU F 168 26.95 31.20 -1.26
N LEU F 169 27.16 29.97 -0.77
CA LEU F 169 27.49 28.87 -1.66
C LEU F 169 26.30 28.46 -2.53
N GLY F 170 25.15 28.21 -1.90
CA GLY F 170 24.00 27.81 -2.68
C GLY F 170 23.50 28.91 -3.58
N GLY F 171 23.59 30.16 -3.11
CA GLY F 171 23.14 31.29 -3.91
C GLY F 171 23.94 31.48 -5.18
N VAL F 172 25.28 31.49 -5.08
CA VAL F 172 26.06 31.69 -6.30
C VAL F 172 26.00 30.48 -7.22
N THR F 173 25.78 29.29 -6.66
CA THR F 173 25.55 28.11 -7.50
C THR F 173 24.32 28.29 -8.39
N ALA F 174 23.32 29.02 -7.91
CA ALA F 174 22.12 29.31 -8.68
C ALA F 174 22.25 30.53 -9.58
N GLY F 175 23.41 31.20 -9.61
CA GLY F 175 23.57 32.40 -10.40
C GLY F 175 23.12 33.68 -9.72
N ILE F 176 22.84 33.65 -8.43
CA ILE F 176 22.37 34.80 -7.67
C ILE F 176 23.56 35.62 -7.20
N HIS F 177 23.45 36.94 -7.33
CA HIS F 177 24.41 37.86 -6.74
C HIS F 177 24.11 37.98 -5.25
N VAL F 178 25.01 37.46 -4.42
CA VAL F 178 24.77 37.38 -2.98
C VAL F 178 25.56 38.46 -2.27
N THR F 179 24.89 39.14 -1.35
CA THR F 179 25.52 40.11 -0.46
C THR F 179 25.25 39.68 0.97
N VAL F 180 26.30 39.69 1.78
CA VAL F 180 26.19 39.47 3.22
C VAL F 180 26.43 40.81 3.90
N ALA F 181 25.45 41.29 4.64
CA ALA F 181 25.55 42.54 5.40
C ALA F 181 25.68 42.16 6.87
N ALA F 182 26.87 42.37 7.43
CA ALA F 182 27.18 41.90 8.78
C ALA F 182 28.19 42.83 9.42
N PRO F 183 28.20 42.91 10.74
CA PRO F 183 29.20 43.75 11.43
C PRO F 183 30.54 43.04 11.52
N GLU F 184 31.58 43.84 11.77
CA GLU F 184 32.92 43.29 11.95
C GLU F 184 32.92 42.27 13.09
N GLY F 185 33.68 41.20 12.91
CA GLY F 185 33.71 40.11 13.88
C GLY F 185 32.69 39.03 13.65
N PHE F 186 31.75 39.23 12.72
CA PHE F 186 30.71 38.27 12.40
C PHE F 186 30.59 38.12 10.89
N LEU F 187 31.73 37.88 10.24
CA LEU F 187 31.81 37.79 8.79
C LEU F 187 32.02 36.35 8.33
N PRO F 188 31.76 36.06 7.06
CA PRO F 188 31.89 34.68 6.57
C PRO F 188 33.29 34.11 6.77
N ASP F 189 33.34 32.82 7.08
CA ASP F 189 34.61 32.11 7.10
C ASP F 189 35.35 32.32 5.78
N PRO F 190 36.64 32.67 5.81
CA PRO F 190 37.33 33.04 4.56
C PRO F 190 37.40 31.90 3.54
N SER F 191 37.46 30.65 3.99
CA SER F 191 37.49 29.53 3.05
C SER F 191 36.16 29.39 2.34
N VAL F 192 35.05 29.57 3.07
CA VAL F 192 33.73 29.54 2.45
C VAL F 192 33.59 30.68 1.45
N ARG F 193 33.99 31.89 1.86
CA ARG F 193 33.86 33.03 0.97
C ARG F 193 34.63 32.81 -0.32
N ALA F 194 35.84 32.25 -0.22
CA ALA F 194 36.66 32.01 -1.41
C ALA F 194 36.04 30.95 -2.30
N ALA F 195 35.46 29.90 -1.71
CA ALA F 195 34.79 28.90 -2.51
C ALA F 195 33.58 29.49 -3.22
N ALA F 196 32.84 30.37 -2.53
CA ALA F 196 31.71 31.03 -3.16
C ALA F 196 32.16 31.95 -4.30
N GLU F 197 33.25 32.68 -4.08
CA GLU F 197 33.76 33.54 -5.15
C GLU F 197 34.18 32.73 -6.37
N ARG F 198 34.74 31.53 -6.14
CA ARG F 198 35.18 30.69 -7.26
C ARG F 198 33.99 30.12 -8.02
N ARG F 199 33.00 29.58 -7.29
CA ARG F 199 31.77 29.10 -7.92
C ARG F 199 31.08 30.22 -8.70
N ALA F 200 31.08 31.44 -8.15
CA ALA F 200 30.38 32.55 -8.79
C ALA F 200 30.95 32.86 -10.17
N GLN F 201 32.24 32.60 -10.39
CA GLN F 201 32.82 32.85 -11.70
C GLN F 201 32.24 31.94 -12.78
N ASP F 202 31.74 30.75 -12.40
CA ASP F 202 31.16 29.83 -13.37
C ASP F 202 29.72 30.18 -13.72
N THR F 203 29.00 30.90 -12.86
CA THR F 203 27.57 31.11 -13.03
C THR F 203 27.19 32.54 -13.36
N GLY F 204 28.15 33.45 -13.47
CA GLY F 204 27.83 34.85 -13.63
C GLY F 204 27.40 35.55 -12.36
N ALA F 205 27.48 34.89 -11.22
CA ALA F 205 27.08 35.47 -9.94
C ALA F 205 28.20 36.34 -9.37
N SER F 206 28.05 36.76 -8.13
CA SER F 206 29.05 37.57 -7.45
C SER F 206 28.87 37.44 -5.95
N VAL F 207 29.92 37.83 -5.22
CA VAL F 207 29.95 37.81 -3.77
C VAL F 207 30.30 39.20 -3.25
N THR F 208 29.51 39.71 -2.32
CA THR F 208 29.74 41.00 -1.67
C THR F 208 29.58 40.83 -0.17
N VAL F 209 30.50 41.41 0.60
CA VAL F 209 30.39 41.47 2.06
C VAL F 209 30.56 42.92 2.49
N THR F 210 29.60 43.43 3.23
CA THR F 210 29.57 44.84 3.59
C THR F 210 29.00 45.02 4.99
N ALA F 211 29.40 46.11 5.63
CA ALA F 211 28.78 46.52 6.89
C ALA F 211 27.66 47.53 6.67
N ASP F 212 27.37 47.86 5.42
CA ASP F 212 26.39 48.90 5.07
C ASP F 212 25.07 48.23 4.71
N ALA F 213 24.17 48.17 5.70
CA ALA F 213 22.89 47.48 5.51
C ALA F 213 22.01 48.23 4.52
N HIS F 214 22.09 49.56 4.50
CA HIS F 214 21.34 50.35 3.53
C HIS F 214 21.73 49.99 2.11
N ALA F 215 23.04 49.96 1.83
CA ALA F 215 23.51 49.59 0.50
C ALA F 215 23.13 48.15 0.16
N ALA F 216 23.16 47.27 1.16
CA ALA F 216 22.80 45.88 0.91
C ALA F 216 21.32 45.74 0.55
N ALA F 217 20.46 46.55 1.17
CA ALA F 217 19.03 46.43 0.87
C ALA F 217 18.65 47.13 -0.43
N ALA F 218 19.38 48.19 -0.78
CA ALA F 218 19.07 48.95 -1.99
C ALA F 218 19.10 48.04 -3.21
N GLY F 219 17.97 47.94 -3.90
CA GLY F 219 17.90 47.15 -5.11
C GLY F 219 17.85 45.65 -4.90
N ALA F 220 17.75 45.17 -3.66
CA ALA F 220 17.73 43.73 -3.43
C ALA F 220 16.41 43.13 -3.90
N ASP F 221 16.49 41.93 -4.47
CA ASP F 221 15.30 41.19 -4.85
C ASP F 221 14.86 40.22 -3.77
N VAL F 222 15.79 39.78 -2.92
CA VAL F 222 15.53 38.83 -1.85
C VAL F 222 16.26 39.33 -0.63
N LEU F 223 15.56 39.49 0.49
CA LEU F 223 16.17 39.92 1.75
C LEU F 223 15.98 38.83 2.78
N VAL F 224 17.08 38.39 3.38
CA VAL F 224 17.08 37.23 4.27
C VAL F 224 17.70 37.62 5.60
N THR F 225 17.18 37.08 6.69
CA THR F 225 17.88 37.19 7.96
C THR F 225 17.64 35.92 8.77
N ASP F 226 18.13 35.92 10.01
CA ASP F 226 18.23 34.73 10.83
C ASP F 226 18.48 35.24 12.24
N THR F 227 18.22 34.40 13.24
CA THR F 227 18.48 34.82 14.61
C THR F 227 19.95 35.18 14.78
N TRP F 228 20.20 36.11 15.69
CA TRP F 228 21.52 36.71 15.85
C TRP F 228 22.43 35.86 16.71
N THR F 229 21.86 35.09 17.64
CA THR F 229 22.65 34.29 18.58
C THR F 229 22.44 32.81 18.33
N ASP F 239 27.11 42.62 25.10
CA ASP F 239 25.82 42.77 24.44
C ASP F 239 25.49 41.55 23.59
N ARG F 240 26.31 41.32 22.55
CA ARG F 240 26.16 40.23 21.60
C ARG F 240 24.95 40.43 20.69
N VAL F 241 24.10 41.40 21.01
CA VAL F 241 23.06 41.84 20.09
C VAL F 241 23.25 43.27 19.62
N LYS F 242 24.04 44.08 20.32
CA LYS F 242 24.27 45.46 19.89
C LYS F 242 24.86 45.56 18.49
N PRO F 243 25.89 44.79 18.09
CA PRO F 243 26.45 44.99 16.75
C PRO F 243 25.48 44.68 15.62
N PHE F 244 24.40 43.94 15.90
CA PHE F 244 23.46 43.49 14.86
C PHE F 244 22.26 44.40 14.71
N ARG F 245 21.99 45.26 15.68
CA ARG F 245 20.80 46.13 15.61
C ARG F 245 20.70 46.93 14.32
N PRO F 246 21.76 47.53 13.78
CA PRO F 246 21.62 48.25 12.49
C PRO F 246 21.27 47.35 11.33
N PHE F 247 21.35 46.03 11.50
CA PHE F 247 21.03 45.07 10.45
C PHE F 247 19.65 44.45 10.63
N GLN F 248 18.85 44.98 11.55
CA GLN F 248 17.48 44.49 11.69
C GLN F 248 16.72 44.66 10.38
N LEU F 249 16.03 43.60 9.96
CA LEU F 249 15.16 43.64 8.80
C LEU F 249 13.85 44.29 9.22
N ASN F 250 13.79 45.61 9.13
CA ASN F 250 12.59 46.36 9.47
C ASN F 250 12.00 46.98 8.20
N SER F 251 10.93 47.74 8.39
CA SER F 251 10.25 48.32 7.24
C SER F 251 11.06 49.42 6.57
N ARG F 252 11.98 50.06 7.26
CA ARG F 252 12.73 51.16 6.59
C ARG F 252 13.66 50.53 5.56
N LEU F 253 14.14 49.34 5.87
CA LEU F 253 15.14 48.72 5.03
C LEU F 253 14.47 48.10 3.81
N LEU F 254 13.31 47.49 4.01
CA LEU F 254 12.57 46.85 2.92
C LEU F 254 12.11 47.87 1.88
N ALA F 255 11.88 49.11 2.27
CA ALA F 255 11.46 50.15 1.33
C ALA F 255 12.53 50.46 0.31
N LEU F 256 13.79 50.10 0.58
CA LEU F 256 14.89 50.30 -0.34
C LEU F 256 14.99 49.22 -1.40
N ALA F 257 14.32 48.08 -1.23
CA ALA F 257 14.53 46.95 -2.12
C ALA F 257 13.84 47.19 -3.46
N ASP F 258 14.17 46.33 -4.43
CA ASP F 258 13.44 46.30 -5.68
C ASP F 258 11.96 46.01 -5.42
N SER F 259 11.11 46.47 -6.35
CA SER F 259 9.70 46.13 -6.29
C SER F 259 9.51 44.63 -6.21
N ASP F 260 8.47 44.22 -5.49
CA ASP F 260 8.09 42.81 -5.36
C ASP F 260 9.20 41.95 -4.74
N ALA F 261 9.99 42.56 -3.86
CA ALA F 261 11.03 41.79 -3.17
C ALA F 261 10.41 40.79 -2.21
N ILE F 262 11.17 39.74 -1.93
CA ILE F 262 10.77 38.62 -1.08
C ILE F 262 11.62 38.64 0.18
N VAL F 263 11.00 38.34 1.32
CA VAL F 263 11.70 38.26 2.59
C VAL F 263 11.70 36.81 3.06
N LEU F 264 12.87 36.30 3.40
CA LEU F 264 13.06 34.95 3.88
C LEU F 264 13.67 34.98 5.28
N HIS F 265 13.39 33.93 6.04
CA HIS F 265 13.91 33.82 7.40
C HIS F 265 13.83 32.34 7.74
N CYS F 266 14.96 31.69 7.91
CA CYS F 266 14.92 30.35 8.43
C CYS F 266 14.46 30.47 9.87
N LEU F 267 13.52 29.66 10.25
CA LEU F 267 12.91 29.86 11.55
C LEU F 267 13.81 29.23 12.60
N PRO F 268 13.58 29.53 13.89
CA PRO F 268 12.59 30.41 14.49
C PRO F 268 12.97 31.87 14.38
N ALA F 269 11.99 32.75 14.45
CA ALA F 269 12.22 34.19 14.44
C ALA F 269 12.00 34.74 15.84
N HIS F 270 12.87 35.67 16.24
CA HIS F 270 12.72 36.43 17.48
C HIS F 270 12.20 37.80 17.06
N ARG F 271 10.87 37.95 17.05
CA ARG F 271 10.26 39.17 16.55
C ARG F 271 10.66 40.35 17.42
N GLY F 272 10.96 41.47 16.77
CA GLY F 272 11.48 42.64 17.44
C GLY F 272 13.00 42.72 17.45
N ASP F 273 13.68 41.62 17.17
CA ASP F 273 15.14 41.64 17.07
C ASP F 273 15.57 41.70 15.61
N GLU F 274 15.90 40.54 15.03
CA GLU F 274 16.44 40.53 13.67
C GLU F 274 15.40 40.86 12.62
N ILE F 275 14.11 40.82 12.96
CA ILE F 275 13.03 41.10 12.02
C ILE F 275 11.86 41.66 12.81
N THR F 276 11.08 42.52 12.16
CA THR F 276 9.91 43.13 12.79
C THR F 276 8.64 42.40 12.40
N ASP F 277 7.62 42.53 13.27
CA ASP F 277 6.30 41.97 12.97
C ASP F 277 5.79 42.46 11.62
N ALA F 278 5.96 43.75 11.35
CA ALA F 278 5.45 44.33 10.09
C ALA F 278 6.08 43.66 8.87
N VAL F 279 7.38 43.39 8.93
CA VAL F 279 8.04 42.73 7.80
C VAL F 279 7.66 41.25 7.75
N MET F 280 7.69 40.57 8.88
CA MET F 280 7.48 39.13 8.85
C MET F 280 6.04 38.77 8.49
N ASP F 281 5.07 39.58 8.89
CA ASP F 281 3.69 39.27 8.61
C ASP F 281 3.18 40.03 7.39
N GLY F 282 4.08 40.74 6.70
CA GLY F 282 3.70 41.61 5.60
C GLY F 282 3.70 40.93 4.24
N PRO F 283 3.35 41.70 3.21
CA PRO F 283 3.15 41.10 1.87
C PRO F 283 4.44 40.57 1.23
N ALA F 284 5.61 41.06 1.63
CA ALA F 284 6.87 40.58 1.07
C ALA F 284 7.30 39.27 1.68
N SER F 285 6.76 38.92 2.84
CA SER F 285 7.22 37.75 3.58
C SER F 285 6.81 36.47 2.88
N ALA F 286 7.79 35.56 2.70
CA ALA F 286 7.55 34.22 2.19
C ALA F 286 7.96 33.17 3.21
N VAL F 287 7.98 33.52 4.49
CA VAL F 287 8.58 32.64 5.48
C VAL F 287 7.79 31.34 5.65
N TRP F 288 6.46 31.38 5.52
CA TRP F 288 5.69 30.16 5.74
C TRP F 288 5.81 29.22 4.54
N ASP F 289 5.77 29.76 3.31
CA ASP F 289 6.05 28.96 2.12
C ASP F 289 7.46 28.38 2.17
N GLU F 290 8.43 29.20 2.59
CA GLU F 290 9.79 28.74 2.80
C GLU F 290 9.85 27.54 3.74
N ALA F 291 9.17 27.62 4.88
CA ALA F 291 9.17 26.51 5.82
C ALA F 291 8.60 25.26 5.18
N GLU F 292 7.45 25.40 4.50
CA GLU F 292 6.82 24.28 3.84
C GLU F 292 7.78 23.64 2.85
N ASN F 293 8.56 24.47 2.14
CA ASN F 293 9.37 23.95 1.07
C ASN F 293 10.57 23.15 1.58
N ARG F 294 10.86 23.17 2.89
CA ARG F 294 11.84 22.22 3.40
C ARG F 294 11.42 20.80 3.06
N LEU F 295 10.13 20.50 3.22
CA LEU F 295 9.61 19.18 2.89
C LEU F 295 9.88 18.82 1.43
N HIS F 296 9.45 19.69 0.49
CA HIS F 296 9.54 19.35 -0.92
C HIS F 296 10.98 19.31 -1.39
N ALA F 297 11.79 20.28 -0.97
CA ALA F 297 13.16 20.35 -1.47
C ALA F 297 14.01 19.19 -0.94
N GLN F 298 13.79 18.80 0.32
CA GLN F 298 14.53 17.67 0.87
C GLN F 298 14.10 16.35 0.24
N LYS F 299 12.81 16.22 -0.09
CA LYS F 299 12.36 15.02 -0.79
C LYS F 299 13.03 14.95 -2.16
N ALA F 300 13.08 16.08 -2.87
CA ALA F 300 13.74 16.11 -4.17
C ALA F 300 15.20 15.72 -4.04
N LEU F 301 15.88 16.29 -3.05
CA LEU F 301 17.30 15.98 -2.83
C LEU F 301 17.48 14.48 -2.60
N LEU F 302 16.62 13.87 -1.77
CA LEU F 302 16.74 12.44 -1.50
C LEU F 302 16.51 11.61 -2.76
N VAL F 303 15.45 11.94 -3.53
CA VAL F 303 15.21 11.21 -4.77
C VAL F 303 16.44 11.28 -5.66
N TRP F 304 17.00 12.48 -5.78
CA TRP F 304 18.12 12.70 -6.70
C TRP F 304 19.37 11.96 -6.24
N LEU F 305 19.68 12.01 -4.94
CA LEU F 305 20.86 11.30 -4.43
C LEU F 305 20.69 9.79 -4.55
N LEU F 306 19.49 9.28 -4.25
CA LEU F 306 19.28 7.84 -4.31
C LEU F 306 19.47 7.31 -5.71
N GLU F 307 19.00 8.03 -6.73
CA GLU F 307 19.11 7.48 -8.06
C GLU F 307 20.53 7.58 -8.62
N ARG F 308 21.42 8.31 -7.96
CA ARG F 308 22.81 8.43 -8.39
C ARG F 308 23.76 7.64 -7.51
N SER F 309 23.23 6.87 -6.56
CA SER F 309 24.07 6.21 -5.58
C SER F 309 23.78 4.71 -5.56
P PO4 G . 19.56 -18.76 -43.13
O1 PO4 G . 19.54 -17.47 -42.35
O2 PO4 G . 20.93 -19.37 -42.91
O3 PO4 G . 19.41 -18.46 -44.60
O4 PO4 G . 18.50 -19.76 -42.76
P PO4 H . -17.40 -22.78 -15.27
O1 PO4 H . -17.26 -21.74 -14.17
O2 PO4 H . -16.23 -23.75 -15.20
O3 PO4 H . -17.39 -22.09 -16.61
O4 PO4 H . -18.71 -23.53 -15.10
P PO4 I . -33.15 22.90 -31.29
O1 PO4 I . -33.01 22.42 -29.86
O2 PO4 I . -34.56 22.64 -31.77
O3 PO4 I . -32.77 24.36 -31.28
O4 PO4 I . -32.15 22.18 -32.17
P PO4 J . -5.68 -4.40 -10.16
O1 PO4 J . -6.24 -4.95 -8.86
O2 PO4 J . -4.22 -4.78 -10.28
O3 PO4 J . -5.76 -2.89 -10.11
O4 PO4 J . -6.45 -4.94 -11.34
P PO4 K . -11.12 -3.91 49.31
O1 PO4 K . -11.30 -2.93 50.44
O2 PO4 K . -9.66 -4.21 49.14
O3 PO4 K . -11.65 -3.33 48.02
O4 PO4 K . -11.86 -5.19 49.62
P PO4 L . -3.16 8.93 30.27
O1 PO4 L . -3.89 9.41 31.51
O2 PO4 L . -3.68 9.69 29.08
O3 PO4 L . -3.44 7.44 30.13
O4 PO4 L . -1.66 9.15 30.44
P PO4 M . 5.22 4.30 9.27
O1 PO4 M . 5.93 4.90 10.46
O2 PO4 M . 6.22 3.62 8.35
O3 PO4 M . 4.51 5.41 8.54
O4 PO4 M . 4.17 3.31 9.73
P PO4 N . 23.47 -4.69 20.47
O1 PO4 N . 23.20 -3.34 21.11
O2 PO4 N . 24.51 -5.41 21.34
O3 PO4 N . 24.07 -4.53 19.10
O4 PO4 N . 22.24 -5.53 20.40
P PO4 O . 47.13 -8.13 16.02
O1 PO4 O . 47.83 -8.63 17.27
O2 PO4 O . 45.83 -8.86 15.82
O3 PO4 O . 48.00 -8.36 14.80
O4 PO4 O . 46.90 -6.64 16.19
P PO4 P . 8.90 48.54 11.33
O1 PO4 P . 8.36 47.97 12.63
O2 PO4 P . 9.39 47.42 10.46
O3 PO4 P . 10.03 49.51 11.63
O4 PO4 P . 7.79 49.28 10.61
#